data_7KLU
#
_entry.id   7KLU
#
_cell.length_a   1.00
_cell.length_b   1.00
_cell.length_c   1.00
_cell.angle_alpha   90.00
_cell.angle_beta   90.00
_cell.angle_gamma   90.00
#
_symmetry.space_group_name_H-M   'P 1'
#
loop_
_entity.id
_entity.type
_entity.pdbx_description
1 polymer 'Heat shock protein 75 kDa, mitochondrial, SpyCatcher'
2 polymer 'Heat shock protein 75 kDa, mitochondrial, SpyTag, Succinate dehydrogenase [ubiquinone] iron-sulfur subunit, mitochondrial (chimera)'
3 non-polymer 'PHOSPHOAMINOPHOSPHONIC ACID-ADENYLATE ESTER'
4 non-polymer 'MAGNESIUM ION'
5 non-polymer 'POTASSIUM ION'
#
loop_
_entity_poly.entity_id
_entity_poly.type
_entity_poly.pdbx_seq_one_letter_code
_entity_poly.pdbx_strand_id
1 'polypeptide(L)'
;GIDPFTSTQTAEDKEEPLHSIISSTESVQGSTSKHEFQAETKKLLDIVARSLYSEKEVFIRELISNASDALEKLRHKLVS
DGQALPEMEIHLQTNAEKGTITIQDTGIGMTQEELVSNLGTIARSGSKAFLDALQNQAEASSKIIGQFGVGFYSAFMVAD
RVEVYSRSAAPGSLGYQWLSDGSGVFEIAEASGVRTGTKIIIHLKSDCKEFSSEARVRDVVTKYSNFVSFPLYLNGRRMN
TLQAIWMMDPKDVGEWQHEEFYRYVAQAHDKPRYTLHYKTDAPLNIRSIFYVPDMKPSMFDVSRELGSSVALYSRKVLIQ
TKATDILPKWLRFIRGVVDSEDIPLNLSRELLQESALIRKLRDVLQQRLIKFFIDQSKKDAEKYAKFFEDYGLFMREGIV
TATEQEVKEDIAKLLRYESSALPSGQLTSLSEYASRMRAGTRNIYYLCAPNRHLAEHSPYYEAMKKKDTEVLFCFEQFDE
LTLLHLREFDKKKLISVETDIVVDHYKEEKFEDRSPAAECLSEKETEELMAWMRNVLGSRVTNVKVTLRLDTHPAMVTVL
EMGAARHFLRMQQLAKTQEERAQLLQPTLEINPRHALIKKLNQLRASEPGLAQLLVDQIYENAMIAAGLVDDPRAMVGRL
NELLVKALERHGGSGSGSSAMVDTLSGLSSEQGQSGDMTIEEDSATHIKFSKRDEDGKELAGATMELRDSSGKTISTWIS
DGQVKDFYLYPGKYTFVETAAPDGYEVATAITFTVNEQGQVTVNGKATKGDAHI
;
A,D
2 'polypeptide(L)'
;GIDPFTSTQTAEDKEEPLHSIISSTESVQGSTSKHEFQAETKKLLDIVARSLYSEKEVFIRELISNASDALEKLRHKLVS
DGQALPEMEIHLQTNAEKGTITIQDTGIGMTQEELVSNLGTIARSGSKAFLDALQNQAEASSKIIGQFGVGFYSAFMVAD
RVEVYSRSAAPGSLGYQWLSDGSGVFEIAEASGVRTGTKIIIHLKSDCKEFSSEARVRDVVTKYSNFVSFPLYLNGRRMN
TLQAIWMMDPKDVGEWQHEEFYRYVAQAHDKPRYTLHYKTDAPLNIRSIFYVPDMKPSMFDVSRELGSSVALYSRKVLIQ
TKATDILPKWLRFIRGVVDSEDIPLNLSRELLQESALIRKLRDVLQQRLIKFFIDQSKKDAEKYAKFFEDYGLFMREGIV
TATEQEVKEDIAKLLRYESSALPSGQLTSLSEYASRMRAGTRNIYYLCAPNRHLAEHSPYYEAMKKKDTEVLFCFEQFDE
LTLLHLREFDKKKLISVETDIVVDHYKEEKFEDRSPAAECLSEKETEELMAWMRNVLGSRVTNVKVTLRLDTHPAMVTVL
EMGAARHFLRMQQLAKTQEERAQLLQPTLEINPRHALIKKLNQLRASEPGLAQLLVDQIYENAMIAAGLVDDPRAMVGRL
NELLVKALERHGGSGSGSSAHIVMVDAYKPTKGGGGSGGGGSGGGGSLEVLFQGPGSAQTAAATAPRIKKFAIYRWDPDK
AGDKPHMQTYEVDLNKCGPMVLDALIKIKNEVDSTLTFRRSCREGICGSCAMNINGGNTLACTRRIDTNLNKVSKIYPLP
HMYVIKDLVPDLSNFYAQYKSIEPYLKKK
;
B,C
#
loop_
_chem_comp.id
_chem_comp.type
_chem_comp.name
_chem_comp.formula
ANP non-polymer 'PHOSPHOAMINOPHOSPHONIC ACID-ADENYLATE ESTER' 'C10 H17 N6 O12 P3'
K non-polymer 'POTASSIUM ION' 'K 1'
MG non-polymer 'MAGNESIUM ION' 'Mg 2'
#
# COMPACT_ATOMS: atom_id res chain seq x y z
N PRO A 17 52.96 -10.44 -51.73
CA PRO A 17 52.87 -11.79 -52.31
C PRO A 17 51.71 -12.59 -51.75
N LEU A 18 51.14 -13.47 -52.57
CA LEU A 18 50.02 -14.32 -52.17
C LEU A 18 50.59 -15.67 -51.75
N HIS A 19 50.79 -15.84 -50.44
CA HIS A 19 51.35 -17.06 -49.88
C HIS A 19 50.23 -18.10 -49.76
N SER A 20 49.94 -18.76 -50.89
CA SER A 20 48.89 -19.75 -50.97
C SER A 20 49.48 -21.10 -51.37
N ILE A 21 49.05 -22.16 -50.68
CA ILE A 21 49.52 -23.50 -50.95
C ILE A 21 48.38 -24.47 -51.29
N ILE A 22 47.15 -23.98 -51.37
CA ILE A 22 46.00 -24.86 -51.61
C ILE A 22 46.08 -25.41 -53.02
N SER A 23 45.89 -26.73 -53.16
CA SER A 23 45.87 -27.39 -54.45
C SER A 23 44.77 -28.44 -54.43
N SER A 24 44.73 -29.28 -55.46
CA SER A 24 43.74 -30.35 -55.56
C SER A 24 44.41 -31.63 -56.02
N THR A 25 45.58 -31.94 -55.45
CA THR A 25 46.36 -33.10 -55.84
C THR A 25 46.10 -34.31 -54.96
N GLU A 26 45.16 -34.23 -54.03
CA GLU A 26 44.84 -35.38 -53.19
C GLU A 26 44.21 -36.49 -54.02
N SER A 27 44.72 -37.70 -53.86
CA SER A 27 44.29 -38.85 -54.64
C SER A 27 43.81 -39.96 -53.71
N VAL A 28 42.65 -40.54 -54.02
CA VAL A 28 42.08 -41.64 -53.27
C VAL A 28 42.00 -42.85 -54.21
N GLN A 29 42.61 -43.96 -53.80
CA GLN A 29 42.69 -45.15 -54.63
C GLN A 29 42.31 -46.44 -53.94
N GLY A 30 42.38 -46.51 -52.61
CA GLY A 30 42.10 -47.73 -51.90
C GLY A 30 40.61 -47.95 -51.66
N SER A 31 40.31 -49.03 -50.94
CA SER A 31 38.94 -49.37 -50.59
C SER A 31 38.59 -48.76 -49.24
N THR A 32 37.51 -47.98 -49.21
CA THR A 32 37.13 -47.27 -48.00
C THR A 32 36.50 -48.22 -46.98
N SER A 33 37.00 -48.17 -45.75
CA SER A 33 36.44 -48.97 -44.67
C SER A 33 35.21 -48.29 -44.09
N LYS A 34 34.45 -49.04 -43.31
CA LYS A 34 33.23 -48.53 -42.68
C LYS A 34 33.29 -48.77 -41.18
N HIS A 35 33.06 -47.70 -40.41
CA HIS A 35 33.05 -47.77 -38.96
C HIS A 35 31.85 -46.98 -38.45
N GLU A 36 31.66 -47.01 -37.13
CA GLU A 36 30.57 -46.29 -36.48
C GLU A 36 31.13 -45.41 -35.37
N PHE A 37 30.54 -44.24 -35.19
CA PHE A 37 31.00 -43.30 -34.17
C PHE A 37 30.88 -43.92 -32.79
N GLN A 38 31.93 -43.77 -31.99
CA GLN A 38 31.96 -44.29 -30.64
C GLN A 38 31.58 -43.21 -29.64
N ALA A 39 31.72 -43.50 -28.35
CA ALA A 39 31.40 -42.54 -27.31
C ALA A 39 32.13 -42.94 -26.03
N GLU A 40 32.72 -41.96 -25.36
CA GLU A 40 33.43 -42.19 -24.10
C GLU A 40 32.55 -41.69 -22.95
N THR A 41 32.33 -42.56 -21.96
CA THR A 41 31.35 -42.28 -20.90
C THR A 41 31.92 -41.44 -19.77
N LYS A 42 33.16 -41.71 -19.35
CA LYS A 42 33.73 -41.02 -18.20
C LYS A 42 33.85 -39.52 -18.45
N LYS A 43 34.37 -39.15 -19.62
CA LYS A 43 34.52 -37.73 -19.93
C LYS A 43 33.16 -37.04 -20.04
N LEU A 44 32.17 -37.71 -20.64
CA LEU A 44 30.84 -37.12 -20.73
C LEU A 44 30.24 -36.91 -19.35
N LEU A 45 30.38 -37.90 -18.46
CA LEU A 45 29.85 -37.75 -17.11
C LEU A 45 30.54 -36.61 -16.38
N ASP A 46 31.87 -36.50 -16.53
CA ASP A 46 32.60 -35.41 -15.89
C ASP A 46 32.14 -34.05 -16.43
N ILE A 47 31.94 -33.97 -17.75
CA ILE A 47 31.50 -32.71 -18.36
C ILE A 47 30.12 -32.32 -17.84
N VAL A 48 29.21 -33.29 -17.75
CA VAL A 48 27.87 -32.99 -17.24
C VAL A 48 27.93 -32.57 -15.78
N ALA A 49 28.77 -33.24 -14.99
CA ALA A 49 28.79 -32.98 -13.56
C ALA A 49 29.52 -31.69 -13.21
N ARG A 50 30.49 -31.25 -14.02
CA ARG A 50 31.35 -30.14 -13.64
C ARG A 50 31.12 -28.88 -14.47
N SER A 51 31.18 -28.97 -15.79
CA SER A 51 31.20 -27.80 -16.66
C SER A 51 29.97 -27.73 -17.54
N LEU A 52 28.80 -28.01 -16.98
CA LEU A 52 27.55 -27.89 -17.72
C LEU A 52 26.59 -26.89 -17.10
N TYR A 53 26.37 -26.96 -15.78
CA TYR A 53 25.42 -26.11 -15.10
C TYR A 53 26.15 -25.08 -14.24
N SER A 54 25.74 -23.82 -14.35
CA SER A 54 26.36 -22.76 -13.56
C SER A 54 26.03 -22.92 -12.08
N GLU A 55 24.76 -23.11 -11.76
CA GLU A 55 24.32 -23.26 -10.38
C GLU A 55 24.27 -24.74 -10.00
N LYS A 56 24.37 -24.98 -8.68
CA LYS A 56 24.34 -26.33 -8.14
C LYS A 56 22.96 -26.76 -7.65
N GLU A 57 21.95 -25.92 -7.84
CA GLU A 57 20.61 -26.16 -7.28
C GLU A 57 19.59 -26.58 -8.33
N VAL A 58 20.05 -27.11 -9.46
CA VAL A 58 19.14 -27.49 -10.54
C VAL A 58 18.80 -28.98 -10.55
N PHE A 59 19.50 -29.79 -9.75
CA PHE A 59 19.24 -31.23 -9.76
C PHE A 59 17.87 -31.55 -9.18
N ILE A 60 17.45 -30.81 -8.15
CA ILE A 60 16.11 -31.02 -7.61
C ILE A 60 15.05 -30.61 -8.62
N ARG A 61 15.32 -29.56 -9.40
CA ARG A 61 14.40 -29.16 -10.45
C ARG A 61 14.27 -30.25 -11.51
N GLU A 62 15.41 -30.85 -11.90
CA GLU A 62 15.37 -31.94 -12.86
C GLU A 62 14.61 -33.13 -12.32
N LEU A 63 14.82 -33.48 -11.05
CA LEU A 63 14.12 -34.61 -10.45
C LEU A 63 12.62 -34.34 -10.37
N ILE A 64 12.22 -33.11 -10.02
CA ILE A 64 10.81 -32.77 -9.96
C ILE A 64 10.18 -32.85 -11.34
N SER A 65 10.90 -32.38 -12.37
CA SER A 65 10.39 -32.49 -13.73
C SER A 65 10.23 -33.95 -14.15
N ASN A 66 11.19 -34.80 -13.77
CA ASN A 66 11.08 -36.22 -14.08
C ASN A 66 9.86 -36.85 -13.38
N ALA A 67 9.65 -36.50 -12.12
CA ALA A 67 8.50 -37.02 -11.39
C ALA A 67 7.20 -36.57 -12.03
N SER A 68 7.13 -35.30 -12.44
CA SER A 68 5.93 -34.80 -13.10
C SER A 68 5.68 -35.53 -14.41
N ASP A 69 6.75 -35.79 -15.18
CA ASP A 69 6.59 -36.53 -16.42
C ASP A 69 6.09 -37.94 -16.17
N ALA A 70 6.63 -38.60 -15.13
CA ALA A 70 6.17 -39.96 -14.80
C ALA A 70 4.70 -39.96 -14.39
N LEU A 71 4.30 -38.99 -13.58
CA LEU A 71 2.90 -38.90 -13.17
C LEU A 71 1.99 -38.65 -14.38
N GLU A 72 2.42 -37.79 -15.30
CA GLU A 72 1.65 -37.54 -16.51
C GLU A 72 1.52 -38.81 -17.36
N LYS A 73 2.62 -39.57 -17.47
CA LYS A 73 2.56 -40.82 -18.22
C LYS A 73 1.58 -41.80 -17.59
N LEU A 74 1.61 -41.92 -16.26
CA LEU A 74 0.68 -42.83 -15.60
C LEU A 74 -0.76 -42.38 -15.78
N ARG A 75 -1.02 -41.07 -15.67
CA ARG A 75 -2.37 -40.57 -15.86
C ARG A 75 -2.85 -40.83 -17.28
N HIS A 76 -1.99 -40.61 -18.28
CA HIS A 76 -2.38 -40.88 -19.66
C HIS A 76 -2.66 -42.36 -19.89
N LYS A 77 -1.83 -43.23 -19.31
CA LYS A 77 -2.07 -44.67 -19.45
C LYS A 77 -3.39 -45.08 -18.83
N LEU A 78 -3.70 -44.55 -17.64
CA LEU A 78 -4.96 -44.89 -16.98
C LEU A 78 -6.15 -44.34 -17.76
N VAL A 79 -6.02 -43.15 -18.32
CA VAL A 79 -7.10 -42.58 -19.14
C VAL A 79 -7.32 -43.45 -20.38
N SER A 80 -6.23 -43.89 -21.02
CA SER A 80 -6.37 -44.77 -22.17
C SER A 80 -7.03 -46.08 -21.80
N ASP A 81 -6.67 -46.65 -20.65
CA ASP A 81 -7.32 -47.87 -20.18
C ASP A 81 -8.68 -47.59 -19.54
N GLY A 82 -8.96 -46.34 -19.19
CA GLY A 82 -10.23 -46.00 -18.58
C GLY A 82 -10.47 -46.65 -17.23
N GLN A 83 -9.45 -46.68 -16.38
CA GLN A 83 -9.53 -47.30 -15.06
C GLN A 83 -9.78 -46.25 -14.00
N ALA A 84 -9.81 -46.69 -12.75
CA ALA A 84 -10.01 -45.78 -11.62
C ALA A 84 -8.71 -45.08 -11.29
N LEU A 85 -8.77 -43.74 -11.23
CA LEU A 85 -7.57 -42.95 -10.97
C LEU A 85 -7.26 -42.95 -9.48
N PRO A 86 -6.09 -43.44 -9.08
CA PRO A 86 -5.70 -43.39 -7.66
C PRO A 86 -5.10 -42.03 -7.33
N GLU A 87 -4.63 -41.90 -6.09
CA GLU A 87 -3.97 -40.68 -5.66
C GLU A 87 -2.56 -40.62 -6.22
N MET A 88 -2.20 -39.47 -6.80
CA MET A 88 -0.88 -39.24 -7.36
C MET A 88 -0.33 -37.94 -6.81
N GLU A 89 0.88 -37.99 -6.27
CA GLU A 89 1.48 -36.83 -5.62
C GLU A 89 2.98 -37.09 -5.46
N ILE A 90 3.71 -35.99 -5.25
CA ILE A 90 5.17 -36.02 -5.13
C ILE A 90 5.54 -35.63 -3.71
N HIS A 91 6.41 -36.42 -3.09
CA HIS A 91 6.84 -36.20 -1.72
C HIS A 91 8.34 -35.91 -1.69
N LEU A 92 8.72 -34.85 -0.98
CA LEU A 92 10.12 -34.50 -0.76
C LEU A 92 10.45 -34.69 0.71
N GLN A 93 11.48 -35.48 0.99
CA GLN A 93 11.92 -35.75 2.35
C GLN A 93 13.30 -35.14 2.57
N THR A 94 13.43 -34.35 3.64
CA THR A 94 14.68 -33.70 3.98
C THR A 94 15.10 -34.17 5.37
N ASN A 95 16.11 -35.04 5.42
CA ASN A 95 16.63 -35.59 6.67
C ASN A 95 18.01 -35.00 6.92
N ALA A 96 18.11 -34.15 7.94
CA ALA A 96 19.36 -33.44 8.22
C ALA A 96 20.33 -34.25 9.08
N GLU A 97 19.91 -35.39 9.61
CA GLU A 97 20.79 -36.17 10.47
C GLU A 97 21.87 -36.88 9.65
N LYS A 98 21.47 -37.73 8.72
CA LYS A 98 22.43 -38.42 7.85
C LYS A 98 22.91 -37.56 6.70
N GLY A 99 22.35 -36.37 6.53
CA GLY A 99 22.74 -35.50 5.43
C GLY A 99 22.32 -36.05 4.09
N THR A 100 21.01 -36.29 3.93
CA THR A 100 20.48 -36.86 2.70
C THR A 100 19.19 -36.16 2.32
N ILE A 101 18.87 -36.23 1.03
CA ILE A 101 17.62 -35.70 0.50
C ILE A 101 16.94 -36.81 -0.28
N THR A 102 15.62 -36.90 -0.15
CA THR A 102 14.85 -37.99 -0.75
C THR A 102 13.63 -37.42 -1.45
N ILE A 103 13.39 -37.88 -2.67
CA ILE A 103 12.19 -37.52 -3.43
C ILE A 103 11.52 -38.81 -3.89
N GLN A 104 10.19 -38.86 -3.75
CA GLN A 104 9.41 -40.02 -4.15
C GLN A 104 8.14 -39.56 -4.84
N ASP A 105 7.81 -40.22 -5.94
CA ASP A 105 6.60 -39.95 -6.70
C ASP A 105 5.76 -41.23 -6.79
N THR A 106 4.68 -41.15 -7.56
CA THR A 106 3.76 -42.27 -7.77
C THR A 106 3.46 -42.41 -9.26
N GLY A 107 4.53 -42.43 -10.07
CA GLY A 107 4.41 -42.49 -11.52
C GLY A 107 4.28 -43.91 -12.03
N ILE A 108 4.57 -44.06 -13.33
CA ILE A 108 4.45 -45.35 -13.97
C ILE A 108 5.47 -46.35 -13.39
N GLY A 109 6.69 -45.89 -13.16
CA GLY A 109 7.75 -46.76 -12.71
C GLY A 109 8.46 -47.46 -13.86
N MET A 110 9.61 -48.03 -13.55
CA MET A 110 10.46 -48.67 -14.54
C MET A 110 10.86 -50.06 -14.08
N THR A 111 10.88 -51.01 -15.03
CA THR A 111 11.32 -52.37 -14.78
C THR A 111 12.83 -52.44 -14.96
N GLN A 112 13.40 -53.65 -14.86
CA GLN A 112 14.84 -53.81 -15.01
C GLN A 112 15.31 -53.37 -16.41
N GLU A 113 14.57 -53.77 -17.44
CA GLU A 113 14.95 -53.39 -18.80
C GLU A 113 14.88 -51.87 -18.98
N GLU A 114 13.81 -51.25 -18.46
CA GLU A 114 13.69 -49.80 -18.58
C GLU A 114 14.78 -49.08 -17.79
N LEU A 115 15.10 -49.57 -16.58
CA LEU A 115 16.18 -48.97 -15.81
C LEU A 115 17.50 -49.07 -16.56
N VAL A 116 17.80 -50.23 -17.14
CA VAL A 116 19.05 -50.40 -17.87
C VAL A 116 19.08 -49.49 -19.09
N SER A 117 17.98 -49.41 -19.82
CA SER A 117 17.96 -48.66 -21.07
C SER A 117 17.85 -47.15 -20.86
N ASN A 118 17.44 -46.68 -19.69
CA ASN A 118 17.28 -45.26 -19.44
C ASN A 118 18.34 -44.71 -18.49
N LEU A 119 18.45 -45.27 -17.29
CA LEU A 119 19.38 -44.74 -16.29
C LEU A 119 20.83 -45.08 -16.62
N GLY A 120 21.07 -46.08 -17.46
CA GLY A 120 22.40 -46.51 -17.81
C GLY A 120 22.94 -46.01 -19.14
N THR A 121 22.13 -45.32 -19.93
CA THR A 121 22.54 -44.81 -21.23
C THR A 121 22.47 -43.29 -21.21
N ILE A 122 23.56 -42.65 -21.64
CA ILE A 122 23.60 -41.19 -21.72
C ILE A 122 22.88 -40.74 -22.98
N ALA A 123 22.20 -39.59 -22.88
CA ALA A 123 21.47 -39.00 -23.99
C ALA A 123 20.38 -39.93 -24.53
N ARG A 124 19.77 -40.72 -23.65
CA ARG A 124 18.65 -41.58 -24.01
C ARG A 124 17.49 -41.28 -23.08
N SER A 125 16.33 -40.99 -23.67
CA SER A 125 15.13 -40.67 -22.91
C SER A 125 13.96 -41.44 -23.48
N GLY A 126 13.16 -42.06 -22.59
CA GLY A 126 11.97 -42.76 -23.01
C GLY A 126 10.78 -41.87 -23.28
N SER A 127 10.83 -40.60 -22.85
CA SER A 127 9.73 -39.69 -23.10
C SER A 127 9.55 -39.42 -24.58
N LYS A 128 10.66 -39.24 -25.32
CA LYS A 128 10.56 -39.04 -26.76
C LYS A 128 9.99 -40.25 -27.45
N ALA A 129 10.41 -41.46 -27.04
CA ALA A 129 9.87 -42.67 -27.62
C ALA A 129 8.38 -42.80 -27.35
N PHE A 130 7.96 -42.46 -26.13
CA PHE A 130 6.53 -42.50 -25.79
C PHE A 130 5.76 -41.50 -26.66
N LEU A 131 6.30 -40.30 -26.83
CA LEU A 131 5.64 -39.30 -27.65
C LEU A 131 5.53 -39.73 -29.11
N ASP A 132 6.56 -40.40 -29.61
CA ASP A 132 6.52 -40.91 -30.98
C ASP A 132 5.43 -41.96 -31.18
N ALA A 133 5.01 -42.63 -30.10
CA ALA A 133 3.96 -43.64 -30.16
C ALA A 133 2.60 -43.09 -29.77
N LEU A 134 2.44 -41.76 -29.78
CA LEU A 134 1.16 -41.14 -29.43
C LEU A 134 0.27 -40.89 -30.65
N GLN A 135 0.88 -40.70 -31.82
CA GLN A 135 0.18 -40.50 -33.08
C GLN A 135 -0.68 -39.24 -33.11
N ASN A 136 -0.65 -38.45 -32.04
CA ASN A 136 -1.31 -37.14 -32.06
C ASN A 136 -0.39 -36.02 -31.60
N GLN A 137 0.45 -36.26 -30.59
CA GLN A 137 1.44 -35.29 -30.12
C GLN A 137 0.82 -33.95 -29.75
N ALA A 138 -0.43 -33.96 -29.31
CA ALA A 138 -1.09 -32.74 -28.89
C ALA A 138 -1.79 -32.91 -27.55
N GLU A 139 -2.19 -34.15 -27.24
CA GLU A 139 -2.88 -34.40 -25.99
C GLU A 139 -1.93 -34.37 -24.80
N ALA A 140 -0.73 -34.93 -24.96
CA ALA A 140 0.23 -35.00 -23.87
C ALA A 140 1.59 -34.39 -24.19
N SER A 141 1.86 -34.08 -25.46
CA SER A 141 3.16 -33.51 -25.82
C SER A 141 3.36 -32.11 -25.29
N SER A 142 2.28 -31.44 -24.86
CA SER A 142 2.37 -30.11 -24.30
C SER A 142 2.67 -30.12 -22.80
N LYS A 143 2.79 -31.30 -22.20
CA LYS A 143 3.09 -31.41 -20.78
C LYS A 143 4.36 -32.17 -20.47
N ILE A 144 4.92 -32.89 -21.44
CA ILE A 144 6.20 -33.58 -21.24
C ILE A 144 7.32 -32.57 -21.37
N ILE A 145 8.22 -32.55 -20.38
CA ILE A 145 9.30 -31.57 -20.32
C ILE A 145 10.60 -32.14 -20.87
N GLY A 146 10.96 -33.36 -20.46
CA GLY A 146 12.21 -33.95 -20.88
C GLY A 146 12.36 -34.14 -22.37
N GLN A 147 13.44 -33.64 -22.94
CA GLN A 147 13.71 -33.79 -24.36
C GLN A 147 15.15 -34.15 -24.71
N PHE A 148 16.09 -34.05 -23.77
CA PHE A 148 17.50 -34.32 -24.06
C PHE A 148 17.92 -35.71 -23.60
N GLY A 149 17.68 -36.05 -22.34
CA GLY A 149 18.06 -37.33 -21.80
C GLY A 149 19.27 -37.33 -20.89
N VAL A 150 19.80 -36.16 -20.55
CA VAL A 150 20.97 -36.06 -19.67
C VAL A 150 20.66 -35.25 -18.42
N GLY A 151 19.38 -35.14 -18.05
CA GLY A 151 19.00 -34.35 -16.90
C GLY A 151 19.13 -35.07 -15.57
N PHE A 152 19.11 -36.40 -15.58
CA PHE A 152 19.21 -37.14 -14.32
C PHE A 152 20.61 -37.04 -13.72
N TYR A 153 21.63 -37.03 -14.56
CA TYR A 153 23.01 -37.06 -14.08
C TYR A 153 23.44 -35.77 -13.39
N SER A 154 22.55 -34.78 -13.27
CA SER A 154 22.85 -33.61 -12.47
C SER A 154 22.88 -33.90 -10.97
N ALA A 155 22.38 -35.07 -10.56
CA ALA A 155 22.44 -35.44 -9.15
C ALA A 155 23.87 -35.71 -8.71
N PHE A 156 24.68 -36.34 -9.57
CA PHE A 156 26.06 -36.63 -9.22
C PHE A 156 26.87 -35.37 -8.98
N MET A 157 26.40 -34.22 -9.45
CA MET A 157 27.08 -32.95 -9.24
C MET A 157 27.12 -32.56 -7.76
N VAL A 158 26.19 -33.05 -6.95
CA VAL A 158 26.15 -32.70 -5.54
C VAL A 158 26.08 -33.96 -4.68
N ALA A 159 26.21 -35.12 -5.30
CA ALA A 159 26.07 -36.40 -4.59
C ALA A 159 27.28 -37.28 -4.86
N ASP A 160 27.51 -38.21 -3.93
CA ASP A 160 28.58 -39.20 -4.06
C ASP A 160 28.08 -40.62 -4.31
N ARG A 161 26.91 -40.97 -3.77
CA ARG A 161 26.30 -42.26 -4.04
C ARG A 161 24.79 -42.07 -4.08
N VAL A 162 24.12 -42.81 -4.96
CA VAL A 162 22.70 -42.65 -5.21
C VAL A 162 22.01 -44.01 -5.10
N GLU A 163 20.78 -44.01 -4.59
CA GLU A 163 19.94 -45.20 -4.51
C GLU A 163 18.61 -44.91 -5.19
N VAL A 164 18.18 -45.81 -6.07
CA VAL A 164 16.91 -45.69 -6.77
C VAL A 164 16.12 -46.96 -6.54
N TYR A 165 14.89 -46.80 -6.03
CA TYR A 165 13.97 -47.92 -5.81
C TYR A 165 12.74 -47.70 -6.68
N SER A 166 12.51 -48.60 -7.61
CA SER A 166 11.43 -48.43 -8.58
C SER A 166 10.65 -49.72 -8.76
N ARG A 167 9.32 -49.58 -8.84
CA ARG A 167 8.43 -50.69 -9.18
C ARG A 167 7.44 -50.20 -10.22
N SER A 168 7.25 -50.98 -11.28
CA SER A 168 6.37 -50.58 -12.36
C SER A 168 4.90 -50.63 -11.90
N ALA A 169 4.06 -49.92 -12.64
CA ALA A 169 2.63 -49.88 -12.36
C ALA A 169 1.88 -51.07 -12.90
N ALA A 170 2.55 -51.96 -13.63
CA ALA A 170 1.90 -53.14 -14.16
C ALA A 170 1.48 -54.07 -13.04
N PRO A 171 0.35 -54.77 -13.20
CA PRO A 171 -0.13 -55.67 -12.14
C PRO A 171 0.69 -56.95 -12.05
N GLY A 172 1.81 -56.90 -11.35
CA GLY A 172 2.65 -58.07 -11.19
C GLY A 172 4.13 -57.78 -11.29
N SER A 173 4.49 -56.50 -11.40
CA SER A 173 5.88 -56.10 -11.48
C SER A 173 6.53 -56.12 -10.10
N LEU A 174 7.78 -56.55 -10.05
CA LEU A 174 8.54 -56.63 -8.81
C LEU A 174 9.40 -55.37 -8.64
N GLY A 175 9.88 -55.18 -7.41
CA GLY A 175 10.76 -54.06 -7.12
C GLY A 175 12.18 -54.30 -7.59
N TYR A 176 12.96 -53.23 -7.63
CA TYR A 176 14.33 -53.29 -8.12
C TYR A 176 15.18 -52.27 -7.38
N GLN A 177 16.48 -52.30 -7.66
CA GLN A 177 17.44 -51.38 -7.07
C GLN A 177 18.37 -50.85 -8.14
N TRP A 178 18.92 -49.66 -7.88
CA TRP A 178 19.85 -49.01 -8.82
C TRP A 178 20.91 -48.30 -7.98
N LEU A 179 22.09 -48.91 -7.89
CA LEU A 179 23.20 -48.38 -7.11
C LEU A 179 24.30 -47.89 -8.04
N SER A 180 24.81 -46.68 -7.77
CA SER A 180 25.90 -46.13 -8.55
C SER A 180 26.55 -45.00 -7.75
N ASP A 181 27.84 -44.80 -8.00
CA ASP A 181 28.60 -43.73 -7.36
C ASP A 181 28.97 -42.61 -8.33
N GLY A 182 28.49 -42.67 -9.56
CA GLY A 182 28.83 -41.65 -10.54
C GLY A 182 30.22 -41.75 -11.12
N SER A 183 30.83 -42.93 -11.10
CA SER A 183 32.18 -43.13 -11.61
C SER A 183 32.20 -44.10 -12.79
N GLY A 184 31.14 -44.11 -13.60
CA GLY A 184 31.08 -44.93 -14.78
C GLY A 184 30.61 -46.35 -14.57
N VAL A 185 30.29 -46.74 -13.34
CA VAL A 185 29.84 -48.09 -13.04
C VAL A 185 28.52 -48.00 -12.26
N PHE A 186 27.56 -48.84 -12.65
CA PHE A 186 26.29 -48.93 -11.95
C PHE A 186 25.85 -50.39 -11.90
N GLU A 187 25.02 -50.71 -10.91
CA GLU A 187 24.59 -52.07 -10.67
C GLU A 187 23.09 -52.09 -10.40
N ILE A 188 22.47 -53.22 -10.72
CA ILE A 188 21.02 -53.39 -10.59
C ILE A 188 20.75 -54.71 -9.88
N ALA A 189 19.72 -54.74 -9.04
CA ALA A 189 19.34 -55.93 -8.31
C ALA A 189 17.85 -55.87 -7.98
N GLU A 190 17.29 -57.03 -7.67
CA GLU A 190 15.88 -57.12 -7.32
C GLU A 190 15.69 -56.83 -5.84
N ALA A 191 14.63 -56.09 -5.52
CA ALA A 191 14.34 -55.68 -4.16
C ALA A 191 12.93 -56.10 -3.77
N SER A 192 12.67 -56.09 -2.47
CA SER A 192 11.36 -56.44 -1.93
C SER A 192 10.87 -55.32 -1.02
N GLY A 193 9.55 -55.19 -0.94
CA GLY A 193 8.94 -54.12 -0.17
C GLY A 193 8.80 -52.80 -0.90
N VAL A 194 9.22 -52.74 -2.16
CA VAL A 194 9.13 -51.50 -2.93
C VAL A 194 7.70 -51.33 -3.42
N ARG A 195 7.11 -50.17 -3.13
CA ARG A 195 5.77 -49.87 -3.57
C ARG A 195 5.77 -49.35 -5.01
N THR A 196 4.57 -49.22 -5.57
CA THR A 196 4.44 -48.72 -6.93
C THR A 196 4.95 -47.29 -7.04
N GLY A 197 5.73 -47.03 -8.08
CA GLY A 197 6.33 -45.72 -8.26
C GLY A 197 7.84 -45.75 -8.17
N THR A 198 8.45 -44.62 -7.84
CA THR A 198 9.89 -44.50 -7.71
C THR A 198 10.23 -43.73 -6.45
N LYS A 199 11.41 -44.03 -5.91
CA LYS A 199 11.92 -43.36 -4.72
C LYS A 199 13.42 -43.15 -4.89
N ILE A 200 13.84 -41.88 -4.93
CA ILE A 200 15.24 -41.52 -5.17
C ILE A 200 15.88 -41.17 -3.84
N ILE A 201 17.00 -41.83 -3.53
CA ILE A 201 17.77 -41.58 -2.32
C ILE A 201 19.10 -40.96 -2.75
N ILE A 202 19.40 -39.77 -2.22
CA ILE A 202 20.58 -39.02 -2.58
C ILE A 202 21.40 -38.77 -1.33
N HIS A 203 22.68 -39.14 -1.38
CA HIS A 203 23.61 -38.88 -0.29
C HIS A 203 24.42 -37.63 -0.62
N LEU A 204 24.27 -36.60 0.20
CA LEU A 204 24.90 -35.31 -0.08
C LEU A 204 26.40 -35.38 0.14
N LYS A 205 27.13 -34.52 -0.57
CA LYS A 205 28.57 -34.46 -0.46
C LYS A 205 28.96 -33.68 0.78
N SER A 206 30.26 -33.44 0.97
CA SER A 206 30.75 -32.69 2.11
C SER A 206 30.48 -31.21 1.95
N ASP A 207 31.01 -30.61 0.89
CA ASP A 207 30.82 -29.17 0.67
C ASP A 207 29.40 -28.83 0.26
N CYS A 208 28.61 -29.82 -0.17
CA CYS A 208 27.24 -29.60 -0.62
C CYS A 208 26.22 -29.97 0.47
N LYS A 209 26.58 -29.80 1.73
CA LYS A 209 25.69 -30.15 2.84
C LYS A 209 24.65 -29.09 3.12
N GLU A 210 24.71 -27.94 2.45
CA GLU A 210 23.71 -26.89 2.66
C GLU A 210 22.34 -27.33 2.17
N PHE A 211 22.29 -28.25 1.20
CA PHE A 211 21.04 -28.71 0.62
C PHE A 211 20.30 -29.70 1.51
N SER A 212 20.83 -30.02 2.69
CA SER A 212 20.16 -30.90 3.64
C SER A 212 19.29 -30.13 4.63
N SER A 213 19.16 -28.82 4.47
CA SER A 213 18.33 -27.99 5.31
C SER A 213 17.02 -27.66 4.60
N GLU A 214 15.97 -27.42 5.40
CA GLU A 214 14.65 -27.21 4.84
C GLU A 214 14.50 -25.83 4.20
N ALA A 215 15.17 -24.82 4.75
CA ALA A 215 14.97 -23.45 4.27
C ALA A 215 15.47 -23.28 2.84
N ARG A 216 16.70 -23.73 2.56
CA ARG A 216 17.25 -23.60 1.23
C ARG A 216 16.46 -24.41 0.21
N VAL A 217 16.07 -25.63 0.58
CA VAL A 217 15.29 -26.47 -0.33
C VAL A 217 13.95 -25.81 -0.64
N ARG A 218 13.29 -25.26 0.38
CA ARG A 218 12.02 -24.56 0.16
C ARG A 218 12.21 -23.35 -0.75
N ASP A 219 13.29 -22.59 -0.53
CA ASP A 219 13.55 -21.42 -1.36
C ASP A 219 13.74 -21.82 -2.82
N VAL A 220 14.55 -22.85 -3.08
CA VAL A 220 14.80 -23.25 -4.45
C VAL A 220 13.54 -23.81 -5.09
N VAL A 221 12.76 -24.58 -4.33
CA VAL A 221 11.52 -25.13 -4.87
C VAL A 221 10.56 -24.02 -5.25
N THR A 222 10.40 -23.02 -4.37
CA THR A 222 9.53 -21.90 -4.69
C THR A 222 10.05 -21.08 -5.87
N LYS A 223 11.38 -21.01 -6.03
CA LYS A 223 11.93 -20.22 -7.13
C LYS A 223 11.75 -20.91 -8.47
N TYR A 224 11.98 -22.22 -8.53
CA TYR A 224 12.09 -22.93 -9.80
C TYR A 224 10.81 -23.64 -10.21
N SER A 225 10.27 -24.51 -9.35
CA SER A 225 9.15 -25.36 -9.73
C SER A 225 7.91 -25.09 -8.89
N ASN A 226 7.58 -23.81 -8.72
CA ASN A 226 6.41 -23.45 -7.91
C ASN A 226 5.10 -23.88 -8.56
N PHE A 227 5.04 -23.88 -9.90
CA PHE A 227 3.80 -24.12 -10.62
C PHE A 227 3.71 -25.51 -11.21
N VAL A 228 4.19 -26.52 -10.49
CA VAL A 228 4.06 -27.90 -10.95
C VAL A 228 2.58 -28.30 -10.96
N SER A 229 2.22 -29.20 -11.88
CA SER A 229 0.84 -29.58 -12.11
C SER A 229 0.33 -30.66 -11.16
N PHE A 230 1.15 -31.08 -10.20
CA PHE A 230 0.77 -32.13 -9.27
C PHE A 230 1.09 -31.69 -7.85
N PRO A 231 0.38 -32.24 -6.85
CA PRO A 231 0.67 -31.88 -5.47
C PRO A 231 2.11 -32.22 -5.11
N LEU A 232 2.74 -31.31 -4.36
CA LEU A 232 4.13 -31.45 -3.95
C LEU A 232 4.21 -31.30 -2.44
N TYR A 233 4.88 -32.24 -1.79
CA TYR A 233 4.97 -32.28 -0.34
C TYR A 233 6.43 -32.23 0.10
N LEU A 234 6.69 -31.39 1.10
CA LEU A 234 8.02 -31.32 1.74
C LEU A 234 7.81 -31.47 3.24
N ASN A 235 8.18 -32.63 3.77
CA ASN A 235 8.03 -32.95 5.20
C ASN A 235 6.58 -32.90 5.66
N GLY A 236 5.63 -33.04 4.73
CA GLY A 236 4.22 -33.07 5.08
C GLY A 236 3.39 -31.96 4.49
N ARG A 237 3.91 -30.74 4.48
CA ARG A 237 3.17 -29.60 3.96
C ARG A 237 3.37 -29.47 2.45
N ARG A 238 2.49 -28.70 1.82
CA ARG A 238 2.52 -28.49 0.38
C ARG A 238 2.95 -27.05 0.07
N MET A 239 3.64 -26.90 -1.06
CA MET A 239 4.28 -25.64 -1.40
C MET A 239 3.63 -24.89 -2.55
N ASN A 240 2.94 -25.58 -3.46
CA ASN A 240 2.42 -24.94 -4.65
C ASN A 240 1.41 -23.84 -4.32
N THR A 241 0.26 -24.22 -3.74
CA THR A 241 -0.72 -23.27 -3.20
C THR A 241 -1.05 -22.14 -4.18
N LEU A 242 -0.99 -22.42 -5.48
CA LEU A 242 -1.28 -21.40 -6.48
C LEU A 242 -1.58 -22.07 -7.80
N GLN A 243 -2.40 -21.41 -8.61
CA GLN A 243 -2.76 -21.87 -9.94
C GLN A 243 -2.07 -21.05 -11.01
N ALA A 244 -1.74 -21.69 -12.12
CA ALA A 244 -1.11 -21.03 -13.26
C ALA A 244 -2.22 -20.41 -14.10
N ILE A 245 -2.56 -19.15 -13.80
CA ILE A 245 -3.67 -18.49 -14.47
C ILE A 245 -3.36 -18.12 -15.91
N TRP A 246 -2.10 -18.19 -16.34
CA TRP A 246 -1.76 -17.90 -17.72
C TRP A 246 -2.03 -19.07 -18.65
N MET A 247 -2.32 -20.25 -18.12
CA MET A 247 -2.69 -21.40 -18.93
C MET A 247 -4.19 -21.66 -18.97
N MET A 248 -4.95 -21.03 -18.08
CA MET A 248 -6.40 -21.22 -18.04
C MET A 248 -7.09 -20.23 -18.98
N ASP A 249 -8.31 -20.58 -19.35
CA ASP A 249 -9.10 -19.70 -20.21
C ASP A 249 -9.51 -18.45 -19.45
N PRO A 250 -9.63 -17.31 -20.14
CA PRO A 250 -10.08 -16.09 -19.46
C PRO A 250 -11.46 -16.19 -18.85
N LYS A 251 -12.31 -17.10 -19.35
CA LYS A 251 -13.65 -17.28 -18.82
C LYS A 251 -13.70 -18.21 -17.62
N ASP A 252 -12.56 -18.75 -17.18
CA ASP A 252 -12.52 -19.66 -16.05
C ASP A 252 -11.77 -19.08 -14.86
N VAL A 253 -11.29 -17.84 -14.93
CA VAL A 253 -10.57 -17.20 -13.85
C VAL A 253 -11.29 -15.91 -13.48
N GLY A 254 -11.53 -15.71 -12.18
CA GLY A 254 -12.24 -14.54 -11.72
C GLY A 254 -11.35 -13.34 -11.54
N GLU A 255 -11.99 -12.22 -11.19
CA GLU A 255 -11.26 -10.97 -10.99
C GLU A 255 -10.46 -10.97 -9.69
N TRP A 256 -10.79 -11.84 -8.73
CA TRP A 256 -10.06 -11.85 -7.48
C TRP A 256 -8.68 -12.49 -7.64
N GLN A 257 -8.60 -13.59 -8.40
CA GLN A 257 -7.30 -14.23 -8.64
C GLN A 257 -6.40 -13.39 -9.54
N HIS A 258 -6.99 -12.54 -10.39
CA HIS A 258 -6.19 -11.67 -11.25
C HIS A 258 -5.40 -10.64 -10.45
N GLU A 259 -5.85 -10.31 -9.24
CA GLU A 259 -5.16 -9.36 -8.37
C GLU A 259 -4.15 -10.05 -7.46
N GLU A 260 -4.50 -11.21 -6.92
CA GLU A 260 -3.56 -11.94 -6.07
C GLU A 260 -2.35 -12.41 -6.85
N PHE A 261 -2.56 -12.88 -8.08
CA PHE A 261 -1.44 -13.30 -8.92
C PHE A 261 -0.53 -12.13 -9.24
N TYR A 262 -1.11 -10.96 -9.52
CA TYR A 262 -0.30 -9.78 -9.79
C TYR A 262 0.55 -9.40 -8.58
N ARG A 263 -0.03 -9.45 -7.38
CA ARG A 263 0.71 -9.11 -6.18
C ARG A 263 1.85 -10.09 -5.91
N TYR A 264 1.83 -11.27 -6.52
CA TYR A 264 2.90 -12.24 -6.36
C TYR A 264 4.04 -12.02 -7.34
N VAL A 265 3.72 -11.85 -8.62
CA VAL A 265 4.76 -11.66 -9.63
C VAL A 265 5.42 -10.30 -9.48
N ALA A 266 4.64 -9.27 -9.17
CA ALA A 266 5.18 -7.92 -9.02
C ALA A 266 5.76 -7.65 -7.64
N GLN A 267 5.50 -8.53 -6.67
CA GLN A 267 6.02 -8.39 -5.31
C GLN A 267 5.60 -7.04 -4.71
N ALA A 268 4.36 -6.64 -4.95
CA ALA A 268 3.83 -5.37 -4.48
C ALA A 268 2.60 -5.61 -3.61
N HIS A 269 1.97 -4.51 -3.19
CA HIS A 269 0.77 -4.57 -2.37
C HIS A 269 -0.37 -3.72 -2.93
N ASP A 270 -0.26 -3.26 -4.17
CA ASP A 270 -1.28 -2.44 -4.79
C ASP A 270 -2.12 -3.28 -5.76
N LYS A 271 -2.98 -2.61 -6.50
CA LYS A 271 -3.84 -3.24 -7.50
C LYS A 271 -3.39 -2.85 -8.90
N PRO A 272 -3.62 -3.71 -9.90
CA PRO A 272 -3.28 -3.34 -11.27
C PRO A 272 -4.34 -2.46 -11.90
N ARG A 273 -3.89 -1.50 -12.71
CA ARG A 273 -4.80 -0.62 -13.42
C ARG A 273 -5.19 -1.16 -14.80
N TYR A 274 -4.44 -2.12 -15.33
CA TYR A 274 -4.75 -2.75 -16.61
C TYR A 274 -4.45 -4.24 -16.50
N THR A 275 -5.13 -5.02 -17.34
CA THR A 275 -4.97 -6.47 -17.31
C THR A 275 -5.18 -7.00 -18.72
N LEU A 276 -4.11 -7.46 -19.35
CA LEU A 276 -4.16 -8.05 -20.68
C LEU A 276 -3.91 -9.54 -20.59
N HIS A 277 -4.79 -10.33 -21.20
CA HIS A 277 -4.70 -11.79 -21.21
C HIS A 277 -4.55 -12.23 -22.67
N TYR A 278 -3.32 -12.29 -23.13
CA TYR A 278 -3.03 -12.62 -24.53
C TYR A 278 -2.84 -14.13 -24.68
N LYS A 279 -3.39 -14.68 -25.76
CA LYS A 279 -3.27 -16.11 -26.04
C LYS A 279 -3.43 -16.29 -27.54
N THR A 280 -2.33 -16.64 -28.22
CA THR A 280 -2.34 -16.86 -29.66
C THR A 280 -1.62 -18.16 -29.99
N ASP A 281 -2.05 -18.78 -31.09
CA ASP A 281 -1.49 -20.05 -31.51
C ASP A 281 -1.11 -20.12 -32.98
N ALA A 282 -1.51 -19.14 -33.81
CA ALA A 282 -1.24 -19.24 -35.24
C ALA A 282 0.24 -19.03 -35.55
N PRO A 283 0.87 -17.89 -35.21
CA PRO A 283 2.28 -17.72 -35.57
C PRO A 283 3.21 -18.51 -34.66
N LEU A 284 2.87 -18.57 -33.38
CA LEU A 284 3.64 -19.30 -32.38
C LEU A 284 2.82 -19.36 -31.11
N ASN A 285 3.11 -20.36 -30.28
CA ASN A 285 2.35 -20.56 -29.04
C ASN A 285 2.75 -19.52 -28.01
N ILE A 286 1.79 -18.70 -27.59
CA ILE A 286 1.99 -17.69 -26.55
C ILE A 286 0.84 -17.79 -25.56
N ARG A 287 1.18 -17.90 -24.28
CA ARG A 287 0.21 -17.88 -23.19
C ARG A 287 0.76 -16.92 -22.14
N SER A 288 0.43 -15.63 -22.27
CA SER A 288 1.02 -14.59 -21.45
C SER A 288 -0.07 -13.75 -20.79
N ILE A 289 0.36 -12.97 -19.81
CA ILE A 289 -0.53 -12.04 -19.10
C ILE A 289 0.31 -10.88 -18.60
N PHE A 290 -0.27 -9.68 -18.60
CA PHE A 290 0.47 -8.48 -18.24
C PHE A 290 -0.36 -7.61 -17.31
N TYR A 291 0.32 -6.78 -16.55
CA TYR A 291 -0.32 -5.88 -15.59
C TYR A 291 0.37 -4.52 -15.62
N VAL A 292 -0.37 -3.50 -15.19
CA VAL A 292 0.15 -2.14 -15.05
C VAL A 292 -0.18 -1.66 -13.65
N PRO A 293 0.82 -1.30 -12.83
CA PRO A 293 0.53 -0.92 -11.44
C PRO A 293 -0.24 0.39 -11.34
N ASP A 294 -1.01 0.50 -10.25
CA ASP A 294 -1.71 1.75 -9.97
C ASP A 294 -0.74 2.86 -9.58
N MET A 295 0.28 2.54 -8.78
CA MET A 295 1.17 3.54 -8.24
C MET A 295 2.04 4.16 -9.34
N LYS A 296 2.48 5.39 -9.07
CA LYS A 296 3.34 6.10 -10.02
C LYS A 296 4.71 5.42 -10.09
N PRO A 297 5.35 5.46 -11.25
CA PRO A 297 6.71 4.92 -11.35
C PRO A 297 7.68 5.67 -10.44
N SER A 298 8.62 4.93 -9.87
CA SER A 298 9.60 5.50 -8.95
C SER A 298 10.93 5.72 -9.66
N MET A 299 11.92 6.17 -8.89
CA MET A 299 13.24 6.42 -9.46
C MET A 299 13.91 5.12 -9.91
N PHE A 300 13.72 4.04 -9.15
CA PHE A 300 14.30 2.75 -9.53
C PHE A 300 13.72 2.21 -10.83
N ASP A 301 12.50 2.61 -11.19
CA ASP A 301 11.89 2.17 -12.45
C ASP A 301 12.57 2.77 -13.67
N VAL A 302 13.39 3.80 -13.50
CA VAL A 302 14.07 4.44 -14.61
C VAL A 302 15.53 3.95 -14.68
N GLY A 307 14.99 -8.00 -16.17
CA GLY A 307 13.88 -8.60 -16.89
C GLY A 307 12.57 -7.86 -16.69
N SER A 308 12.56 -6.94 -15.72
CA SER A 308 11.39 -6.12 -15.41
C SER A 308 10.18 -6.98 -15.06
N SER A 309 10.42 -8.08 -14.35
CA SER A 309 9.35 -8.96 -13.86
C SER A 309 8.49 -9.50 -15.00
N VAL A 310 9.16 -9.94 -16.07
CA VAL A 310 8.49 -10.53 -17.22
C VAL A 310 9.06 -11.95 -17.38
N ALA A 311 9.36 -12.58 -16.25
CA ALA A 311 9.98 -13.91 -16.21
C ALA A 311 9.33 -14.87 -17.19
N LEU A 312 10.17 -15.60 -17.92
CA LEU A 312 9.73 -16.49 -18.99
C LEU A 312 9.60 -17.91 -18.49
N TYR A 313 8.50 -18.57 -18.86
CA TYR A 313 8.24 -19.94 -18.48
C TYR A 313 8.14 -20.82 -19.73
N SER A 314 8.25 -22.13 -19.50
CA SER A 314 8.12 -23.10 -20.59
C SER A 314 7.70 -24.43 -19.97
N ARG A 315 6.50 -24.90 -20.31
CA ARG A 315 5.90 -26.09 -19.70
C ARG A 315 5.81 -25.94 -18.18
N LYS A 316 5.49 -24.73 -17.73
CA LYS A 316 5.27 -24.43 -16.31
C LYS A 316 6.52 -24.72 -15.47
N VAL A 317 7.66 -24.21 -15.92
CA VAL A 317 8.88 -24.22 -15.13
C VAL A 317 9.70 -22.99 -15.52
N LEU A 318 10.37 -22.40 -14.55
CA LEU A 318 11.09 -21.16 -14.78
C LEU A 318 12.28 -21.37 -15.71
N ILE A 319 12.46 -20.45 -16.64
CA ILE A 319 13.62 -20.45 -17.53
C ILE A 319 14.71 -19.53 -17.00
N GLN A 320 14.34 -18.36 -16.50
CA GLN A 320 15.26 -17.41 -15.88
C GLN A 320 16.37 -16.99 -16.85
N THR A 321 15.96 -16.33 -17.93
CA THR A 321 16.92 -15.77 -18.85
C THR A 321 17.36 -14.37 -18.42
N LYS A 322 16.41 -13.46 -18.24
CA LYS A 322 16.60 -12.13 -17.65
C LYS A 322 17.65 -11.29 -18.39
N ALA A 323 18.11 -11.73 -19.56
CA ALA A 323 19.16 -11.01 -20.26
C ALA A 323 18.78 -10.74 -21.72
N THR A 324 18.07 -11.68 -22.34
CA THR A 324 17.73 -11.54 -23.75
C THR A 324 16.70 -10.45 -24.00
N ASP A 325 15.96 -10.03 -22.98
CA ASP A 325 14.97 -8.96 -23.09
C ASP A 325 13.92 -9.32 -24.15
N ILE A 326 13.15 -10.36 -23.83
CA ILE A 326 12.07 -10.80 -24.72
C ILE A 326 11.09 -9.66 -24.98
N LEU A 327 11.01 -8.71 -24.06
CA LEU A 327 10.19 -7.51 -24.13
C LEU A 327 11.07 -6.30 -24.45
N PRO A 328 10.55 -5.33 -25.21
CA PRO A 328 11.37 -4.15 -25.54
C PRO A 328 11.81 -3.40 -24.29
N LYS A 329 12.98 -2.77 -24.38
CA LYS A 329 13.57 -2.12 -23.23
C LYS A 329 12.69 -1.00 -22.70
N TRP A 330 12.09 -0.20 -23.60
CA TRP A 330 11.22 0.88 -23.16
C TRP A 330 9.95 0.37 -22.50
N LEU A 331 9.58 -0.89 -22.73
CA LEU A 331 8.43 -1.50 -22.06
C LEU A 331 8.86 -2.23 -20.79
N ARG A 332 9.60 -1.54 -19.93
CA ARG A 332 10.09 -2.12 -18.68
C ARG A 332 9.23 -1.76 -17.47
N PHE A 333 8.12 -1.05 -17.68
CA PHE A 333 7.26 -0.63 -16.58
C PHE A 333 6.09 -1.58 -16.35
N ILE A 334 5.99 -2.67 -17.10
CA ILE A 334 4.89 -3.61 -16.98
C ILE A 334 5.40 -4.91 -16.38
N ARG A 335 4.50 -5.62 -15.71
CA ARG A 335 4.80 -6.90 -15.08
C ARG A 335 3.97 -8.00 -15.73
N GLY A 336 4.25 -9.23 -15.36
CA GLY A 336 3.49 -10.36 -15.84
C GLY A 336 4.37 -11.57 -16.04
N VAL A 337 3.92 -12.46 -16.92
CA VAL A 337 4.62 -13.70 -17.19
C VAL A 337 4.33 -14.11 -18.63
N VAL A 338 5.31 -14.76 -19.26
CA VAL A 338 5.20 -15.19 -20.65
C VAL A 338 5.52 -16.68 -20.71
N ASP A 339 4.68 -17.44 -21.41
CA ASP A 339 4.87 -18.88 -21.57
C ASP A 339 4.88 -19.21 -23.06
N SER A 340 5.78 -20.11 -23.45
CA SER A 340 5.88 -20.54 -24.83
C SER A 340 6.58 -21.89 -24.87
N GLU A 341 6.00 -22.85 -25.58
CA GLU A 341 6.53 -24.21 -25.64
C GLU A 341 7.44 -24.45 -26.84
N ASP A 342 7.63 -23.45 -27.70
CA ASP A 342 8.45 -23.62 -28.90
C ASP A 342 9.79 -22.91 -28.81
N ILE A 343 10.11 -22.27 -27.68
CA ILE A 343 11.39 -21.57 -27.55
C ILE A 343 12.50 -22.61 -27.48
N PRO A 344 13.63 -22.40 -28.18
CA PRO A 344 14.73 -23.35 -28.08
C PRO A 344 15.56 -23.13 -26.83
N LEU A 345 16.11 -24.23 -26.32
CA LEU A 345 16.83 -24.22 -25.06
C LEU A 345 18.21 -24.85 -25.22
N ASN A 346 19.15 -24.39 -24.40
CA ASN A 346 20.48 -24.98 -24.36
C ASN A 346 20.44 -26.36 -23.72
N LEU A 347 21.61 -27.03 -23.73
CA LEU A 347 21.73 -28.28 -23.00
C LEU A 347 21.61 -28.07 -21.49
N SER A 348 21.92 -26.87 -21.02
CA SER A 348 21.77 -26.51 -19.62
C SER A 348 20.39 -25.94 -19.30
N ARG A 349 19.41 -26.16 -20.19
CA ARG A 349 18.04 -25.68 -20.01
C ARG A 349 18.00 -24.17 -19.80
N GLU A 350 18.82 -23.46 -20.57
CA GLU A 350 18.81 -22.00 -20.60
C GLU A 350 18.44 -21.52 -22.00
N LEU A 351 17.90 -20.31 -22.07
CA LEU A 351 17.42 -19.79 -23.34
C LEU A 351 18.57 -19.54 -24.30
N LEU A 352 18.36 -19.88 -25.57
CA LEU A 352 19.33 -19.59 -26.60
C LEU A 352 19.44 -18.08 -26.82
N GLN A 353 20.62 -17.63 -27.22
CA GLN A 353 20.89 -16.21 -27.38
C GLN A 353 20.57 -15.77 -28.80
N GLU A 354 19.59 -14.85 -28.93
CA GLU A 354 19.23 -14.23 -30.20
C GLU A 354 18.86 -15.29 -31.25
N SER A 355 18.00 -16.23 -30.85
CA SER A 355 17.50 -17.20 -31.80
C SER A 355 16.53 -16.55 -32.78
N ALA A 356 16.27 -17.25 -33.88
CA ALA A 356 15.36 -16.72 -34.90
C ALA A 356 13.96 -16.53 -34.34
N LEU A 357 13.49 -17.48 -33.54
CA LEU A 357 12.15 -17.38 -32.97
C LEU A 357 12.07 -16.30 -31.89
N ILE A 358 13.18 -16.05 -31.19
CA ILE A 358 13.18 -15.06 -30.12
C ILE A 358 12.92 -13.67 -30.66
N ARG A 359 13.56 -13.32 -31.77
CA ARG A 359 13.36 -11.99 -32.36
C ARG A 359 11.92 -11.80 -32.83
N LYS A 360 11.34 -12.86 -33.42
CA LYS A 360 9.94 -12.77 -33.83
C LYS A 360 9.00 -12.65 -32.65
N LEU A 361 9.34 -13.27 -31.52
CA LEU A 361 8.50 -13.17 -30.33
C LEU A 361 8.43 -11.73 -29.83
N ARG A 362 9.56 -11.03 -29.83
CA ARG A 362 9.58 -9.65 -29.32
C ARG A 362 8.73 -8.74 -30.18
N ASP A 363 8.79 -8.90 -31.50
CA ASP A 363 8.00 -8.04 -32.39
C ASP A 363 6.50 -8.27 -32.19
N VAL A 364 6.08 -9.52 -32.04
CA VAL A 364 4.67 -9.82 -31.86
C VAL A 364 4.15 -9.24 -30.55
N LEU A 365 4.92 -9.37 -29.48
CA LEU A 365 4.49 -8.85 -28.18
C LEU A 365 4.38 -7.33 -28.21
N GLN A 366 5.33 -6.66 -28.86
CA GLN A 366 5.30 -5.19 -28.89
C GLN A 366 4.08 -4.68 -29.67
N GLN A 367 3.74 -5.34 -30.78
CA GLN A 367 2.60 -4.90 -31.58
C GLN A 367 1.30 -5.02 -30.80
N ARG A 368 1.11 -6.13 -30.09
CA ARG A 368 -0.13 -6.34 -29.34
C ARG A 368 -0.23 -5.37 -28.17
N LEU A 369 0.88 -5.11 -27.48
CA LEU A 369 0.85 -4.24 -26.31
C LEU A 369 0.49 -2.81 -26.70
N ILE A 370 1.04 -2.31 -27.80
CA ILE A 370 0.71 -0.97 -28.26
C ILE A 370 -0.76 -0.89 -28.67
N LYS A 371 -1.24 -1.91 -29.38
CA LYS A 371 -2.65 -1.93 -29.80
C LYS A 371 -3.59 -1.93 -28.60
N PHE A 372 -3.20 -2.63 -27.53
CA PHE A 372 -4.03 -2.66 -26.32
C PHE A 372 -4.17 -1.28 -25.71
N PHE A 373 -3.08 -0.51 -25.69
CA PHE A 373 -3.13 0.84 -25.12
C PHE A 373 -3.98 1.78 -25.96
N ILE A 374 -3.99 1.59 -27.28
CA ILE A 374 -4.79 2.45 -28.16
C ILE A 374 -6.27 2.30 -27.84
N ASP A 375 -6.74 1.07 -27.67
CA ASP A 375 -8.15 0.83 -27.37
C ASP A 375 -8.53 1.37 -25.99
N GLN A 376 -7.58 1.44 -25.06
CA GLN A 376 -7.88 1.92 -23.72
C GLN A 376 -8.31 3.38 -23.76
N SER A 377 -7.63 4.21 -24.56
CA SER A 377 -8.05 5.59 -24.71
C SER A 377 -9.36 5.70 -25.48
N LYS A 378 -9.58 4.79 -26.44
CA LYS A 378 -10.82 4.82 -27.21
C LYS A 378 -12.02 4.43 -26.36
N LYS A 379 -11.81 3.64 -25.30
CA LYS A 379 -12.91 3.21 -24.45
C LYS A 379 -13.15 4.17 -23.30
N ASP A 380 -12.12 4.45 -22.50
CA ASP A 380 -12.23 5.37 -21.36
C ASP A 380 -11.08 6.37 -21.46
N ALA A 381 -11.37 7.55 -22.00
CA ALA A 381 -10.33 8.55 -22.19
C ALA A 381 -9.85 9.14 -20.87
N GLU A 382 -10.73 9.21 -19.87
CA GLU A 382 -10.34 9.79 -18.58
C GLU A 382 -9.27 8.95 -17.90
N LYS A 383 -9.43 7.63 -17.91
CA LYS A 383 -8.43 6.75 -17.30
C LYS A 383 -7.09 6.83 -18.04
N TYR A 384 -7.14 6.93 -19.38
CA TYR A 384 -5.92 7.00 -20.16
C TYR A 384 -5.13 8.28 -19.86
N ALA A 385 -5.83 9.36 -19.53
CA ALA A 385 -5.14 10.62 -19.23
C ALA A 385 -4.25 10.47 -17.99
N LYS A 386 -4.76 9.82 -16.95
CA LYS A 386 -3.97 9.58 -15.76
C LYS A 386 -2.78 8.67 -16.06
N PHE A 387 -3.00 7.63 -16.87
CA PHE A 387 -1.91 6.72 -17.23
C PHE A 387 -0.82 7.45 -18.02
N PHE A 388 -1.21 8.31 -18.95
CA PHE A 388 -0.23 9.02 -19.76
C PHE A 388 0.56 10.04 -18.94
N GLU A 389 -0.07 10.65 -17.93
CA GLU A 389 0.62 11.62 -17.10
C GLU A 389 1.75 10.96 -16.30
N ASP A 390 1.52 9.75 -15.80
CA ASP A 390 2.49 9.08 -14.93
C ASP A 390 3.56 8.32 -15.73
N TYR A 391 3.14 7.57 -16.75
CA TYR A 391 4.05 6.71 -17.49
C TYR A 391 4.48 7.31 -18.83
N GLY A 392 4.17 8.59 -19.08
CA GLY A 392 4.49 9.20 -20.36
C GLY A 392 5.97 9.29 -20.64
N LEU A 393 6.81 9.19 -19.60
CA LEU A 393 8.25 9.25 -19.80
C LEU A 393 8.74 8.07 -20.63
N PHE A 394 8.17 6.88 -20.42
CA PHE A 394 8.63 5.69 -21.11
C PHE A 394 8.37 5.75 -22.60
N MET A 395 7.20 6.27 -23.01
CA MET A 395 6.89 6.35 -24.43
C MET A 395 7.84 7.28 -25.18
N ARG A 396 8.23 8.40 -24.56
CA ARG A 396 9.17 9.31 -25.19
C ARG A 396 10.53 8.65 -25.38
N GLU A 397 10.96 7.82 -24.43
CA GLU A 397 12.23 7.14 -24.55
C GLU A 397 12.25 6.16 -25.72
N GLY A 398 11.13 5.46 -25.94
CA GLY A 398 11.09 4.47 -27.01
C GLY A 398 11.28 5.08 -28.39
N ILE A 399 10.68 6.23 -28.64
CA ILE A 399 10.82 6.89 -29.93
C ILE A 399 12.26 7.32 -30.15
N VAL A 400 12.90 7.87 -29.12
CA VAL A 400 14.27 8.38 -29.25
C VAL A 400 15.23 7.23 -29.56
N THR A 401 15.08 6.10 -28.87
CA THR A 401 16.00 4.97 -29.01
C THR A 401 15.62 4.02 -30.13
N ALA A 402 14.53 4.27 -30.85
CA ALA A 402 14.13 3.38 -31.92
C ALA A 402 15.05 3.53 -33.13
N THR A 403 15.00 2.52 -34.01
CA THR A 403 15.81 2.52 -35.22
C THR A 403 15.01 2.41 -36.50
N GLU A 404 13.75 1.97 -36.44
CA GLU A 404 12.89 1.85 -37.61
C GLU A 404 11.84 2.95 -37.58
N GLN A 405 11.63 3.60 -38.73
CA GLN A 405 10.70 4.73 -38.80
C GLN A 405 9.28 4.30 -38.46
N GLU A 406 8.85 3.14 -38.95
CA GLU A 406 7.51 2.66 -38.66
C GLU A 406 7.31 2.39 -37.18
N VAL A 407 8.38 2.02 -36.47
CA VAL A 407 8.29 1.82 -35.03
C VAL A 407 8.00 3.15 -34.33
N LYS A 408 8.69 4.22 -34.74
CA LYS A 408 8.49 5.51 -34.10
C LYS A 408 7.07 6.02 -34.29
N GLU A 409 6.54 5.91 -35.52
CA GLU A 409 5.20 6.40 -35.79
C GLU A 409 4.15 5.63 -35.01
N ASP A 410 4.31 4.30 -34.90
CA ASP A 410 3.34 3.49 -34.18
C ASP A 410 3.30 3.84 -32.70
N ILE A 411 4.47 4.06 -32.09
CA ILE A 411 4.52 4.45 -30.69
C ILE A 411 3.96 5.87 -30.52
N ALA A 412 4.18 6.74 -31.50
CA ALA A 412 3.76 8.14 -31.39
C ALA A 412 2.25 8.31 -31.29
N LYS A 413 1.47 7.29 -31.62
CA LYS A 413 0.02 7.39 -31.49
C LYS A 413 -0.43 7.55 -30.05
N LEU A 414 0.43 7.22 -29.08
CA LEU A 414 0.09 7.30 -27.67
C LEU A 414 0.33 8.69 -27.08
N LEU A 415 0.94 9.59 -27.83
CA LEU A 415 1.25 10.92 -27.29
C LEU A 415 -0.01 11.77 -27.20
N ARG A 416 -0.08 12.61 -26.16
CA ARG A 416 -1.20 13.50 -25.94
C ARG A 416 -0.70 14.93 -25.81
N TYR A 417 -1.33 15.85 -26.53
CA TYR A 417 -0.99 17.26 -26.48
C TYR A 417 -2.28 18.08 -26.51
N GLU A 418 -2.21 19.31 -26.02
CA GLU A 418 -3.31 20.24 -26.09
C GLU A 418 -2.95 21.39 -27.03
N SER A 419 -3.89 21.75 -27.90
CA SER A 419 -3.65 22.72 -28.95
C SER A 419 -4.27 24.08 -28.59
N SER A 420 -3.89 25.09 -29.37
CA SER A 420 -4.43 26.43 -29.17
C SER A 420 -5.85 26.55 -29.70
N ALA A 421 -6.22 25.75 -30.70
CA ALA A 421 -7.54 25.83 -31.33
C ALA A 421 -8.62 25.09 -30.55
N LEU A 422 -8.36 24.74 -29.29
CA LEU A 422 -9.33 24.04 -28.47
C LEU A 422 -9.30 24.61 -27.06
N PRO A 423 -10.39 24.50 -26.32
CA PRO A 423 -10.41 25.03 -24.94
C PRO A 423 -9.38 24.33 -24.06
N SER A 424 -8.84 25.08 -23.10
CA SER A 424 -7.82 24.56 -22.21
C SER A 424 -8.39 23.47 -21.31
N GLY A 425 -7.59 22.42 -21.11
CA GLY A 425 -7.97 21.33 -20.22
C GLY A 425 -8.28 20.01 -20.89
N GLN A 426 -8.10 19.91 -22.21
CA GLN A 426 -8.34 18.67 -22.93
C GLN A 426 -7.16 18.36 -23.83
N LEU A 427 -6.91 17.07 -24.03
CA LEU A 427 -5.75 16.60 -24.77
C LEU A 427 -6.15 16.06 -26.14
N THR A 428 -5.27 16.24 -27.12
CA THR A 428 -5.47 15.79 -28.48
C THR A 428 -4.29 14.93 -28.91
N SER A 429 -4.54 14.08 -29.90
CA SER A 429 -3.52 13.20 -30.44
C SER A 429 -3.04 13.69 -31.80
N LEU A 430 -1.91 13.14 -32.25
CA LEU A 430 -1.38 13.47 -33.55
C LEU A 430 -2.16 12.83 -34.69
N SER A 431 -3.07 11.91 -34.39
CA SER A 431 -3.89 11.28 -35.44
C SER A 431 -5.05 12.17 -35.83
N GLU A 432 -5.89 12.56 -34.86
CA GLU A 432 -7.01 13.43 -35.16
C GLU A 432 -6.58 14.84 -35.50
N TYR A 433 -5.36 15.24 -35.15
CA TYR A 433 -4.85 16.54 -35.57
C TYR A 433 -4.72 16.61 -37.08
N ALA A 434 -4.27 15.53 -37.71
CA ALA A 434 -4.17 15.47 -39.17
C ALA A 434 -5.53 15.39 -39.84
N SER A 435 -6.60 15.16 -39.09
CA SER A 435 -7.94 15.07 -39.67
C SER A 435 -8.64 16.41 -39.76
N ARG A 436 -8.57 17.22 -38.69
CA ARG A 436 -9.22 18.52 -38.69
C ARG A 436 -8.38 19.61 -39.33
N MET A 437 -7.14 19.31 -39.71
CA MET A 437 -6.29 20.29 -40.38
C MET A 437 -6.65 20.36 -41.86
N ARG A 438 -6.49 21.55 -42.42
CA ARG A 438 -6.90 21.81 -43.80
C ARG A 438 -6.05 21.02 -44.77
N ALA A 439 -6.66 20.64 -45.91
CA ALA A 439 -5.94 19.92 -46.95
C ALA A 439 -4.85 20.78 -47.55
N GLY A 440 -5.06 22.09 -47.63
CA GLY A 440 -4.01 22.98 -48.10
C GLY A 440 -2.78 22.94 -47.21
N THR A 441 -2.98 22.90 -45.90
CA THR A 441 -1.88 22.72 -44.97
C THR A 441 -1.27 21.34 -45.15
N ARG A 442 0.06 21.25 -45.02
CA ARG A 442 0.76 19.98 -45.16
C ARG A 442 1.75 19.69 -44.04
N ASN A 443 2.15 20.67 -43.25
CA ASN A 443 3.11 20.46 -42.18
C ASN A 443 2.44 20.70 -40.83
N ILE A 444 3.11 20.25 -39.77
CA ILE A 444 2.60 20.31 -38.40
C ILE A 444 3.48 21.27 -37.61
N TYR A 445 2.85 22.19 -36.88
CA TYR A 445 3.53 23.17 -36.06
C TYR A 445 3.38 22.83 -34.59
N TYR A 446 4.45 23.04 -33.82
CA TYR A 446 4.42 22.80 -32.38
C TYR A 446 5.28 23.84 -31.68
N LEU A 447 4.77 24.35 -30.56
CA LEU A 447 5.48 25.33 -29.75
C LEU A 447 5.65 24.78 -28.34
N CYS A 448 6.86 24.92 -27.80
CA CYS A 448 7.20 24.39 -26.48
C CYS A 448 7.27 25.53 -25.47
N ALA A 449 6.58 25.36 -24.34
CA ALA A 449 6.58 26.34 -23.27
C ALA A 449 6.28 25.62 -21.96
N PRO A 450 6.76 26.14 -20.83
CA PRO A 450 6.49 25.46 -19.55
C PRO A 450 5.01 25.31 -19.23
N ASN A 451 4.20 26.33 -19.55
CA ASN A 451 2.77 26.32 -19.27
C ASN A 451 2.01 26.78 -20.51
N ARG A 452 0.69 26.86 -20.38
CA ARG A 452 -0.15 27.36 -21.46
C ARG A 452 -0.28 28.87 -21.45
N HIS A 453 -0.29 29.50 -20.28
CA HIS A 453 -0.34 30.95 -20.20
C HIS A 453 0.89 31.57 -20.84
N LEU A 454 2.07 30.99 -20.59
CA LEU A 454 3.28 31.49 -21.23
C LEU A 454 3.30 31.17 -22.72
N ALA A 455 2.71 30.04 -23.13
CA ALA A 455 2.70 29.66 -24.54
C ALA A 455 1.91 30.65 -25.37
N GLU A 456 0.72 31.03 -24.90
CA GLU A 456 -0.09 32.00 -25.63
C GLU A 456 0.52 33.41 -25.56
N HIS A 457 1.16 33.74 -24.45
CA HIS A 457 1.83 35.03 -24.30
C HIS A 457 3.25 35.03 -24.85
N SER A 458 3.73 33.90 -25.35
CA SER A 458 5.07 33.85 -25.92
C SER A 458 5.15 34.75 -27.15
N PRO A 459 6.19 35.56 -27.29
CA PRO A 459 6.30 36.43 -28.48
C PRO A 459 6.37 35.64 -29.79
N TYR A 460 6.91 34.43 -29.76
CA TYR A 460 6.96 33.63 -30.99
C TYR A 460 5.56 33.28 -31.48
N TYR A 461 4.66 32.93 -30.58
CA TYR A 461 3.29 32.60 -30.98
C TYR A 461 2.53 33.85 -31.41
N GLU A 462 2.89 35.02 -30.87
CA GLU A 462 2.18 36.24 -31.21
C GLU A 462 2.32 36.59 -32.68
N ALA A 463 3.45 36.24 -33.30
CA ALA A 463 3.60 36.46 -34.74
C ALA A 463 2.80 35.46 -35.56
N MET A 464 2.54 34.28 -35.01
CA MET A 464 1.72 33.27 -35.66
C MET A 464 0.21 33.55 -35.53
N LYS A 465 -0.17 34.57 -34.78
CA LYS A 465 -1.59 34.87 -34.61
C LYS A 465 -2.24 35.30 -35.93
N LYS A 466 -1.44 35.86 -36.84
CA LYS A 466 -1.99 36.29 -38.13
C LYS A 466 -2.54 35.11 -38.92
N LYS A 467 -1.81 34.00 -38.95
CA LYS A 467 -2.26 32.80 -39.63
C LYS A 467 -3.16 31.97 -38.72
N ASP A 468 -4.14 31.31 -39.32
CA ASP A 468 -5.12 30.51 -38.60
C ASP A 468 -4.71 29.04 -38.44
N THR A 469 -3.47 28.71 -38.83
CA THR A 469 -3.02 27.32 -38.72
C THR A 469 -3.01 26.87 -37.26
N GLU A 470 -3.42 25.62 -37.04
CA GLU A 470 -3.47 25.07 -35.69
C GLU A 470 -2.09 24.62 -35.24
N VAL A 471 -1.76 24.91 -33.99
CA VAL A 471 -0.46 24.57 -33.42
C VAL A 471 -0.68 23.81 -32.13
N LEU A 472 0.26 22.93 -31.81
CA LEU A 472 0.22 22.12 -30.60
C LEU A 472 1.18 22.68 -29.56
N PHE A 473 0.82 22.52 -28.29
CA PHE A 473 1.61 23.02 -27.18
C PHE A 473 2.28 21.85 -26.47
N CYS A 474 3.59 21.96 -26.27
CA CYS A 474 4.39 20.93 -25.59
C CYS A 474 4.87 21.50 -24.27
N PHE A 475 4.41 20.93 -23.16
CA PHE A 475 4.74 21.43 -21.83
C PHE A 475 5.83 20.61 -21.14
N GLU A 476 5.70 19.28 -21.14
CA GLU A 476 6.62 18.45 -20.40
C GLU A 476 8.01 18.45 -21.04
N GLN A 477 9.01 18.18 -20.21
CA GLN A 477 10.38 18.11 -20.68
C GLN A 477 10.56 16.94 -21.65
N PHE A 478 11.52 17.10 -22.56
CA PHE A 478 11.88 16.15 -23.62
C PHE A 478 10.84 16.08 -24.73
N ASP A 479 9.75 16.84 -24.64
CA ASP A 479 8.80 16.91 -25.73
C ASP A 479 9.43 17.53 -26.97
N GLU A 480 10.23 18.57 -26.78
CA GLU A 480 10.93 19.18 -27.91
C GLU A 480 11.90 18.21 -28.56
N LEU A 481 12.63 17.44 -27.74
CA LEU A 481 13.58 16.48 -28.29
C LEU A 481 12.87 15.31 -28.95
N THR A 482 11.77 14.84 -28.36
CA THR A 482 11.04 13.71 -28.93
C THR A 482 10.46 14.08 -30.30
N LEU A 483 9.90 15.28 -30.43
CA LEU A 483 9.36 15.71 -31.72
C LEU A 483 10.45 15.81 -32.77
N LEU A 484 11.63 16.31 -32.38
CA LEU A 484 12.73 16.45 -33.34
C LEU A 484 13.20 15.10 -33.84
N HIS A 485 13.30 14.11 -32.94
CA HIS A 485 13.78 12.79 -33.33
C HIS A 485 12.78 12.08 -34.25
N LEU A 486 11.48 12.25 -34.00
CA LEU A 486 10.47 11.62 -34.84
C LEU A 486 10.58 12.12 -36.28
N ARG A 487 10.57 13.44 -36.46
CA ARG A 487 10.94 14.09 -37.72
C ARG A 487 9.90 13.89 -38.82
N GLU A 488 8.92 13.04 -38.60
CA GLU A 488 7.91 12.77 -39.61
C GLU A 488 6.77 11.96 -38.99
N PHE A 489 5.55 12.34 -39.31
CA PHE A 489 4.36 11.61 -38.85
C PHE A 489 3.33 11.60 -39.98
N ASP A 490 2.99 10.40 -40.45
CA ASP A 490 2.01 10.22 -41.52
C ASP A 490 2.35 11.05 -42.75
N LYS A 491 3.63 10.97 -43.14
CA LYS A 491 4.16 11.65 -44.33
C LYS A 491 4.02 13.17 -44.24
N LYS A 492 3.90 13.71 -43.02
CA LYS A 492 3.79 15.14 -42.79
C LYS A 492 5.02 15.62 -42.03
N LYS A 493 5.69 16.64 -42.56
CA LYS A 493 6.88 17.17 -41.91
C LYS A 493 6.53 17.87 -40.62
N LEU A 494 7.35 17.65 -39.60
CA LEU A 494 7.20 18.31 -38.30
C LEU A 494 8.23 19.43 -38.21
N ILE A 495 7.76 20.66 -38.13
CA ILE A 495 8.61 21.84 -38.05
C ILE A 495 8.22 22.68 -36.85
N SER A 496 9.21 23.14 -36.09
CA SER A 496 8.95 23.94 -34.92
C SER A 496 8.54 25.36 -35.31
N VAL A 497 7.83 26.01 -34.38
CA VAL A 497 7.39 27.39 -34.61
C VAL A 497 8.58 28.32 -34.72
N GLU A 498 9.60 28.12 -33.87
CA GLU A 498 10.75 29.01 -33.85
C GLU A 498 11.49 29.00 -35.18
N THR A 499 11.69 27.81 -35.77
CA THR A 499 12.40 27.72 -37.03
C THR A 499 11.63 28.37 -38.17
N ASP A 500 10.30 28.34 -38.11
CA ASP A 500 9.48 28.89 -39.18
C ASP A 500 9.46 30.42 -39.19
N ILE A 501 10.01 31.08 -38.17
CA ILE A 501 9.98 32.53 -38.12
C ILE A 501 11.15 33.12 -38.92
N VAL A 502 12.36 32.56 -38.74
CA VAL A 502 13.50 33.05 -39.50
C VAL A 502 13.34 32.76 -40.99
N VAL A 503 12.71 31.63 -41.33
CA VAL A 503 12.49 31.27 -42.73
C VAL A 503 11.27 31.96 -43.30
N ASP A 504 10.42 32.56 -42.45
CA ASP A 504 9.20 33.21 -42.91
C ASP A 504 9.52 34.32 -43.91
N HIS A 505 8.78 34.35 -45.01
CA HIS A 505 8.99 35.34 -46.05
C HIS A 505 7.90 36.40 -46.02
N CYS A 520 5.16 56.37 -34.21
CA CYS A 520 6.07 55.86 -33.18
C CYS A 520 7.35 55.32 -33.80
N LEU A 521 8.48 55.95 -33.46
CA LEU A 521 9.80 55.55 -33.93
C LEU A 521 9.86 55.57 -35.47
N SER A 522 9.75 56.79 -35.99
CA SER A 522 9.87 57.00 -37.42
C SER A 522 11.20 56.46 -37.95
N GLU A 523 11.26 56.26 -39.26
CA GLU A 523 12.40 55.58 -39.86
C GLU A 523 13.70 56.34 -39.62
N LYS A 524 13.67 57.67 -39.71
CA LYS A 524 14.89 58.45 -39.54
C LYS A 524 15.45 58.32 -38.13
N GLU A 525 14.59 58.46 -37.12
CA GLU A 525 15.04 58.39 -35.74
C GLU A 525 15.32 56.97 -35.27
N THR A 526 14.82 55.96 -35.98
CA THR A 526 15.04 54.58 -35.58
C THR A 526 16.45 54.10 -35.92
N GLU A 527 16.98 54.53 -37.07
CA GLU A 527 18.17 53.90 -37.62
C GLU A 527 19.40 54.11 -36.73
N GLU A 528 19.53 55.29 -36.12
CA GLU A 528 20.72 55.55 -35.31
C GLU A 528 20.68 54.81 -33.98
N LEU A 529 19.51 54.33 -33.55
CA LEU A 529 19.41 53.64 -32.28
C LEU A 529 20.04 52.25 -32.35
N MET A 530 19.87 51.55 -33.48
CA MET A 530 20.53 50.26 -33.64
C MET A 530 22.05 50.41 -33.69
N ALA A 531 22.53 51.45 -34.39
CA ALA A 531 23.98 51.65 -34.48
C ALA A 531 24.60 51.85 -33.10
N TRP A 532 23.84 52.37 -32.15
CA TRP A 532 24.32 52.49 -30.78
C TRP A 532 24.28 51.16 -30.04
N MET A 533 23.52 50.18 -30.53
CA MET A 533 23.53 48.84 -29.95
C MET A 533 24.52 47.90 -30.63
N ARG A 534 24.73 48.06 -31.94
CA ARG A 534 25.68 47.20 -32.63
C ARG A 534 27.09 47.38 -32.09
N ASN A 535 27.48 48.62 -31.81
CA ASN A 535 28.81 48.88 -31.25
C ASN A 535 28.96 48.26 -29.87
N VAL A 536 27.91 48.33 -29.05
CA VAL A 536 28.00 47.82 -27.68
C VAL A 536 27.87 46.29 -27.66
N LEU A 537 26.81 45.77 -28.29
CA LEU A 537 26.54 44.33 -28.28
C LEU A 537 27.15 43.61 -29.47
N GLY A 538 28.26 44.12 -30.02
CA GLY A 538 28.87 43.46 -31.15
C GLY A 538 29.37 42.06 -30.83
N SER A 539 29.87 41.86 -29.60
CA SER A 539 30.38 40.56 -29.21
C SER A 539 29.28 39.55 -28.95
N ARG A 540 28.05 40.01 -28.72
CA ARG A 540 26.95 39.11 -28.42
C ARG A 540 25.86 39.14 -29.48
N VAL A 541 25.36 40.32 -29.83
CA VAL A 541 24.32 40.45 -30.85
C VAL A 541 25.04 40.68 -32.19
N THR A 542 25.07 39.65 -33.02
CA THR A 542 25.75 39.75 -34.30
C THR A 542 25.08 40.75 -35.22
N ASN A 543 23.74 40.74 -35.27
CA ASN A 543 23.00 41.65 -36.13
C ASN A 543 21.64 41.94 -35.50
N VAL A 544 21.16 43.17 -35.72
CA VAL A 544 19.87 43.61 -35.22
C VAL A 544 19.04 44.08 -36.41
N LYS A 545 17.78 43.65 -36.46
CA LYS A 545 16.86 44.03 -37.52
C LYS A 545 15.52 44.39 -36.93
N VAL A 546 14.79 45.27 -37.62
CA VAL A 546 13.53 45.81 -37.13
C VAL A 546 12.41 44.86 -37.50
N THR A 547 11.62 44.45 -36.50
CA THR A 547 10.49 43.57 -36.70
C THR A 547 9.19 44.33 -36.46
N LEU A 548 8.11 43.86 -37.08
CA LEU A 548 6.82 44.55 -37.02
C LEU A 548 5.68 43.65 -36.56
N ARG A 549 5.96 42.47 -36.00
CA ARG A 549 4.92 41.53 -35.60
C ARG A 549 4.87 41.34 -34.09
N LEU A 550 5.44 42.26 -33.32
CA LEU A 550 5.45 42.18 -31.86
C LEU A 550 4.60 43.29 -31.26
N ASP A 551 3.97 42.96 -30.13
CA ASP A 551 3.11 43.90 -29.42
C ASP A 551 3.45 44.03 -27.94
N THR A 552 3.88 42.95 -27.30
CA THR A 552 4.11 42.93 -25.85
C THR A 552 5.57 42.80 -25.46
N HIS A 553 6.36 42.00 -26.17
CA HIS A 553 7.74 41.80 -25.76
C HIS A 553 8.66 42.78 -26.45
N PRO A 554 9.54 43.47 -25.71
CA PRO A 554 10.45 44.42 -26.35
C PRO A 554 11.39 43.82 -27.36
N ALA A 555 11.83 42.57 -27.16
CA ALA A 555 12.84 41.99 -28.02
C ALA A 555 12.66 40.48 -28.12
N MET A 556 13.24 39.91 -29.17
CA MET A 556 13.25 38.47 -29.39
C MET A 556 14.64 38.03 -29.81
N VAL A 557 14.91 36.74 -29.64
CA VAL A 557 16.15 36.12 -30.09
C VAL A 557 15.80 35.02 -31.07
N THR A 558 16.39 35.07 -32.26
CA THR A 558 16.12 34.11 -33.32
C THR A 558 17.41 33.45 -33.77
N VAL A 559 17.36 32.13 -33.96
CA VAL A 559 18.50 31.35 -34.44
C VAL A 559 17.97 30.24 -35.35
N LEU A 560 18.82 29.80 -36.28
CA LEU A 560 18.39 28.82 -37.27
C LEU A 560 18.00 27.50 -36.61
N GLU A 561 18.97 26.83 -35.98
CA GLU A 561 18.72 25.55 -35.32
C GLU A 561 18.35 25.78 -33.86
N MET A 562 17.13 26.32 -33.69
CA MET A 562 16.65 26.63 -32.33
C MET A 562 16.51 25.36 -31.50
N GLY A 563 15.98 24.29 -32.10
CA GLY A 563 15.85 23.05 -31.37
C GLY A 563 17.19 22.47 -30.94
N ALA A 564 18.16 22.47 -31.85
CA ALA A 564 19.49 21.99 -31.52
C ALA A 564 20.17 22.91 -30.49
N ALA A 565 20.02 24.22 -30.65
CA ALA A 565 20.63 25.16 -29.71
C ALA A 565 20.04 24.99 -28.32
N ARG A 566 18.72 24.83 -28.22
CA ARG A 566 18.10 24.59 -26.92
C ARG A 566 18.49 23.24 -26.33
N HIS A 567 18.99 22.32 -27.16
CA HIS A 567 19.43 21.01 -26.72
C HIS A 567 20.94 20.96 -26.47
N PHE A 568 21.73 21.51 -27.40
CA PHE A 568 23.18 21.50 -27.24
C PHE A 568 23.61 22.32 -26.02
N LEU A 569 23.00 23.49 -25.83
CA LEU A 569 23.35 24.34 -24.69
C LEU A 569 22.99 23.67 -23.37
N ARG A 570 21.82 23.03 -23.30
CA ARG A 570 21.44 22.32 -22.09
C ARG A 570 22.30 21.09 -21.88
N MET A 571 22.77 20.47 -22.97
CA MET A 571 23.61 19.29 -22.86
C MET A 571 25.03 19.63 -22.40
N GLN A 572 25.58 20.75 -22.86
CA GLN A 572 26.92 21.14 -22.44
C GLN A 572 26.97 21.46 -20.95
N GLN A 573 25.97 22.19 -20.44
CA GLN A 573 25.89 22.41 -19.01
C GLN A 573 25.50 21.14 -18.26
N LEU A 574 24.94 20.15 -18.95
CA LEU A 574 24.65 18.87 -18.32
C LEU A 574 25.92 18.06 -18.10
N ALA A 575 26.85 18.12 -19.04
CA ALA A 575 28.10 17.38 -18.93
C ALA A 575 29.14 18.03 -19.83
N LYS A 576 30.39 18.07 -19.35
CA LYS A 576 31.51 18.62 -20.11
C LYS A 576 31.93 17.61 -21.16
N THR A 577 31.17 17.57 -22.26
CA THR A 577 31.38 16.63 -23.34
C THR A 577 31.89 17.37 -24.58
N GLN A 578 32.03 16.64 -25.68
CA GLN A 578 32.52 17.20 -26.93
C GLN A 578 31.58 18.27 -27.48
N LEU A 584 30.50 29.67 -30.14
CA LEU A 584 29.16 29.34 -29.68
C LEU A 584 28.18 29.35 -30.85
N LEU A 585 27.46 30.46 -31.01
CA LEU A 585 26.48 30.61 -32.08
C LEU A 585 26.30 32.09 -32.36
N GLN A 586 25.46 32.40 -33.35
CA GLN A 586 25.18 33.77 -33.74
C GLN A 586 23.72 34.10 -33.49
N PRO A 587 23.38 34.74 -32.38
CA PRO A 587 21.99 35.11 -32.13
C PRO A 587 21.64 36.45 -32.77
N THR A 588 20.37 36.59 -33.12
CA THR A 588 19.85 37.80 -33.73
C THR A 588 18.78 38.41 -32.83
N LEU A 589 18.85 39.71 -32.62
CA LEU A 589 17.93 40.42 -31.74
C LEU A 589 17.06 41.36 -32.57
N GLU A 590 15.76 41.33 -32.30
CA GLU A 590 14.79 42.15 -33.02
C GLU A 590 14.07 43.04 -32.02
N ILE A 591 14.04 44.34 -32.30
CA ILE A 591 13.40 45.30 -31.41
C ILE A 591 12.01 45.63 -31.93
N ASN A 592 11.11 46.00 -31.01
CA ASN A 592 9.76 46.38 -31.36
C ASN A 592 9.57 47.88 -31.14
N PRO A 593 9.50 48.68 -32.19
CA PRO A 593 9.37 50.15 -32.00
C PRO A 593 8.14 50.56 -31.22
N ARG A 594 7.01 49.85 -31.39
CA ARG A 594 5.78 50.25 -30.71
C ARG A 594 5.80 49.99 -29.21
N HIS A 595 6.80 49.26 -28.71
CA HIS A 595 6.89 49.01 -27.28
C HIS A 595 7.16 50.30 -26.52
N ALA A 596 6.54 50.41 -25.34
CA ALA A 596 6.68 51.63 -24.54
C ALA A 596 8.12 51.83 -24.08
N LEU A 597 8.78 50.74 -23.67
CA LEU A 597 10.16 50.86 -23.17
C LEU A 597 11.11 51.31 -24.26
N ILE A 598 10.92 50.82 -25.49
CA ILE A 598 11.80 51.20 -26.59
C ILE A 598 11.64 52.67 -26.92
N LYS A 599 10.41 53.20 -26.79
CA LYS A 599 10.19 54.62 -27.01
C LYS A 599 11.00 55.47 -26.02
N LYS A 600 11.13 54.98 -24.78
CA LYS A 600 11.89 55.71 -23.77
C LYS A 600 13.38 55.73 -24.06
N LEU A 601 13.87 54.82 -24.91
CA LEU A 601 15.30 54.76 -25.18
C LEU A 601 15.81 55.96 -25.97
N ASN A 602 14.91 56.75 -26.58
CA ASN A 602 15.35 57.91 -27.34
C ASN A 602 15.80 59.03 -26.41
N GLN A 603 15.07 59.26 -25.32
CA GLN A 603 15.34 60.35 -24.40
C GLN A 603 16.30 59.96 -23.29
N LEU A 604 16.76 58.71 -23.25
CA LEU A 604 17.64 58.25 -22.19
C LEU A 604 19.12 58.39 -22.54
N ARG A 605 19.47 58.20 -23.81
CA ARG A 605 20.88 58.27 -24.21
C ARG A 605 21.46 59.66 -24.00
N ALA A 606 20.69 60.70 -24.35
CA ALA A 606 21.19 62.06 -24.27
C ALA A 606 21.25 62.60 -22.85
N SER A 607 20.69 61.89 -21.87
CA SER A 607 20.65 62.35 -20.49
C SER A 607 21.55 61.55 -19.56
N GLU A 608 21.40 60.23 -19.53
CA GLU A 608 22.22 59.35 -18.69
C GLU A 608 22.80 58.25 -19.56
N PRO A 609 23.89 58.53 -20.27
CA PRO A 609 24.52 57.49 -21.10
C PRO A 609 24.95 56.27 -20.30
N GLY A 610 25.40 56.46 -19.06
CA GLY A 610 25.80 55.31 -18.24
C GLY A 610 24.63 54.40 -17.92
N LEU A 611 23.49 54.98 -17.54
CA LEU A 611 22.32 54.17 -17.22
C LEU A 611 21.77 53.46 -18.46
N ALA A 612 21.91 54.08 -19.64
CA ALA A 612 21.39 53.49 -20.86
C ALA A 612 22.10 52.18 -21.18
N GLN A 613 23.43 52.13 -20.96
CA GLN A 613 24.18 50.93 -21.29
C GLN A 613 23.72 49.73 -20.48
N LEU A 614 23.47 49.93 -19.17
CA LEU A 614 23.00 48.84 -18.34
C LEU A 614 21.59 48.39 -18.73
N LEU A 615 20.74 49.33 -19.14
CA LEU A 615 19.37 48.98 -19.50
C LEU A 615 19.33 48.02 -20.69
N VAL A 616 20.16 48.29 -21.71
CA VAL A 616 20.22 47.40 -22.86
C VAL A 616 20.76 46.04 -22.47
N ASP A 617 21.76 46.01 -21.59
CA ASP A 617 22.29 44.74 -21.10
C ASP A 617 21.25 43.97 -20.29
N GLN A 618 20.21 44.64 -19.79
CA GLN A 618 19.10 43.97 -19.14
C GLN A 618 18.05 43.52 -20.13
N ILE A 619 17.79 44.32 -21.17
CA ILE A 619 16.85 43.92 -22.21
C ILE A 619 17.38 42.73 -23.00
N TYR A 620 18.68 42.74 -23.30
CA TYR A 620 19.26 41.66 -24.09
C TYR A 620 19.16 40.32 -23.37
N GLU A 621 19.46 40.31 -22.06
CA GLU A 621 19.35 39.06 -21.31
C GLU A 621 17.91 38.64 -21.11
N ASN A 622 16.98 39.60 -21.01
CA ASN A 622 15.57 39.26 -20.91
C ASN A 622 15.08 38.54 -22.17
N ALA A 623 15.51 39.00 -23.35
CA ALA A 623 15.15 38.32 -24.58
C ALA A 623 15.74 36.91 -24.64
N MET A 624 16.98 36.77 -24.17
CA MET A 624 17.62 35.45 -24.17
C MET A 624 16.87 34.48 -23.26
N ILE A 625 16.39 34.96 -22.11
CA ILE A 625 15.65 34.09 -21.20
C ILE A 625 14.36 33.61 -21.84
N ALA A 626 13.64 34.52 -22.51
CA ALA A 626 12.39 34.15 -23.16
C ALA A 626 12.64 33.15 -24.30
N ALA A 627 13.72 33.34 -25.05
CA ALA A 627 14.01 32.44 -26.16
C ALA A 627 14.28 31.02 -25.66
N GLY A 628 15.01 30.89 -24.55
CA GLY A 628 15.36 29.59 -24.01
C GLY A 628 16.84 29.26 -24.06
N LEU A 629 17.68 30.18 -24.55
CA LEU A 629 19.12 29.98 -24.59
C LEU A 629 19.81 30.50 -23.34
N VAL A 630 19.10 30.60 -22.23
CA VAL A 630 19.64 31.19 -21.01
C VAL A 630 20.56 30.19 -20.31
N ASP A 631 21.70 30.68 -19.85
CA ASP A 631 22.61 29.90 -19.02
C ASP A 631 22.10 29.91 -17.58
N ASP A 632 22.94 29.51 -16.64
CA ASP A 632 22.57 29.59 -15.22
C ASP A 632 22.34 31.05 -14.85
N PRO A 633 21.16 31.43 -14.37
CA PRO A 633 20.84 32.86 -14.17
C PRO A 633 21.46 33.47 -12.92
N ARG A 634 22.43 32.82 -12.29
CA ARG A 634 23.05 33.40 -11.10
C ARG A 634 23.88 34.63 -11.45
N ALA A 635 24.42 34.70 -12.66
CA ALA A 635 25.34 35.76 -13.03
C ALA A 635 24.65 37.09 -13.32
N MET A 636 23.35 37.09 -13.60
CA MET A 636 22.65 38.32 -13.95
C MET A 636 22.14 39.09 -12.73
N VAL A 637 22.34 38.58 -11.53
CA VAL A 637 21.88 39.27 -10.33
C VAL A 637 22.66 40.56 -10.13
N GLY A 638 23.97 40.53 -10.38
CA GLY A 638 24.78 41.72 -10.17
C GLY A 638 24.38 42.88 -11.06
N ARG A 639 24.09 42.60 -12.34
CA ARG A 639 23.69 43.66 -13.25
C ARG A 639 22.27 44.14 -12.98
N LEU A 640 21.47 43.38 -12.23
CA LEU A 640 20.09 43.72 -11.97
C LEU A 640 19.94 44.67 -10.79
N ASN A 641 20.55 44.33 -9.65
CA ASN A 641 20.45 45.18 -8.47
C ASN A 641 21.10 46.54 -8.70
N GLU A 642 22.24 46.55 -9.39
CA GLU A 642 22.92 47.82 -9.66
C GLU A 642 22.09 48.71 -10.56
N LEU A 643 21.38 48.13 -11.53
CA LEU A 643 20.50 48.92 -12.37
C LEU A 643 19.31 49.48 -11.60
N LEU A 644 18.76 48.69 -10.68
CA LEU A 644 17.57 49.11 -9.95
C LEU A 644 17.85 50.28 -9.03
N VAL A 645 19.00 50.28 -8.34
CA VAL A 645 19.30 51.32 -7.36
C VAL A 645 19.58 52.67 -7.99
N LYS A 646 19.76 52.72 -9.32
CA LYS A 646 19.99 53.98 -10.01
C LYS A 646 18.82 54.43 -10.86
N ALA A 647 17.88 53.54 -11.18
CA ALA A 647 16.76 53.88 -12.04
C ALA A 647 15.54 54.41 -11.29
N LEU A 648 15.55 54.37 -9.96
CA LEU A 648 14.41 54.81 -9.17
C LEU A 648 14.73 56.02 -8.29
N GLU A 649 15.87 56.67 -8.51
CA GLU A 649 16.25 57.86 -7.74
C GLU A 649 15.65 59.15 -8.32
N ARG A 650 14.33 59.16 -8.56
CA ARG A 650 13.68 60.34 -9.10
C ARG A 650 12.40 60.64 -8.34
N HIS A 651 11.81 59.61 -7.73
CA HIS A 651 10.57 59.77 -6.98
C HIS A 651 10.79 60.55 -5.69
N PRO B 17 -1.86 -31.39 6.78
CA PRO B 17 -1.70 -32.31 5.64
C PRO B 17 -0.45 -33.19 5.78
N LEU B 18 -0.01 -33.40 7.01
CA LEU B 18 1.24 -34.12 7.27
C LEU B 18 0.99 -35.61 7.04
N HIS B 19 1.11 -36.04 5.79
CA HIS B 19 1.05 -37.45 5.43
C HIS B 19 2.17 -37.72 4.44
N SER B 20 3.18 -38.49 4.88
CA SER B 20 4.35 -38.78 4.08
C SER B 20 4.42 -40.26 3.78
N ILE B 21 4.55 -40.61 2.50
CA ILE B 21 4.72 -42.01 2.09
C ILE B 21 6.16 -42.47 2.21
N ILE B 22 7.06 -41.62 2.72
CA ILE B 22 8.46 -41.98 2.84
C ILE B 22 8.64 -42.94 4.00
N SER B 23 9.32 -44.06 3.74
CA SER B 23 9.61 -45.05 4.77
C SER B 23 10.94 -45.72 4.42
N SER B 24 11.30 -46.74 5.21
CA SER B 24 12.52 -47.50 4.98
C SER B 24 12.23 -49.01 4.93
N THR B 25 11.01 -49.39 4.58
CA THR B 25 10.67 -50.82 4.51
C THR B 25 11.44 -51.52 3.39
N GLU B 26 11.66 -50.82 2.27
CA GLU B 26 12.36 -51.42 1.15
C GLU B 26 13.81 -51.75 1.51
N SER B 27 14.30 -52.85 0.95
CA SER B 27 15.67 -53.30 1.20
C SER B 27 16.08 -54.21 0.05
N VAL B 28 17.35 -54.63 0.09
CA VAL B 28 17.93 -55.50 -0.93
C VAL B 28 17.90 -56.93 -0.44
N GLN B 29 17.44 -57.84 -1.29
CA GLN B 29 17.37 -59.26 -0.97
C GLN B 29 18.17 -60.12 -1.93
N GLY B 30 18.03 -59.91 -3.23
CA GLY B 30 18.69 -60.74 -4.22
C GLY B 30 20.12 -60.34 -4.49
N SER B 31 20.76 -61.10 -5.36
CA SER B 31 22.15 -60.85 -5.72
C SER B 31 22.26 -59.61 -6.59
N THR B 32 23.37 -58.89 -6.45
CA THR B 32 23.62 -57.67 -7.20
C THR B 32 24.37 -57.99 -8.49
N SER B 33 23.91 -57.38 -9.59
CA SER B 33 24.53 -57.56 -10.89
C SER B 33 25.59 -56.48 -11.10
N LYS B 34 26.08 -56.37 -12.34
CA LYS B 34 27.06 -55.34 -12.68
C LYS B 34 26.87 -54.95 -14.14
N HIS B 35 26.91 -53.64 -14.41
CA HIS B 35 26.70 -53.12 -15.75
C HIS B 35 27.61 -51.92 -15.98
N GLU B 36 27.81 -51.62 -17.26
CA GLU B 36 28.65 -50.50 -17.69
C GLU B 36 27.81 -49.44 -18.38
N PHE B 37 28.13 -48.18 -18.12
CA PHE B 37 27.39 -47.07 -18.73
C PHE B 37 27.56 -47.07 -20.23
N GLN B 38 26.49 -46.78 -20.95
CA GLN B 38 26.47 -46.67 -22.40
C GLN B 38 26.04 -45.28 -22.81
N ALA B 39 26.05 -45.02 -24.11
CA ALA B 39 25.66 -43.72 -24.64
C ALA B 39 25.02 -43.90 -26.02
N GLU B 40 24.22 -42.92 -26.41
CA GLU B 40 23.56 -42.88 -27.71
C GLU B 40 24.28 -41.85 -28.58
N THR B 41 24.96 -42.33 -29.61
CA THR B 41 25.77 -41.44 -30.45
C THR B 41 24.91 -40.47 -31.24
N LYS B 42 23.79 -40.95 -31.79
CA LYS B 42 22.97 -40.10 -32.65
C LYS B 42 22.40 -38.92 -31.88
N LYS B 43 21.87 -39.16 -30.69
CA LYS B 43 21.33 -38.07 -29.88
C LYS B 43 22.42 -37.10 -29.47
N LEU B 44 23.61 -37.60 -29.16
CA LEU B 44 24.73 -36.73 -28.81
C LEU B 44 25.10 -35.82 -29.98
N LEU B 45 25.17 -36.40 -31.20
CA LEU B 45 25.47 -35.59 -32.37
C LEU B 45 24.39 -34.54 -32.62
N ASP B 46 23.12 -34.93 -32.46
CA ASP B 46 22.03 -33.98 -32.64
C ASP B 46 22.11 -32.85 -31.63
N ILE B 47 22.40 -33.17 -30.38
CA ILE B 47 22.52 -32.14 -29.34
C ILE B 47 23.68 -31.21 -29.66
N VAL B 48 24.82 -31.77 -30.06
CA VAL B 48 25.99 -30.94 -30.35
C VAL B 48 25.72 -30.01 -31.53
N ALA B 49 25.09 -30.53 -32.59
CA ALA B 49 24.90 -29.77 -33.81
C ALA B 49 23.63 -28.92 -33.81
N ARG B 50 22.79 -29.03 -32.80
CA ARG B 50 21.54 -28.28 -32.86
C ARG B 50 21.28 -27.40 -31.65
N SER B 51 21.63 -27.86 -30.44
CA SER B 51 21.27 -27.16 -29.21
C SER B 51 22.48 -27.00 -28.29
N LEU B 52 23.63 -26.64 -28.86
CA LEU B 52 24.83 -26.39 -28.07
C LEU B 52 25.36 -24.98 -28.23
N TYR B 53 25.48 -24.49 -29.46
CA TYR B 53 26.04 -23.18 -29.74
C TYR B 53 24.94 -22.24 -30.21
N SER B 54 24.88 -21.05 -29.61
CA SER B 54 23.85 -20.08 -29.96
C SER B 54 24.01 -19.57 -31.39
N GLU B 55 25.24 -19.27 -31.80
CA GLU B 55 25.51 -18.70 -33.11
C GLU B 55 26.22 -19.73 -33.99
N LYS B 56 25.94 -19.65 -35.29
CA LYS B 56 26.37 -20.67 -36.25
C LYS B 56 27.78 -20.45 -36.78
N GLU B 57 28.47 -19.39 -36.35
CA GLU B 57 29.76 -19.01 -36.91
C GLU B 57 30.95 -19.49 -36.07
N VAL B 58 30.73 -20.35 -35.09
CA VAL B 58 31.82 -20.78 -34.20
C VAL B 58 32.66 -21.92 -34.76
N PHE B 59 32.23 -22.55 -35.85
CA PHE B 59 32.97 -23.69 -36.37
C PHE B 59 34.34 -23.28 -36.92
N ILE B 60 34.41 -22.09 -37.53
CA ILE B 60 35.69 -21.58 -38.02
C ILE B 60 36.65 -21.40 -36.86
N ARG B 61 36.17 -20.81 -35.76
CA ARG B 61 37.02 -20.62 -34.58
C ARG B 61 37.47 -21.96 -34.00
N GLU B 62 36.56 -22.92 -33.92
CA GLU B 62 36.93 -24.23 -33.38
C GLU B 62 37.99 -24.91 -34.23
N LEU B 63 37.83 -24.88 -35.55
CA LEU B 63 38.80 -25.56 -36.41
C LEU B 63 40.13 -24.81 -36.42
N ILE B 64 40.11 -23.48 -36.32
CA ILE B 64 41.34 -22.71 -36.21
C ILE B 64 42.06 -23.06 -34.92
N SER B 65 41.32 -23.20 -33.82
CA SER B 65 41.93 -23.61 -32.56
C SER B 65 42.53 -25.01 -32.66
N ASN B 66 41.85 -25.91 -33.34
CA ASN B 66 42.39 -27.26 -33.54
C ASN B 66 43.69 -27.21 -34.35
N ALA B 67 43.72 -26.40 -35.41
CA ALA B 67 44.94 -26.26 -36.20
C ALA B 67 46.08 -25.67 -35.37
N SER B 68 45.77 -24.67 -34.54
CA SER B 68 46.78 -24.09 -33.67
C SER B 68 47.31 -25.11 -32.67
N ASP B 69 46.42 -25.94 -32.12
CA ASP B 69 46.86 -27.00 -31.22
C ASP B 69 47.77 -27.99 -31.92
N ALA B 70 47.44 -28.37 -33.15
CA ALA B 70 48.29 -29.28 -33.90
C ALA B 70 49.66 -28.65 -34.17
N LEU B 71 49.68 -27.37 -34.53
CA LEU B 71 50.96 -26.69 -34.76
C LEU B 71 51.78 -26.60 -33.48
N GLU B 72 51.12 -26.36 -32.34
CA GLU B 72 51.83 -26.33 -31.07
C GLU B 72 52.42 -27.69 -30.74
N LYS B 73 51.66 -28.76 -30.99
CA LYS B 73 52.19 -30.11 -30.77
C LYS B 73 53.41 -30.37 -31.64
N LEU B 74 53.34 -29.98 -32.92
CA LEU B 74 54.48 -30.16 -33.80
C LEU B 74 55.69 -29.34 -33.34
N ARG B 75 55.45 -28.11 -32.88
CA ARG B 75 56.55 -27.27 -32.40
C ARG B 75 57.20 -27.89 -31.18
N HIS B 76 56.40 -28.41 -30.24
CA HIS B 76 56.98 -29.05 -29.07
C HIS B 76 57.76 -30.30 -29.45
N LYS B 77 57.24 -31.09 -30.39
CA LYS B 77 57.96 -32.27 -30.83
C LYS B 77 59.29 -31.91 -31.48
N LEU B 78 59.30 -30.83 -32.26
CA LEU B 78 60.51 -30.44 -32.99
C LEU B 78 61.50 -29.66 -32.15
N VAL B 79 61.08 -29.14 -30.99
CA VAL B 79 62.04 -28.47 -30.11
C VAL B 79 62.54 -29.46 -29.06
N SER B 80 61.74 -30.49 -28.77
CA SER B 80 62.14 -31.48 -27.78
C SER B 80 63.36 -32.27 -28.25
N ASP B 81 63.40 -32.64 -29.52
CA ASP B 81 64.53 -33.40 -30.06
C ASP B 81 65.69 -32.52 -30.51
N GLY B 82 65.56 -31.20 -30.40
CA GLY B 82 66.62 -30.29 -30.77
C GLY B 82 66.97 -30.32 -32.25
N GLN B 83 65.96 -30.28 -33.11
CA GLN B 83 66.15 -30.27 -34.55
C GLN B 83 65.68 -28.92 -35.11
N ALA B 84 65.82 -28.76 -36.42
CA ALA B 84 65.45 -27.52 -37.07
C ALA B 84 63.94 -27.31 -37.02
N LEU B 85 63.52 -26.06 -37.20
CA LEU B 85 62.13 -25.68 -37.09
C LEU B 85 61.58 -25.28 -38.45
N PRO B 86 60.76 -26.11 -39.10
CA PRO B 86 60.18 -25.72 -40.40
C PRO B 86 59.09 -24.69 -40.26
N GLU B 87 58.41 -24.38 -41.36
CA GLU B 87 57.40 -23.34 -41.38
C GLU B 87 56.06 -23.88 -40.84
N MET B 88 55.42 -23.11 -39.98
CA MET B 88 54.07 -23.38 -39.50
C MET B 88 53.13 -22.35 -40.07
N GLU B 89 52.07 -22.81 -40.73
CA GLU B 89 51.17 -21.90 -41.43
C GLU B 89 49.75 -22.44 -41.40
N ILE B 90 48.79 -21.52 -41.53
CA ILE B 90 47.37 -21.84 -41.67
C ILE B 90 46.88 -21.19 -42.95
N HIS B 91 46.21 -21.97 -43.79
CA HIS B 91 45.75 -21.50 -45.10
C HIS B 91 44.25 -21.70 -45.21
N LEU B 92 43.51 -20.60 -45.24
CA LEU B 92 42.07 -20.63 -45.46
C LEU B 92 41.77 -20.32 -46.92
N GLN B 93 40.88 -21.10 -47.52
CA GLN B 93 40.51 -20.94 -48.92
C GLN B 93 38.98 -20.93 -49.03
N THR B 94 38.49 -20.18 -50.02
CA THR B 94 37.06 -20.03 -50.25
C THR B 94 36.77 -20.25 -51.73
N ASN B 95 35.60 -20.83 -52.00
CA ASN B 95 35.18 -21.14 -53.37
C ASN B 95 33.70 -20.80 -53.48
N ALA B 96 33.39 -19.75 -54.24
CA ALA B 96 32.00 -19.29 -54.34
C ALA B 96 31.14 -20.27 -55.13
N GLU B 97 31.61 -20.72 -56.29
CA GLU B 97 30.81 -21.61 -57.12
C GLU B 97 30.69 -22.99 -56.50
N LYS B 98 31.78 -23.52 -55.94
CA LYS B 98 31.70 -24.82 -55.29
C LYS B 98 31.00 -24.74 -53.94
N GLY B 99 31.02 -23.58 -53.31
CA GLY B 99 30.45 -23.45 -51.98
C GLY B 99 31.20 -24.24 -50.93
N THR B 100 32.53 -24.24 -50.99
CA THR B 100 33.36 -25.00 -50.08
C THR B 100 34.40 -24.10 -49.42
N ILE B 101 34.79 -24.47 -48.21
CA ILE B 101 35.83 -23.77 -47.47
C ILE B 101 36.90 -24.78 -47.06
N THR B 102 38.16 -24.38 -47.24
CA THR B 102 39.29 -25.27 -46.98
C THR B 102 40.23 -24.59 -45.99
N ILE B 103 40.62 -25.33 -44.95
CA ILE B 103 41.58 -24.85 -43.95
C ILE B 103 42.68 -25.91 -43.86
N GLN B 104 43.78 -25.69 -44.56
CA GLN B 104 44.90 -26.62 -44.57
C GLN B 104 45.88 -26.29 -43.46
N ASP B 105 46.38 -27.32 -42.79
CA ASP B 105 47.33 -27.18 -41.70
C ASP B 105 48.56 -28.02 -41.98
N THR B 106 49.67 -27.63 -41.36
CA THR B 106 50.95 -28.32 -41.51
C THR B 106 51.49 -28.70 -40.13
N GLY B 107 50.63 -29.30 -39.32
CA GLY B 107 50.98 -29.70 -37.97
C GLY B 107 51.54 -31.09 -37.87
N ILE B 108 51.30 -31.75 -36.73
CA ILE B 108 51.83 -33.08 -36.50
C ILE B 108 51.21 -34.07 -37.47
N GLY B 109 49.90 -34.02 -37.64
CA GLY B 109 49.18 -34.97 -38.45
C GLY B 109 48.74 -36.19 -37.65
N MET B 110 47.77 -36.90 -38.21
CA MET B 110 47.19 -38.07 -37.56
C MET B 110 47.15 -39.25 -38.54
N THR B 111 47.50 -40.42 -38.03
CA THR B 111 47.39 -41.65 -38.80
C THR B 111 46.02 -42.29 -38.54
N GLN B 112 45.86 -43.53 -38.96
CA GLN B 112 44.56 -44.20 -38.83
C GLN B 112 44.15 -44.37 -37.37
N GLU B 113 45.10 -44.78 -36.52
CA GLU B 113 44.77 -45.03 -35.12
C GLU B 113 44.33 -43.76 -34.41
N GLU B 114 45.08 -42.67 -34.60
CA GLU B 114 44.69 -41.40 -33.99
C GLU B 114 43.38 -40.89 -34.56
N LEU B 115 43.16 -41.09 -35.87
CA LEU B 115 41.92 -40.65 -36.49
C LEU B 115 40.71 -41.37 -35.90
N VAL B 116 40.82 -42.69 -35.74
CA VAL B 116 39.67 -43.44 -35.21
C VAL B 116 39.50 -43.19 -33.72
N SER B 117 40.60 -42.98 -32.98
CA SER B 117 40.50 -42.79 -31.54
C SER B 117 39.95 -41.41 -31.19
N ASN B 118 40.42 -40.37 -31.88
CA ASN B 118 40.05 -39.00 -31.53
C ASN B 118 38.82 -38.52 -32.29
N LEU B 119 38.87 -38.58 -33.63
CA LEU B 119 37.77 -38.06 -34.43
C LEU B 119 36.53 -38.93 -34.30
N GLY B 120 36.71 -40.25 -34.20
CA GLY B 120 35.61 -41.18 -34.16
C GLY B 120 34.97 -41.41 -32.81
N THR B 121 35.44 -40.76 -31.76
CA THR B 121 34.91 -40.93 -30.42
C THR B 121 34.53 -39.57 -29.86
N ILE B 122 33.31 -39.47 -29.32
CA ILE B 122 32.84 -38.22 -28.73
C ILE B 122 33.49 -38.02 -27.38
N ALA B 123 33.78 -36.76 -27.04
CA ALA B 123 34.38 -36.39 -25.76
C ALA B 123 35.71 -37.10 -25.53
N ARG B 124 36.48 -37.30 -26.59
CA ARG B 124 37.82 -37.88 -26.50
C ARG B 124 38.79 -36.93 -27.18
N SER B 125 39.77 -36.44 -26.43
CA SER B 125 40.77 -35.51 -26.94
C SER B 125 42.15 -36.04 -26.61
N GLY B 126 43.01 -36.14 -27.63
CA GLY B 126 44.39 -36.55 -27.41
C GLY B 126 45.27 -35.49 -26.79
N SER B 127 44.82 -34.23 -26.79
CA SER B 127 45.60 -33.17 -26.17
C SER B 127 45.70 -33.35 -24.66
N LYS B 128 44.62 -33.79 -24.02
CA LYS B 128 44.64 -33.99 -22.57
C LYS B 128 45.65 -35.06 -22.17
N ALA B 129 45.68 -36.17 -22.91
CA ALA B 129 46.72 -37.17 -22.66
C ALA B 129 48.10 -36.61 -22.93
N PHE B 130 48.24 -35.85 -24.02
CA PHE B 130 49.52 -35.22 -24.31
C PHE B 130 49.91 -34.20 -23.24
N LEU B 131 48.94 -33.43 -22.74
CA LEU B 131 49.23 -32.45 -21.72
C LEU B 131 49.62 -33.12 -20.40
N ASP B 132 48.94 -34.21 -20.04
CA ASP B 132 49.26 -34.89 -18.79
C ASP B 132 50.59 -35.63 -18.88
N ALA B 133 50.89 -36.21 -20.04
CA ALA B 133 52.16 -36.91 -20.25
C ALA B 133 53.31 -35.96 -20.52
N LEU B 134 53.13 -34.66 -20.29
CA LEU B 134 54.19 -33.70 -20.54
C LEU B 134 55.26 -33.73 -19.45
N GLN B 135 54.88 -34.04 -18.21
CA GLN B 135 55.73 -34.16 -17.03
C GLN B 135 56.31 -32.83 -16.56
N ASN B 136 56.07 -31.74 -17.26
CA ASN B 136 56.57 -30.44 -16.81
C ASN B 136 55.49 -29.36 -16.75
N GLN B 137 54.56 -29.34 -17.71
CA GLN B 137 53.49 -28.35 -17.76
C GLN B 137 54.05 -26.94 -17.67
N ALA B 138 55.09 -26.66 -18.45
CA ALA B 138 55.82 -25.41 -18.38
C ALA B 138 55.65 -24.53 -19.61
N GLU B 139 55.95 -25.06 -20.80
CA GLU B 139 55.95 -24.25 -22.01
C GLU B 139 54.81 -24.55 -22.97
N ALA B 140 54.18 -25.72 -22.88
CA ALA B 140 53.12 -26.10 -23.79
C ALA B 140 51.75 -26.17 -23.16
N SER B 141 51.66 -26.39 -21.85
CA SER B 141 50.37 -26.52 -21.19
C SER B 141 49.60 -25.21 -21.14
N SER B 142 50.27 -24.08 -21.34
CA SER B 142 49.61 -22.78 -21.34
C SER B 142 49.13 -22.35 -22.71
N LYS B 143 49.46 -23.11 -23.77
CA LYS B 143 49.06 -22.76 -25.13
C LYS B 143 48.19 -23.83 -25.77
N ILE B 144 47.61 -24.72 -24.97
CA ILE B 144 46.69 -25.74 -25.47
C ILE B 144 45.27 -25.30 -25.11
N ILE B 145 44.41 -25.20 -26.11
CA ILE B 145 43.06 -24.69 -25.94
C ILE B 145 42.06 -25.82 -25.71
N GLY B 146 42.09 -26.84 -26.56
CA GLY B 146 41.12 -27.91 -26.49
C GLY B 146 41.16 -28.72 -25.21
N GLN B 147 40.01 -28.86 -24.55
CA GLN B 147 39.91 -29.68 -23.35
C GLN B 147 38.66 -30.55 -23.29
N PHE B 148 37.66 -30.33 -24.14
CA PHE B 148 36.39 -31.06 -24.05
C PHE B 148 36.32 -32.25 -24.99
N GLY B 149 36.75 -32.09 -26.24
CA GLY B 149 36.73 -33.17 -27.20
C GLY B 149 35.56 -33.20 -28.15
N VAL B 150 34.73 -32.14 -28.19
CA VAL B 150 33.58 -32.07 -29.07
C VAL B 150 33.66 -30.88 -30.02
N GLY B 151 34.84 -30.26 -30.15
CA GLY B 151 34.95 -29.08 -30.99
C GLY B 151 34.79 -29.40 -32.47
N PHE B 152 35.34 -30.51 -32.93
CA PHE B 152 35.30 -30.84 -34.36
C PHE B 152 33.88 -31.11 -34.83
N TYR B 153 33.02 -31.64 -33.97
CA TYR B 153 31.68 -32.01 -34.37
C TYR B 153 30.76 -30.82 -34.60
N SER B 154 31.25 -29.60 -34.40
CA SER B 154 30.47 -28.41 -34.74
C SER B 154 30.48 -28.11 -36.24
N ALA B 155 31.30 -28.81 -37.02
CA ALA B 155 31.32 -28.59 -38.46
C ALA B 155 30.06 -29.12 -39.12
N PHE B 156 29.47 -30.19 -38.57
CA PHE B 156 28.22 -30.72 -39.13
C PHE B 156 27.08 -29.72 -39.02
N MET B 157 27.19 -28.75 -38.12
CA MET B 157 26.14 -27.75 -37.95
C MET B 157 25.99 -26.88 -39.19
N VAL B 158 27.06 -26.74 -39.98
CA VAL B 158 27.00 -25.94 -41.21
C VAL B 158 27.25 -26.75 -42.46
N ALA B 159 27.70 -27.99 -42.35
CA ALA B 159 28.09 -28.79 -43.51
C ALA B 159 27.21 -30.03 -43.64
N ASP B 160 26.95 -30.41 -44.89
CA ASP B 160 26.25 -31.65 -45.18
C ASP B 160 27.20 -32.81 -45.45
N ARG B 161 28.50 -32.55 -45.56
CA ARG B 161 29.50 -33.60 -45.77
C ARG B 161 30.86 -33.06 -45.38
N VAL B 162 31.58 -33.79 -44.55
CA VAL B 162 32.90 -33.40 -44.06
C VAL B 162 33.93 -34.35 -44.65
N GLU B 163 34.96 -33.80 -45.26
CA GLU B 163 36.00 -34.58 -45.94
C GLU B 163 37.36 -34.06 -45.51
N VAL B 164 38.16 -34.92 -44.91
CA VAL B 164 39.43 -34.53 -44.29
C VAL B 164 40.54 -35.43 -44.83
N TYR B 165 41.64 -34.80 -45.27
CA TYR B 165 42.85 -35.51 -45.65
C TYR B 165 43.96 -35.12 -44.68
N SER B 166 44.62 -36.13 -44.10
CA SER B 166 45.68 -35.87 -43.14
C SER B 166 46.69 -37.01 -43.17
N ARG B 167 47.90 -36.69 -42.72
CA ARG B 167 48.96 -37.68 -42.58
C ARG B 167 49.96 -37.16 -41.56
N SER B 168 50.52 -38.07 -40.77
CA SER B 168 51.43 -37.67 -39.71
C SER B 168 52.80 -37.29 -40.29
N ALA B 169 53.55 -36.53 -39.50
CA ALA B 169 54.90 -36.12 -39.86
C ALA B 169 55.95 -37.15 -39.48
N ALA B 170 55.53 -38.29 -38.91
CA ALA B 170 56.47 -39.34 -38.55
C ALA B 170 57.13 -39.91 -39.79
N PRO B 171 58.38 -40.38 -39.68
CA PRO B 171 59.07 -40.90 -40.87
C PRO B 171 58.59 -42.28 -41.28
N GLY B 172 57.49 -42.32 -42.04
CA GLY B 172 56.90 -43.57 -42.47
C GLY B 172 55.40 -43.55 -42.51
N SER B 173 54.80 -42.43 -42.12
CA SER B 173 53.35 -42.28 -42.16
C SER B 173 52.87 -42.07 -43.59
N LEU B 174 51.63 -42.47 -43.85
CA LEU B 174 51.01 -42.35 -45.16
C LEU B 174 49.70 -41.58 -45.06
N GLY B 175 49.29 -41.00 -46.19
CA GLY B 175 48.05 -40.25 -46.22
C GLY B 175 46.83 -41.14 -46.11
N TYR B 176 45.71 -40.53 -45.71
CA TYR B 176 44.47 -41.24 -45.52
C TYR B 176 43.31 -40.34 -45.90
N GLN B 177 42.11 -40.91 -45.89
CA GLN B 177 40.88 -40.21 -46.23
C GLN B 177 39.88 -40.36 -45.09
N TRP B 178 38.96 -39.40 -45.03
CA TRP B 178 37.95 -39.40 -43.97
C TRP B 178 36.70 -38.71 -44.48
N LEU B 179 35.60 -39.45 -44.56
CA LEU B 179 34.33 -38.91 -45.03
C LEU B 179 33.25 -39.15 -43.97
N SER B 180 32.32 -38.21 -43.87
CA SER B 180 31.21 -38.33 -42.93
C SER B 180 30.04 -37.50 -43.46
N ASP B 181 28.85 -38.10 -43.44
CA ASP B 181 27.64 -37.42 -43.87
C ASP B 181 26.87 -36.79 -42.72
N GLY B 182 27.39 -36.87 -41.50
CA GLY B 182 26.70 -36.34 -40.35
C GLY B 182 25.56 -37.19 -39.84
N SER B 183 25.48 -38.45 -40.27
CA SER B 183 24.40 -39.35 -39.86
C SER B 183 24.85 -40.36 -38.81
N GLY B 184 25.93 -40.06 -38.09
CA GLY B 184 26.44 -40.95 -37.07
C GLY B 184 27.33 -42.07 -37.57
N VAL B 185 27.57 -42.16 -38.87
CA VAL B 185 28.44 -43.17 -39.45
C VAL B 185 29.46 -42.48 -40.33
N PHE B 186 30.73 -42.83 -40.16
CA PHE B 186 31.83 -42.29 -40.93
C PHE B 186 32.55 -43.41 -41.66
N GLU B 187 33.56 -43.04 -42.46
CA GLU B 187 34.29 -43.99 -43.26
C GLU B 187 35.72 -43.50 -43.43
N ILE B 188 36.66 -44.45 -43.48
CA ILE B 188 38.09 -44.14 -43.60
C ILE B 188 38.67 -44.97 -44.74
N ALA B 189 39.64 -44.38 -45.43
CA ALA B 189 40.29 -45.03 -46.56
C ALA B 189 41.78 -44.69 -46.52
N GLU B 190 42.47 -45.00 -47.61
CA GLU B 190 43.89 -44.72 -47.75
C GLU B 190 44.11 -43.80 -48.94
N ALA B 191 44.97 -42.80 -48.77
CA ALA B 191 45.22 -41.80 -49.79
C ALA B 191 46.72 -41.64 -50.01
N SER B 192 47.07 -41.21 -51.22
CA SER B 192 48.46 -40.98 -51.59
C SER B 192 48.61 -39.56 -52.12
N GLY B 193 49.80 -38.99 -51.89
CA GLY B 193 50.07 -37.63 -52.30
C GLY B 193 49.55 -36.56 -51.37
N VAL B 194 48.97 -36.93 -50.23
CA VAL B 194 48.46 -35.95 -49.28
C VAL B 194 49.62 -35.21 -48.63
N ARG B 195 49.55 -33.89 -48.63
CA ARG B 195 50.60 -33.09 -48.01
C ARG B 195 50.63 -33.29 -46.50
N THR B 196 51.83 -33.22 -45.93
CA THR B 196 51.99 -33.41 -44.50
C THR B 196 51.19 -32.36 -43.72
N GLY B 197 50.52 -32.82 -42.66
CA GLY B 197 49.68 -31.97 -41.85
C GLY B 197 48.23 -32.45 -41.88
N THR B 198 47.31 -31.49 -41.91
CA THR B 198 45.89 -31.79 -41.94
C THR B 198 45.19 -30.82 -42.88
N LYS B 199 44.35 -31.36 -43.76
CA LYS B 199 43.56 -30.56 -44.70
C LYS B 199 42.09 -30.93 -44.53
N ILE B 200 41.25 -29.95 -44.25
CA ILE B 200 39.83 -30.16 -44.01
C ILE B 200 39.06 -29.52 -45.15
N ILE B 201 38.29 -30.34 -45.87
CA ILE B 201 37.43 -29.88 -46.95
C ILE B 201 35.99 -29.91 -46.44
N ILE B 202 35.33 -28.76 -46.48
CA ILE B 202 33.97 -28.62 -45.97
C ILE B 202 33.05 -28.17 -47.10
N HIS B 203 31.98 -28.92 -47.31
CA HIS B 203 30.95 -28.56 -48.27
C HIS B 203 29.77 -27.94 -47.52
N LEU B 204 29.41 -26.73 -47.91
CA LEU B 204 28.46 -25.94 -47.14
C LEU B 204 27.02 -26.41 -47.36
N LYS B 205 26.16 -26.07 -46.41
CA LYS B 205 24.75 -26.38 -46.50
C LYS B 205 24.08 -25.48 -47.54
N SER B 206 22.89 -25.90 -47.98
CA SER B 206 22.15 -25.12 -48.97
C SER B 206 21.80 -23.74 -48.44
N ASP B 207 21.26 -23.68 -47.22
CA ASP B 207 20.87 -22.41 -46.64
C ASP B 207 22.04 -21.68 -45.96
N CYS B 208 23.18 -22.36 -45.78
CA CYS B 208 24.35 -21.77 -45.14
C CYS B 208 25.41 -21.35 -46.15
N LYS B 209 24.98 -20.90 -47.34
CA LYS B 209 25.92 -20.48 -48.37
C LYS B 209 26.49 -19.09 -48.13
N GLU B 210 26.00 -18.37 -47.11
CA GLU B 210 26.55 -17.06 -46.79
C GLU B 210 27.98 -17.14 -46.28
N PHE B 211 28.45 -18.34 -45.90
CA PHE B 211 29.81 -18.52 -45.45
C PHE B 211 30.80 -18.69 -46.59
N SER B 212 30.33 -18.69 -47.83
CA SER B 212 31.20 -18.75 -48.99
C SER B 212 31.62 -17.37 -49.49
N SER B 213 31.21 -16.32 -48.79
CA SER B 213 31.62 -14.95 -49.12
C SER B 213 32.88 -14.59 -48.35
N GLU B 214 33.82 -13.96 -49.04
CA GLU B 214 35.11 -13.62 -48.42
C GLU B 214 34.94 -12.64 -47.26
N ALA B 215 34.05 -11.65 -47.42
CA ALA B 215 33.90 -10.62 -46.40
C ALA B 215 33.41 -11.18 -45.08
N ARG B 216 32.43 -12.09 -45.12
CA ARG B 216 31.88 -12.63 -43.89
C ARG B 216 32.90 -13.49 -43.15
N VAL B 217 33.65 -14.32 -43.89
CA VAL B 217 34.68 -15.14 -43.28
C VAL B 217 35.79 -14.26 -42.71
N ARG B 218 36.15 -13.19 -43.43
CA ARG B 218 37.13 -12.25 -42.90
C ARG B 218 36.65 -11.61 -41.61
N ASP B 219 35.37 -11.24 -41.55
CA ASP B 219 34.82 -10.69 -40.32
C ASP B 219 34.89 -11.70 -39.18
N VAL B 220 34.54 -12.95 -39.44
CA VAL B 220 34.59 -13.98 -38.39
C VAL B 220 36.02 -14.16 -37.88
N VAL B 221 36.97 -14.26 -38.81
CA VAL B 221 38.36 -14.47 -38.41
C VAL B 221 38.91 -13.27 -37.64
N THR B 222 38.63 -12.06 -38.12
CA THR B 222 39.09 -10.86 -37.43
C THR B 222 38.32 -10.59 -36.14
N LYS B 223 37.23 -11.31 -35.91
CA LYS B 223 36.52 -11.17 -34.64
C LYS B 223 36.98 -12.19 -33.60
N TYR B 224 37.24 -13.44 -34.01
CA TYR B 224 37.49 -14.50 -33.05
C TYR B 224 38.95 -14.86 -32.87
N SER B 225 39.73 -14.92 -33.95
CA SER B 225 41.08 -15.51 -33.91
C SER B 225 42.12 -14.52 -34.42
N ASN B 226 42.06 -13.28 -33.92
CA ASN B 226 43.07 -12.29 -34.29
C ASN B 226 44.44 -12.67 -33.76
N PHE B 227 44.52 -13.14 -32.52
CA PHE B 227 45.78 -13.27 -31.79
C PHE B 227 46.28 -14.71 -31.75
N VAL B 228 46.08 -15.47 -32.83
CA VAL B 228 46.64 -16.82 -32.90
C VAL B 228 48.16 -16.73 -32.95
N SER B 229 48.82 -17.69 -32.30
CA SER B 229 50.27 -17.66 -32.15
C SER B 229 51.02 -18.10 -33.41
N PHE B 230 50.32 -18.34 -34.52
CA PHE B 230 50.94 -18.75 -35.76
C PHE B 230 50.43 -17.90 -36.91
N PRO B 231 51.25 -17.70 -37.94
CA PRO B 231 50.79 -16.91 -39.09
C PRO B 231 49.70 -17.64 -39.87
N LEU B 232 48.57 -16.98 -40.06
CA LEU B 232 47.46 -17.52 -40.82
C LEU B 232 47.24 -16.68 -42.06
N TYR B 233 46.67 -17.30 -43.09
CA TYR B 233 46.45 -16.65 -44.37
C TYR B 233 45.03 -16.93 -44.84
N LEU B 234 44.48 -16.00 -45.61
CA LEU B 234 43.16 -16.14 -46.22
C LEU B 234 43.28 -15.78 -47.69
N ASN B 235 43.12 -16.79 -48.55
CA ASN B 235 43.21 -16.63 -50.00
C ASN B 235 44.57 -16.13 -50.46
N GLY B 236 45.61 -16.31 -49.65
CA GLY B 236 46.96 -15.97 -50.07
C GLY B 236 47.68 -14.96 -49.20
N ARG B 237 46.96 -13.95 -48.70
CA ARG B 237 47.56 -12.87 -47.95
C ARG B 237 47.33 -13.05 -46.45
N ARG B 238 48.21 -12.43 -45.66
CA ARG B 238 48.19 -12.58 -44.22
C ARG B 238 47.15 -11.66 -43.59
N MET B 239 46.40 -12.20 -42.63
CA MET B 239 45.36 -11.45 -41.93
C MET B 239 45.76 -11.04 -40.51
N ASN B 240 46.85 -11.56 -39.97
CA ASN B 240 47.19 -11.26 -38.58
C ASN B 240 47.89 -9.90 -38.47
N THR B 241 49.09 -9.80 -39.04
CA THR B 241 49.86 -8.55 -39.14
C THR B 241 49.91 -7.79 -37.82
N LEU B 242 49.82 -8.50 -36.69
CA LEU B 242 49.81 -7.86 -35.38
C LEU B 242 50.03 -8.89 -34.29
N GLN B 243 50.90 -8.57 -33.33
CA GLN B 243 51.24 -9.48 -32.24
C GLN B 243 50.56 -9.06 -30.96
N ALA B 244 50.33 -10.04 -30.08
CA ALA B 244 49.71 -9.79 -28.79
C ALA B 244 50.77 -9.26 -27.83
N ILE B 245 50.64 -7.98 -27.46
CA ILE B 245 51.65 -7.33 -26.63
C ILE B 245 51.42 -7.51 -25.14
N TRP B 246 50.23 -7.91 -24.72
CA TRP B 246 49.96 -8.08 -23.30
C TRP B 246 50.61 -9.34 -22.73
N MET B 247 50.99 -10.28 -23.58
CA MET B 247 51.63 -11.50 -23.10
C MET B 247 53.07 -11.26 -22.67
N MET B 248 53.79 -10.39 -23.38
CA MET B 248 55.18 -10.13 -23.06
C MET B 248 55.30 -9.16 -21.89
N ASP B 249 56.53 -9.01 -21.40
CA ASP B 249 56.79 -8.11 -20.29
C ASP B 249 56.71 -6.67 -20.78
N PRO B 250 56.32 -5.73 -19.90
CA PRO B 250 56.20 -4.33 -20.34
C PRO B 250 57.48 -3.72 -20.88
N LYS B 251 58.66 -4.24 -20.51
CA LYS B 251 59.89 -3.69 -21.05
C LYS B 251 60.10 -4.05 -22.51
N ASP B 252 59.42 -5.08 -23.01
CA ASP B 252 59.58 -5.54 -24.38
C ASP B 252 58.59 -4.87 -25.34
N VAL B 253 57.72 -4.00 -24.85
CA VAL B 253 56.75 -3.30 -25.68
C VAL B 253 57.07 -1.81 -25.65
N GLY B 254 57.11 -1.20 -26.85
CA GLY B 254 57.43 0.20 -26.97
C GLY B 254 56.19 1.06 -27.15
N GLU B 255 56.42 2.37 -27.17
CA GLU B 255 55.31 3.32 -27.31
C GLU B 255 54.60 3.16 -28.65
N TRP B 256 55.38 2.97 -29.74
CA TRP B 256 54.76 2.82 -31.05
C TRP B 256 53.94 1.54 -31.13
N GLN B 257 54.36 0.48 -30.43
CA GLN B 257 53.53 -0.71 -30.32
C GLN B 257 52.23 -0.41 -29.60
N HIS B 258 52.29 0.38 -28.52
CA HIS B 258 51.09 0.71 -27.77
C HIS B 258 50.11 1.52 -28.61
N GLU B 259 50.62 2.46 -29.41
CA GLU B 259 49.75 3.28 -30.24
C GLU B 259 48.97 2.44 -31.23
N GLU B 260 49.63 1.49 -31.89
CA GLU B 260 48.94 0.62 -32.83
C GLU B 260 47.97 -0.31 -32.12
N PHE B 261 48.38 -0.87 -30.98
CA PHE B 261 47.50 -1.75 -30.23
C PHE B 261 46.27 -1.00 -29.70
N TYR B 262 46.48 0.21 -29.18
CA TYR B 262 45.35 1.02 -28.75
C TYR B 262 44.48 1.43 -29.93
N ARG B 263 45.10 1.66 -31.09
CA ARG B 263 44.35 2.02 -32.28
C ARG B 263 43.38 0.90 -32.68
N TYR B 264 43.85 -0.35 -32.63
CA TYR B 264 43.01 -1.47 -33.03
C TYR B 264 41.89 -1.73 -32.02
N VAL B 265 42.23 -1.75 -30.73
CA VAL B 265 41.25 -2.11 -29.71
C VAL B 265 40.19 -1.03 -29.58
N ALA B 266 40.60 0.23 -29.50
CA ALA B 266 39.67 1.32 -29.25
C ALA B 266 39.12 1.97 -30.52
N GLN B 267 39.59 1.55 -31.70
CA GLN B 267 39.13 2.10 -32.97
C GLN B 267 39.34 3.61 -33.05
N ALA B 268 40.34 4.12 -32.35
CA ALA B 268 40.67 5.54 -32.35
C ALA B 268 42.11 5.73 -32.80
N HIS B 269 42.34 6.71 -33.66
CA HIS B 269 43.64 6.92 -34.28
C HIS B 269 44.54 7.86 -33.49
N ASP B 270 44.10 8.33 -32.33
CA ASP B 270 44.90 9.26 -31.53
C ASP B 270 45.88 8.48 -30.66
N LYS B 271 46.52 9.17 -29.72
CA LYS B 271 47.49 8.60 -28.79
C LYS B 271 46.83 8.33 -27.45
N PRO B 272 47.03 7.16 -26.85
CA PRO B 272 46.42 6.87 -25.55
C PRO B 272 47.12 7.64 -24.45
N ARG B 273 46.38 8.53 -23.78
CA ARG B 273 46.97 9.39 -22.76
C ARG B 273 47.44 8.61 -21.54
N TYR B 274 47.00 7.36 -21.38
CA TYR B 274 47.44 6.52 -20.27
C TYR B 274 47.65 5.10 -20.78
N THR B 275 48.49 4.36 -20.07
CA THR B 275 48.81 2.98 -20.45
C THR B 275 49.22 2.21 -19.21
N LEU B 276 48.47 1.16 -18.89
CA LEU B 276 48.75 0.30 -17.74
C LEU B 276 48.89 -1.14 -18.22
N HIS B 277 49.89 -1.84 -17.69
CA HIS B 277 50.18 -3.23 -18.03
C HIS B 277 50.18 -4.02 -16.73
N TYR B 278 49.01 -4.52 -16.33
CA TYR B 278 48.88 -5.24 -15.07
C TYR B 278 49.30 -6.69 -15.23
N LYS B 279 50.07 -7.18 -14.25
CA LYS B 279 50.52 -8.57 -14.24
C LYS B 279 50.56 -9.02 -12.77
N THR B 280 49.55 -9.79 -12.37
CA THR B 280 49.47 -10.29 -11.01
C THR B 280 49.15 -11.78 -11.02
N ASP B 281 49.62 -12.48 -9.99
CA ASP B 281 49.43 -13.92 -9.89
C ASP B 281 48.98 -14.40 -8.52
N ALA B 282 49.19 -13.64 -7.45
CA ALA B 282 48.85 -14.12 -6.11
C ALA B 282 47.36 -14.41 -5.95
N PRO B 283 46.43 -13.52 -6.31
CA PRO B 283 45.02 -13.93 -6.25
C PRO B 283 44.63 -14.87 -7.37
N LEU B 284 45.07 -14.58 -8.59
CA LEU B 284 44.83 -15.40 -9.77
C LEU B 284 45.66 -14.85 -10.91
N ASN B 285 45.97 -15.71 -11.87
CA ASN B 285 46.80 -15.32 -13.00
C ASN B 285 46.05 -14.32 -13.87
N ILE B 286 46.60 -13.11 -13.99
CA ILE B 286 46.01 -12.04 -14.79
C ILE B 286 47.09 -11.46 -15.69
N ARG B 287 46.77 -11.30 -16.97
CA ARG B 287 47.65 -10.65 -17.94
C ARG B 287 46.79 -9.70 -18.77
N SER B 288 46.68 -8.46 -18.32
CA SER B 288 45.75 -7.50 -18.91
C SER B 288 46.48 -6.21 -19.24
N ILE B 289 45.90 -5.46 -20.18
CA ILE B 289 46.38 -4.15 -20.57
C ILE B 289 45.20 -3.19 -20.54
N PHE B 290 45.52 -1.90 -20.43
CA PHE B 290 44.49 -0.87 -20.32
C PHE B 290 44.93 0.38 -21.06
N TYR B 291 43.95 1.19 -21.44
CA TYR B 291 44.22 2.40 -22.20
C TYR B 291 43.17 3.46 -21.84
N VAL B 292 43.55 4.73 -22.04
CA VAL B 292 42.65 5.84 -21.83
C VAL B 292 42.69 6.73 -23.06
N PRO B 293 41.59 6.89 -23.80
CA PRO B 293 41.62 7.75 -24.99
C PRO B 293 41.91 9.19 -24.63
N ASP B 294 42.67 9.86 -25.51
CA ASP B 294 43.01 11.26 -25.31
C ASP B 294 41.85 12.20 -25.63
N MET B 295 40.99 11.81 -26.58
CA MET B 295 39.90 12.66 -26.99
C MET B 295 38.83 12.73 -25.89
N LYS B 296 37.93 13.71 -26.04
CA LYS B 296 36.87 13.93 -25.05
C LYS B 296 35.71 12.97 -25.28
N PRO B 297 35.04 12.54 -24.22
CA PRO B 297 33.94 11.59 -24.37
C PRO B 297 32.72 12.22 -25.03
N SER B 298 31.94 11.37 -25.70
CA SER B 298 30.69 11.79 -26.31
C SER B 298 29.57 10.85 -25.88
N MET B 299 28.39 10.98 -26.50
CA MET B 299 27.28 10.09 -26.16
C MET B 299 27.62 8.63 -26.47
N PHE B 300 28.30 8.38 -27.58
CA PHE B 300 28.69 7.01 -27.90
C PHE B 300 29.56 6.41 -26.81
N ASP B 301 30.36 7.23 -26.12
CA ASP B 301 31.09 6.75 -24.95
C ASP B 301 30.16 6.57 -23.75
N VAL B 302 29.26 7.53 -23.53
CA VAL B 302 28.34 7.44 -22.40
C VAL B 302 27.30 6.34 -22.63
N SER B 303 26.74 6.26 -23.82
CA SER B 303 25.73 5.25 -24.11
C SER B 303 26.33 3.86 -24.11
N ARG B 304 25.62 2.91 -23.53
CA ARG B 304 26.08 1.52 -23.45
C ARG B 304 25.61 0.71 -24.65
N SER B 308 31.62 -4.14 -21.37
CA SER B 308 32.01 -2.80 -20.95
C SER B 308 33.22 -2.31 -21.75
N SER B 309 33.15 -2.47 -23.06
CA SER B 309 34.17 -2.04 -24.02
C SER B 309 35.52 -2.73 -23.81
N VAL B 310 35.57 -3.76 -22.97
CA VAL B 310 36.77 -4.54 -22.73
C VAL B 310 36.46 -5.99 -23.06
N ALA B 311 37.26 -6.59 -23.95
CA ALA B 311 37.04 -7.95 -24.42
C ALA B 311 37.88 -8.92 -23.61
N LEU B 312 37.22 -9.85 -22.95
CA LEU B 312 37.93 -10.87 -22.17
C LEU B 312 38.56 -11.89 -23.11
N TYR B 313 39.74 -12.36 -22.74
CA TYR B 313 40.48 -13.34 -23.52
C TYR B 313 40.93 -14.48 -22.62
N SER B 314 41.21 -15.62 -23.25
CA SER B 314 41.69 -16.80 -22.52
C SER B 314 42.51 -17.64 -23.48
N ARG B 315 43.82 -17.70 -23.25
CA ARG B 315 44.74 -18.49 -24.08
C ARG B 315 44.66 -18.08 -25.56
N LYS B 316 44.62 -16.77 -25.79
CA LYS B 316 44.72 -16.19 -27.14
C LYS B 316 43.55 -16.61 -28.03
N VAL B 317 42.34 -16.46 -27.51
CA VAL B 317 41.13 -16.66 -28.30
C VAL B 317 40.01 -15.84 -27.67
N LEU B 318 39.14 -15.29 -28.52
CA LEU B 318 38.03 -14.49 -28.03
C LEU B 318 37.03 -15.37 -27.30
N ILE B 319 36.50 -14.86 -26.19
CA ILE B 319 35.54 -15.61 -25.40
C ILE B 319 34.14 -15.04 -25.63
N GLN B 320 34.07 -13.73 -25.86
CA GLN B 320 32.81 -13.03 -26.16
C GLN B 320 31.81 -13.19 -25.01
N THR B 321 32.21 -12.62 -23.87
CA THR B 321 31.34 -12.63 -22.69
C THR B 321 30.05 -11.88 -22.95
N LYS B 322 30.16 -10.57 -23.19
CA LYS B 322 29.08 -9.65 -23.58
C LYS B 322 28.02 -9.50 -22.49
N ALA B 323 28.10 -10.24 -21.39
CA ALA B 323 27.14 -10.10 -20.30
C ALA B 323 27.77 -10.05 -18.92
N THR B 324 29.00 -10.54 -18.75
CA THR B 324 29.61 -10.57 -17.41
C THR B 324 29.87 -9.16 -16.89
N ASP B 325 30.34 -8.26 -17.75
CA ASP B 325 30.74 -6.91 -17.35
C ASP B 325 31.79 -6.97 -16.24
N ILE B 326 32.95 -7.51 -16.60
CA ILE B 326 34.04 -7.73 -15.65
C ILE B 326 34.50 -6.43 -15.01
N LEU B 327 34.26 -5.29 -15.66
CA LEU B 327 34.61 -3.99 -15.11
C LEU B 327 33.34 -3.25 -14.70
N PRO B 328 33.39 -2.46 -13.62
CA PRO B 328 32.19 -1.74 -13.18
C PRO B 328 31.74 -0.73 -14.22
N LYS B 329 30.52 -0.24 -14.02
CA LYS B 329 29.90 0.65 -14.99
C LYS B 329 30.67 1.97 -15.11
N TRP B 330 31.12 2.52 -13.98
CA TRP B 330 31.80 3.81 -14.00
C TRP B 330 33.20 3.75 -14.59
N LEU B 331 33.77 2.55 -14.75
CA LEU B 331 35.07 2.38 -15.37
C LEU B 331 34.98 2.01 -16.85
N ARG B 332 33.87 2.36 -17.50
CA ARG B 332 33.67 2.03 -18.90
C ARG B 332 34.46 2.93 -19.85
N PHE B 333 35.10 3.98 -19.34
CA PHE B 333 35.80 4.94 -20.18
C PHE B 333 37.20 4.48 -20.56
N ILE B 334 37.67 3.35 -20.05
CA ILE B 334 38.98 2.83 -20.40
C ILE B 334 38.82 1.68 -21.37
N ARG B 335 39.86 1.43 -22.15
CA ARG B 335 39.87 0.38 -23.15
C ARG B 335 41.07 -0.54 -22.92
N GLY B 336 40.89 -1.81 -23.28
CA GLY B 336 41.95 -2.78 -23.12
C GLY B 336 41.40 -4.19 -23.21
N VAL B 337 42.28 -5.14 -22.92
CA VAL B 337 41.95 -6.56 -22.95
C VAL B 337 42.34 -7.18 -21.61
N VAL B 338 41.64 -8.26 -21.24
CA VAL B 338 41.90 -9.00 -20.01
C VAL B 338 42.08 -10.46 -20.38
N ASP B 339 43.15 -11.07 -19.87
CA ASP B 339 43.46 -12.46 -20.16
C ASP B 339 43.75 -13.21 -18.86
N SER B 340 43.39 -14.49 -18.85
CA SER B 340 43.62 -15.34 -17.71
C SER B 340 43.53 -16.80 -18.15
N GLU B 341 44.07 -17.69 -17.32
CA GLU B 341 44.08 -19.11 -17.61
C GLU B 341 43.40 -19.94 -16.52
N ASP B 342 42.80 -19.30 -15.53
CA ASP B 342 42.16 -20.01 -14.41
C ASP B 342 40.65 -19.76 -14.36
N ILE B 343 40.05 -19.34 -15.47
CA ILE B 343 38.62 -19.10 -15.52
C ILE B 343 37.89 -20.37 -15.94
N PRO B 344 36.86 -20.80 -15.21
CA PRO B 344 36.11 -21.98 -15.62
C PRO B 344 35.01 -21.65 -16.61
N LEU B 345 35.10 -22.21 -17.81
CA LEU B 345 34.13 -21.97 -18.88
C LEU B 345 33.39 -23.27 -19.19
N ASN B 346 32.11 -23.14 -19.52
CA ASN B 346 31.24 -24.29 -19.70
C ASN B 346 31.50 -24.95 -21.06
N LEU B 347 30.64 -25.90 -21.42
CA LEU B 347 30.82 -26.64 -22.68
C LEU B 347 30.63 -25.74 -23.89
N SER B 348 29.80 -24.71 -23.77
CA SER B 348 29.55 -23.77 -24.86
C SER B 348 30.65 -22.71 -24.99
N ARG B 349 31.79 -22.92 -24.33
CA ARG B 349 32.94 -22.02 -24.40
C ARG B 349 32.57 -20.60 -23.95
N GLU B 350 31.80 -20.51 -22.87
CA GLU B 350 31.44 -19.24 -22.28
C GLU B 350 31.54 -19.37 -20.76
N LEU B 351 31.79 -18.24 -20.09
CA LEU B 351 32.02 -18.26 -18.65
C LEU B 351 30.79 -18.77 -17.89
N LEU B 352 31.06 -19.48 -16.80
CA LEU B 352 30.00 -19.86 -15.87
C LEU B 352 29.47 -18.61 -15.20
N GLN B 353 28.21 -18.28 -15.47
CA GLN B 353 27.66 -17.00 -15.03
C GLN B 353 27.62 -16.91 -13.51
N GLU B 354 27.98 -15.73 -13.00
CA GLU B 354 27.95 -15.44 -11.56
C GLU B 354 28.81 -16.43 -10.76
N SER B 355 29.95 -16.80 -11.32
CA SER B 355 30.86 -17.69 -10.63
C SER B 355 31.57 -16.95 -9.51
N ALA B 356 31.96 -17.70 -8.47
CA ALA B 356 32.64 -17.10 -7.33
C ALA B 356 34.00 -16.52 -7.72
N LEU B 357 34.75 -17.26 -8.54
CA LEU B 357 36.07 -16.78 -8.96
C LEU B 357 35.96 -15.56 -9.87
N ILE B 358 34.86 -15.44 -10.61
CA ILE B 358 34.69 -14.28 -11.48
C ILE B 358 34.47 -13.02 -10.67
N ARG B 359 33.73 -13.13 -9.55
CA ARG B 359 33.43 -11.96 -8.73
C ARG B 359 34.69 -11.32 -8.18
N LYS B 360 35.63 -12.13 -7.70
CA LYS B 360 36.85 -11.59 -7.11
C LYS B 360 37.75 -10.92 -8.14
N LEU B 361 37.59 -11.26 -9.42
CA LEU B 361 38.38 -10.60 -10.46
C LEU B 361 37.94 -9.14 -10.64
N ARG B 362 36.64 -8.88 -10.51
CA ARG B 362 36.13 -7.52 -10.67
C ARG B 362 36.67 -6.59 -9.59
N ASP B 363 36.67 -7.06 -8.34
CA ASP B 363 37.10 -6.20 -7.23
C ASP B 363 38.61 -5.94 -7.27
N VAL B 364 39.40 -6.96 -7.62
CA VAL B 364 40.85 -6.78 -7.68
C VAL B 364 41.21 -5.79 -8.78
N LEU B 365 40.57 -5.91 -9.95
CA LEU B 365 40.89 -5.00 -11.04
C LEU B 365 40.46 -3.57 -10.73
N GLN B 366 39.34 -3.40 -10.01
CA GLN B 366 38.86 -2.07 -9.69
C GLN B 366 39.82 -1.34 -8.75
N GLN B 367 40.25 -2.01 -7.68
CA GLN B 367 41.11 -1.35 -6.71
C GLN B 367 42.50 -1.11 -7.25
N ARG B 368 42.97 -1.96 -8.17
CA ARG B 368 44.28 -1.74 -8.78
C ARG B 368 44.29 -0.46 -9.60
N LEU B 369 43.23 -0.21 -10.36
CA LEU B 369 43.14 1.03 -11.14
C LEU B 369 42.93 2.24 -10.23
N ILE B 370 42.29 2.05 -9.08
CA ILE B 370 42.11 3.15 -8.14
C ILE B 370 43.46 3.65 -7.65
N LYS B 371 44.35 2.72 -7.30
CA LYS B 371 45.69 3.10 -6.86
C LYS B 371 46.46 3.75 -8.00
N PHE B 372 46.31 3.25 -9.22
CA PHE B 372 47.07 3.78 -10.35
C PHE B 372 46.72 5.24 -10.61
N PHE B 373 45.43 5.58 -10.55
CA PHE B 373 45.03 6.97 -10.78
C PHE B 373 45.53 7.89 -9.67
N ILE B 374 45.64 7.38 -8.45
CA ILE B 374 46.24 8.16 -7.37
C ILE B 374 47.71 8.41 -7.67
N ASP B 375 48.41 7.40 -8.20
CA ASP B 375 49.83 7.55 -8.51
C ASP B 375 50.05 8.60 -9.59
N GLN B 376 49.19 8.62 -10.61
CA GLN B 376 49.38 9.56 -11.72
C GLN B 376 49.32 11.00 -11.27
N SER B 377 48.61 11.29 -10.17
CA SER B 377 48.54 12.65 -9.67
C SER B 377 49.89 13.11 -9.09
N LYS B 378 50.62 12.19 -8.46
CA LYS B 378 51.85 12.57 -7.78
C LYS B 378 52.92 13.02 -8.77
N LYS B 379 53.18 12.22 -9.80
CA LYS B 379 54.25 12.55 -10.74
C LYS B 379 53.88 13.65 -11.72
N ASP B 380 52.59 13.92 -11.93
CA ASP B 380 52.17 14.97 -12.85
C ASP B 380 50.79 15.45 -12.41
N ALA B 381 50.75 16.58 -11.71
CA ALA B 381 49.47 17.15 -11.30
C ALA B 381 48.75 17.82 -12.46
N GLU B 382 49.49 18.48 -13.34
CA GLU B 382 48.86 19.18 -14.47
C GLU B 382 48.18 18.18 -15.41
N LYS B 383 48.86 17.07 -15.72
CA LYS B 383 48.26 16.07 -16.59
C LYS B 383 47.02 15.45 -15.97
N TYR B 384 47.08 15.17 -14.67
CA TYR B 384 45.91 14.62 -13.98
C TYR B 384 44.78 15.65 -13.92
N ALA B 385 45.11 16.92 -13.71
CA ALA B 385 44.09 17.96 -13.65
C ALA B 385 43.35 18.08 -14.97
N LYS B 386 44.08 18.02 -16.09
CA LYS B 386 43.43 18.03 -17.39
C LYS B 386 42.59 16.77 -17.59
N PHE B 387 43.10 15.63 -17.12
CA PHE B 387 42.34 14.39 -17.22
C PHE B 387 41.08 14.44 -16.38
N PHE B 388 41.15 15.05 -15.19
CA PHE B 388 39.98 15.12 -14.31
C PHE B 388 38.85 15.92 -14.95
N GLU B 389 39.18 17.02 -15.63
CA GLU B 389 38.14 17.84 -16.25
C GLU B 389 37.43 17.09 -17.36
N ASP B 390 38.17 16.30 -18.15
CA ASP B 390 37.58 15.66 -19.32
C ASP B 390 36.59 14.56 -18.93
N TYR B 391 36.94 13.73 -17.96
CA TYR B 391 36.15 12.57 -17.59
C TYR B 391 35.56 12.65 -16.20
N GLY B 392 35.41 13.86 -15.65
CA GLY B 392 35.01 14.03 -14.27
C GLY B 392 33.66 13.44 -13.91
N LEU B 393 32.80 13.22 -14.91
CA LEU B 393 31.50 12.62 -14.64
C LEU B 393 31.64 11.18 -14.16
N PHE B 394 32.61 10.44 -14.70
CA PHE B 394 32.71 9.01 -14.43
C PHE B 394 33.04 8.73 -12.97
N MET B 395 33.99 9.47 -12.39
CA MET B 395 34.26 9.28 -10.96
C MET B 395 33.08 9.71 -10.11
N ARG B 396 32.39 10.79 -10.50
CA ARG B 396 31.19 11.19 -9.78
C ARG B 396 30.08 10.15 -9.92
N GLU B 397 29.99 9.51 -11.08
CA GLU B 397 28.97 8.48 -11.28
C GLU B 397 29.20 7.28 -10.37
N GLY B 398 30.46 6.89 -10.18
CA GLY B 398 30.75 5.71 -9.37
C GLY B 398 30.38 5.87 -7.92
N ILE B 399 30.51 7.09 -7.38
CA ILE B 399 30.25 7.30 -5.96
C ILE B 399 28.76 7.07 -5.65
N VAL B 400 27.88 7.60 -6.48
CA VAL B 400 26.45 7.48 -6.22
C VAL B 400 25.94 6.08 -6.48
N THR B 401 26.68 5.27 -7.23
CA THR B 401 26.27 3.91 -7.56
C THR B 401 27.00 2.85 -6.74
N ALA B 402 27.71 3.26 -5.69
CA ALA B 402 28.46 2.34 -4.84
C ALA B 402 27.70 2.07 -3.54
N THR B 403 27.85 0.87 -3.02
CA THR B 403 27.18 0.45 -1.80
C THR B 403 28.10 0.32 -0.59
N GLU B 404 29.35 -0.07 -0.79
CA GLU B 404 30.29 -0.22 0.32
C GLU B 404 30.92 1.12 0.64
N GLN B 405 30.95 1.46 1.93
CA GLN B 405 31.54 2.74 2.36
C GLN B 405 33.04 2.77 2.13
N GLU B 406 33.72 1.62 2.22
CA GLU B 406 35.17 1.60 2.05
C GLU B 406 35.57 2.03 0.64
N VAL B 407 34.81 1.60 -0.37
CA VAL B 407 35.11 1.98 -1.74
C VAL B 407 34.93 3.48 -1.95
N LYS B 408 34.02 4.09 -1.18
CA LYS B 408 33.75 5.52 -1.34
C LYS B 408 35.00 6.36 -1.06
N GLU B 409 35.74 6.01 0.00
CA GLU B 409 36.98 6.72 0.28
C GLU B 409 38.02 6.51 -0.79
N ASP B 410 38.06 5.32 -1.40
CA ASP B 410 39.03 5.05 -2.46
C ASP B 410 38.79 5.94 -3.67
N ILE B 411 37.53 6.30 -3.92
CA ILE B 411 37.22 7.19 -5.04
C ILE B 411 37.35 8.66 -4.65
N ALA B 412 37.07 8.99 -3.38
CA ALA B 412 37.11 10.38 -2.94
C ALA B 412 38.51 10.98 -3.06
N LYS B 413 39.56 10.16 -3.03
CA LYS B 413 40.92 10.67 -3.21
C LYS B 413 41.17 11.17 -4.63
N LEU B 414 40.30 10.83 -5.58
CA LEU B 414 40.49 11.21 -6.97
C LEU B 414 39.79 12.51 -7.35
N LEU B 415 39.13 13.16 -6.39
CA LEU B 415 38.40 14.40 -6.67
C LEU B 415 39.28 15.61 -6.38
N ARG B 416 39.42 16.48 -7.37
CA ARG B 416 40.23 17.69 -7.27
C ARG B 416 39.28 18.88 -7.17
N TYR B 417 39.28 19.54 -6.02
CA TYR B 417 38.44 20.71 -5.76
C TYR B 417 39.31 21.96 -5.60
N GLU B 418 38.65 23.09 -5.43
CA GLU B 418 39.30 24.37 -5.19
C GLU B 418 38.79 24.98 -3.90
N SER B 419 39.71 25.53 -3.11
CA SER B 419 39.39 26.13 -1.82
C SER B 419 39.79 27.59 -1.82
N SER B 420 39.53 28.26 -0.70
CA SER B 420 39.82 29.67 -0.54
C SER B 420 41.26 29.93 -0.08
N ALA B 421 42.03 28.89 0.17
CA ALA B 421 43.42 29.04 0.63
C ALA B 421 44.41 29.17 -0.52
N LEU B 422 43.94 29.10 -1.77
CA LEU B 422 44.80 29.16 -2.94
C LEU B 422 44.23 30.16 -3.94
N PRO B 423 45.07 30.72 -4.80
CA PRO B 423 44.55 31.63 -5.84
C PRO B 423 43.76 30.89 -6.90
N SER B 424 43.24 31.61 -7.89
CA SER B 424 42.40 31.00 -8.90
C SER B 424 43.21 30.07 -9.80
N GLY B 425 42.65 28.89 -10.07
CA GLY B 425 43.26 27.94 -10.97
C GLY B 425 44.30 27.02 -10.36
N GLN B 426 44.17 26.69 -9.07
CA GLN B 426 44.98 25.65 -8.44
C GLN B 426 44.03 24.67 -7.76
N LEU B 427 43.87 23.49 -8.34
CA LEU B 427 42.99 22.48 -7.78
C LEU B 427 43.67 21.75 -6.62
N THR B 428 42.87 21.32 -5.64
CA THR B 428 43.37 20.61 -4.47
C THR B 428 42.47 19.41 -4.20
N SER B 429 43.05 18.42 -3.53
CA SER B 429 42.32 17.20 -3.18
C SER B 429 41.80 17.29 -1.75
N LEU B 430 40.87 16.38 -1.42
CA LEU B 430 40.31 16.36 -0.08
C LEU B 430 41.35 15.98 0.96
N SER B 431 42.25 15.06 0.63
CA SER B 431 43.24 14.60 1.59
C SER B 431 44.17 15.74 2.00
N GLU B 432 44.73 16.45 1.01
CA GLU B 432 45.59 17.58 1.32
C GLU B 432 44.80 18.78 1.85
N TYR B 433 43.49 18.81 1.62
CA TYR B 433 42.65 19.81 2.27
C TYR B 433 42.48 19.53 3.75
N ALA B 434 42.34 18.26 4.13
CA ALA B 434 42.07 17.89 5.51
C ALA B 434 43.33 17.80 6.35
N SER B 435 44.52 17.95 5.76
CA SER B 435 45.76 17.90 6.51
C SER B 435 46.11 19.22 7.18
N ARG B 436 45.43 20.31 6.83
CA ARG B 436 45.72 21.63 7.37
C ARG B 436 44.54 22.24 8.12
N MET B 437 43.46 21.48 8.31
CA MET B 437 42.25 22.01 8.92
C MET B 437 42.39 22.00 10.45
N ARG B 438 41.30 22.25 11.16
CA ARG B 438 41.35 22.52 12.59
C ARG B 438 41.73 21.26 13.38
N ALA B 439 41.78 21.42 14.70
CA ALA B 439 42.29 20.37 15.59
C ALA B 439 41.19 19.43 16.06
N GLY B 440 40.18 19.96 16.74
CA GLY B 440 39.22 19.11 17.42
C GLY B 440 37.82 19.08 16.84
N THR B 441 37.59 19.79 15.73
CA THR B 441 36.29 19.81 15.07
C THR B 441 36.37 19.00 13.78
N ARG B 442 35.38 18.15 13.56
CA ARG B 442 35.32 17.30 12.37
C ARG B 442 34.31 17.86 11.39
N ASN B 443 34.72 18.92 10.69
CA ASN B 443 33.86 19.60 9.74
C ASN B 443 34.64 19.94 8.48
N ILE B 444 33.99 19.78 7.33
CA ILE B 444 34.54 20.16 6.03
C ILE B 444 33.49 21.01 5.31
N TYR B 445 33.92 22.16 4.80
CA TYR B 445 33.02 23.13 4.19
C TYR B 445 33.17 23.12 2.68
N TYR B 446 32.05 23.00 1.98
CA TYR B 446 32.01 23.01 0.52
C TYR B 446 30.88 23.92 0.05
N LEU B 447 31.12 24.64 -1.04
CA LEU B 447 30.15 25.57 -1.59
C LEU B 447 30.01 25.34 -3.09
N CYS B 448 28.81 25.54 -3.61
CA CYS B 448 28.49 25.33 -5.01
C CYS B 448 28.26 26.67 -5.70
N ALA B 449 28.92 26.85 -6.85
CA ALA B 449 28.76 28.06 -7.64
C ALA B 449 29.27 27.80 -9.05
N PRO B 450 28.63 28.35 -10.08
CA PRO B 450 29.12 28.12 -11.45
C PRO B 450 30.52 28.66 -11.70
N ASN B 451 30.91 29.74 -11.01
CA ASN B 451 32.19 30.38 -11.26
C ASN B 451 32.84 30.76 -9.93
N ARG B 452 34.08 31.25 -10.03
CA ARG B 452 34.80 31.69 -8.83
C ARG B 452 34.24 33.01 -8.31
N HIS B 453 33.88 33.93 -9.21
CA HIS B 453 33.34 35.21 -8.78
C HIS B 453 32.02 35.04 -8.03
N LEU B 454 31.15 34.16 -8.52
CA LEU B 454 29.88 33.93 -7.85
C LEU B 454 30.09 33.30 -6.47
N ALA B 455 31.05 32.39 -6.35
CA ALA B 455 31.33 31.77 -5.05
C ALA B 455 31.84 32.80 -4.05
N GLU B 456 32.73 33.70 -4.49
CA GLU B 456 33.30 34.69 -3.59
C GLU B 456 32.25 35.68 -3.10
N HIS B 457 31.35 36.10 -3.99
CA HIS B 457 30.34 37.08 -3.67
C HIS B 457 29.01 36.46 -3.23
N SER B 458 28.97 35.15 -3.04
CA SER B 458 27.76 34.50 -2.57
C SER B 458 27.46 34.96 -1.14
N PRO B 459 26.19 35.26 -0.82
CA PRO B 459 25.87 35.68 0.55
C PRO B 459 26.19 34.64 1.59
N TYR B 460 26.08 33.35 1.27
CA TYR B 460 26.38 32.30 2.23
C TYR B 460 27.85 32.32 2.63
N TYR B 461 28.74 32.55 1.65
CA TYR B 461 30.17 32.66 1.97
C TYR B 461 30.44 33.88 2.84
N GLU B 462 29.76 35.01 2.54
CA GLU B 462 29.96 36.21 3.34
C GLU B 462 29.48 36.04 4.77
N ALA B 463 28.58 35.09 5.03
CA ALA B 463 28.14 34.84 6.40
C ALA B 463 29.18 34.07 7.21
N MET B 464 29.92 33.17 6.56
CA MET B 464 30.94 32.37 7.23
C MET B 464 32.34 32.98 7.12
N LYS B 465 32.45 34.18 6.55
CA LYS B 465 33.74 34.87 6.55
C LYS B 465 34.16 35.29 7.95
N LYS B 466 33.23 35.29 8.91
CA LYS B 466 33.55 35.67 10.28
C LYS B 466 34.57 34.71 10.89
N LYS B 467 34.39 33.41 10.67
CA LYS B 467 35.30 32.41 11.22
C LYS B 467 36.50 32.22 10.30
N ASP B 468 37.61 31.79 10.89
CA ASP B 468 38.84 31.51 10.15
C ASP B 468 38.88 30.03 9.74
N THR B 469 37.93 29.66 8.89
CA THR B 469 37.81 28.30 8.40
C THR B 469 37.95 28.28 6.88
N GLU B 470 38.35 27.14 6.35
CA GLU B 470 38.53 26.96 4.92
C GLU B 470 37.28 26.37 4.29
N VAL B 471 36.96 26.82 3.09
CA VAL B 471 35.77 26.39 2.37
C VAL B 471 36.17 25.99 0.96
N LEU B 472 35.62 24.87 0.48
CA LEU B 472 35.89 24.38 -0.86
C LEU B 472 34.86 24.89 -1.85
N PHE B 473 35.33 25.28 -3.03
CA PHE B 473 34.46 25.77 -4.11
C PHE B 473 34.48 24.74 -5.23
N CYS B 474 33.34 24.10 -5.45
CA CYS B 474 33.18 23.12 -6.52
C CYS B 474 32.32 23.73 -7.62
N PHE B 475 32.81 23.65 -8.87
CA PHE B 475 32.15 24.30 -9.99
C PHE B 475 31.42 23.36 -10.92
N GLU B 476 31.68 22.05 -10.84
CA GLU B 476 31.05 21.10 -11.75
C GLU B 476 29.65 20.73 -11.27
N GLN B 477 28.83 20.26 -12.20
CA GLN B 477 27.46 19.88 -11.90
C GLN B 477 27.43 18.53 -11.19
N PHE B 478 26.32 18.26 -10.52
CA PHE B 478 26.08 17.03 -9.76
C PHE B 478 27.07 16.84 -8.61
N ASP B 479 27.89 17.85 -8.33
CA ASP B 479 28.87 17.71 -7.26
C ASP B 479 28.23 17.87 -5.88
N GLU B 480 27.16 18.67 -5.77
CA GLU B 480 26.45 18.78 -4.51
C GLU B 480 25.79 17.46 -4.12
N LEU B 481 25.42 16.65 -5.12
CA LEU B 481 24.86 15.34 -4.84
C LEU B 481 25.93 14.34 -4.42
N THR B 482 27.16 14.50 -4.95
CA THR B 482 28.24 13.61 -4.57
C THR B 482 28.64 13.78 -3.11
N LEU B 483 28.75 15.03 -2.65
CA LEU B 483 29.21 15.28 -1.28
C LEU B 483 28.21 14.80 -0.23
N LEU B 484 26.93 14.70 -0.56
CA LEU B 484 25.96 14.16 0.38
C LEU B 484 25.90 12.64 0.33
N HIS B 485 26.23 12.04 -0.80
CA HIS B 485 26.30 10.58 -0.88
C HIS B 485 27.56 10.05 -0.21
N LEU B 486 28.68 10.76 -0.34
CA LEU B 486 29.91 10.33 0.31
C LEU B 486 29.78 10.36 1.83
N ARG B 487 29.34 11.51 2.37
CA ARG B 487 28.86 11.63 3.74
C ARG B 487 29.97 11.51 4.77
N GLU B 488 31.19 11.15 4.34
CA GLU B 488 32.28 10.96 5.28
C GLU B 488 33.60 10.93 4.52
N PHE B 489 34.66 11.36 5.20
CA PHE B 489 36.02 11.27 4.66
C PHE B 489 36.97 11.15 5.84
N ASP B 490 37.44 9.92 6.09
CA ASP B 490 38.33 9.62 7.21
C ASP B 490 37.72 10.07 8.55
N LYS B 491 36.46 9.67 8.75
CA LYS B 491 35.70 10.00 9.96
C LYS B 491 35.61 11.51 10.16
N LYS B 492 34.98 12.17 9.20
CA LYS B 492 34.74 13.61 9.25
C LYS B 492 33.38 13.91 8.66
N LYS B 493 32.59 14.71 9.39
CA LYS B 493 31.24 15.03 8.95
C LYS B 493 31.27 16.10 7.87
N LEU B 494 30.56 15.84 6.77
CA LEU B 494 30.48 16.78 5.65
C LEU B 494 29.27 17.69 5.85
N ILE B 495 29.53 18.98 6.03
CA ILE B 495 28.49 19.97 6.28
C ILE B 495 28.60 21.07 5.23
N SER B 496 27.49 21.33 4.54
CA SER B 496 27.46 22.39 3.55
C SER B 496 27.41 23.76 4.23
N VAL B 497 27.88 24.78 3.50
CA VAL B 497 27.93 26.13 4.05
C VAL B 497 26.53 26.65 4.34
N GLU B 498 25.60 26.43 3.41
CA GLU B 498 24.25 26.95 3.58
C GLU B 498 23.55 26.31 4.78
N THR B 499 23.73 25.00 4.96
CA THR B 499 23.06 24.29 6.06
C THR B 499 23.59 24.76 7.41
N ASP B 500 24.90 24.97 7.53
CA ASP B 500 25.49 25.29 8.82
C ASP B 500 25.06 26.66 9.34
N ILE B 501 24.59 27.55 8.46
CA ILE B 501 24.11 28.86 8.91
C ILE B 501 22.92 28.69 9.84
N VAL B 502 21.97 27.83 9.45
CA VAL B 502 20.79 27.59 10.29
C VAL B 502 21.18 26.81 11.54
N VAL B 503 22.08 25.84 11.41
CA VAL B 503 22.46 25.01 12.55
C VAL B 503 23.16 25.84 13.62
N ASP B 504 23.98 26.80 13.20
CA ASP B 504 24.68 27.64 14.17
C ASP B 504 23.70 28.45 14.99
N HIS B 505 24.00 28.58 16.28
CA HIS B 505 23.14 29.30 17.21
C HIS B 505 23.93 30.37 17.97
N CYS B 520 22.74 52.06 9.00
CA CYS B 520 21.67 51.22 9.54
C CYS B 520 20.35 51.97 9.56
N LEU B 521 19.27 51.23 9.79
CA LEU B 521 17.93 51.79 9.83
C LEU B 521 17.41 51.81 11.27
N SER B 522 16.47 52.72 11.52
CA SER B 522 15.87 52.83 12.84
C SER B 522 15.02 51.60 13.15
N GLU B 523 14.93 51.28 14.44
CA GLU B 523 14.25 50.06 14.86
C GLU B 523 12.76 50.10 14.52
N LYS B 524 12.11 51.24 14.80
CA LYS B 524 10.67 51.33 14.57
C LYS B 524 10.36 51.23 13.08
N GLU B 525 11.13 51.92 12.24
CA GLU B 525 10.90 51.86 10.81
C GLU B 525 11.24 50.48 10.24
N THR B 526 12.18 49.78 10.87
CA THR B 526 12.55 48.44 10.40
C THR B 526 11.43 47.44 10.63
N GLU B 527 10.89 47.40 11.85
CA GLU B 527 9.90 46.38 12.18
C GLU B 527 8.61 46.55 11.39
N GLU B 528 8.18 47.81 11.19
CA GLU B 528 7.01 48.04 10.35
C GLU B 528 7.30 47.67 8.90
N LEU B 529 8.54 47.86 8.46
CA LEU B 529 8.94 47.37 7.14
C LEU B 529 8.98 45.85 7.11
N MET B 530 9.46 45.22 8.19
CA MET B 530 9.40 43.77 8.28
C MET B 530 7.97 43.28 8.31
N ALA B 531 7.08 44.01 9.01
CA ALA B 531 5.69 43.58 9.13
C ALA B 531 4.98 43.60 7.78
N TRP B 532 5.41 44.46 6.85
CA TRP B 532 4.73 44.54 5.56
C TRP B 532 4.91 43.25 4.76
N MET B 533 6.12 42.69 4.76
CA MET B 533 6.37 41.49 3.97
C MET B 533 5.53 40.31 4.44
N ARG B 534 5.29 40.20 5.75
CA ARG B 534 4.37 39.18 6.23
C ARG B 534 2.96 39.41 5.72
N ASN B 535 2.59 40.67 5.50
CA ASN B 535 1.26 40.99 4.96
C ASN B 535 1.18 40.73 3.46
N VAL B 536 2.26 40.99 2.72
CA VAL B 536 2.22 40.87 1.27
C VAL B 536 2.86 39.58 0.75
N LEU B 537 3.75 38.95 1.53
CA LEU B 537 4.38 37.71 1.12
C LEU B 537 4.04 36.56 2.07
N GLY B 538 2.96 36.70 2.84
CA GLY B 538 2.61 35.67 3.80
C GLY B 538 2.32 34.32 3.15
N SER B 539 1.73 34.33 1.96
CA SER B 539 1.47 33.07 1.25
C SER B 539 2.76 32.37 0.88
N ARG B 540 3.78 33.13 0.46
CA ARG B 540 5.03 32.55 -0.01
C ARG B 540 6.14 32.54 1.04
N VAL B 541 6.10 33.44 2.01
CA VAL B 541 7.11 33.53 3.05
C VAL B 541 6.46 33.21 4.39
N THR B 542 7.08 32.29 5.15
CA THR B 542 6.57 31.90 6.45
C THR B 542 7.26 32.60 7.61
N ASN B 543 8.44 33.19 7.38
CA ASN B 543 9.15 33.88 8.44
C ASN B 543 10.16 34.84 7.81
N VAL B 544 10.33 36.00 8.45
CA VAL B 544 11.26 37.01 7.99
C VAL B 544 12.12 37.44 9.19
N LYS B 545 13.42 37.60 8.95
CA LYS B 545 14.36 37.96 10.01
C LYS B 545 15.34 38.99 9.45
N VAL B 546 16.35 39.33 10.26
CA VAL B 546 17.34 40.34 9.91
C VAL B 546 18.72 39.73 10.09
N THR B 547 19.61 39.99 9.14
CA THR B 547 21.01 39.59 9.21
C THR B 547 21.89 40.82 9.10
N LEU B 548 22.84 40.95 10.03
CA LEU B 548 23.79 42.06 10.03
C LEU B 548 25.13 41.69 9.41
N ARG B 549 25.29 40.46 8.96
CA ARG B 549 26.56 39.99 8.40
C ARG B 549 26.64 40.16 6.88
N LEU B 550 25.65 40.80 6.27
CA LEU B 550 25.64 41.01 4.83
C LEU B 550 25.81 42.49 4.52
N ASP B 551 26.62 42.80 3.51
CA ASP B 551 26.83 44.17 3.09
C ASP B 551 26.86 44.35 1.58
N THR B 552 26.66 43.29 0.79
CA THR B 552 26.70 43.38 -0.66
C THR B 552 25.48 42.73 -1.32
N HIS B 553 24.47 42.34 -0.54
CA HIS B 553 23.28 41.71 -1.12
C HIS B 553 22.05 42.09 -0.32
N PRO B 554 21.03 42.66 -0.97
CA PRO B 554 19.84 43.09 -0.22
C PRO B 554 18.99 41.94 0.33
N ALA B 555 19.14 40.73 -0.20
CA ALA B 555 18.28 39.63 0.20
C ALA B 555 19.11 38.37 0.39
N MET B 556 18.58 37.45 1.20
CA MET B 556 19.21 36.18 1.46
C MET B 556 18.15 35.16 1.88
N VAL B 557 18.28 33.94 1.38
CA VAL B 557 17.35 32.86 1.68
C VAL B 557 18.13 31.73 2.36
N THR B 558 17.67 31.33 3.54
CA THR B 558 18.28 30.26 4.30
C THR B 558 17.28 29.13 4.49
N VAL B 559 17.71 27.90 4.22
CA VAL B 559 16.87 26.71 4.32
C VAL B 559 17.56 25.70 5.21
N LEU B 560 16.77 24.91 5.93
CA LEU B 560 17.32 23.87 6.79
C LEU B 560 18.19 22.91 5.99
N GLU B 561 17.61 22.26 4.99
CA GLU B 561 18.33 21.33 4.11
C GLU B 561 18.38 21.96 2.73
N MET B 562 19.40 22.80 2.51
CA MET B 562 19.54 23.48 1.22
C MET B 562 20.04 22.52 0.14
N GLY B 563 21.00 21.66 0.49
CA GLY B 563 21.54 20.75 -0.50
C GLY B 563 20.53 19.73 -1.00
N ALA B 564 19.70 19.22 -0.09
CA ALA B 564 18.67 18.26 -0.50
C ALA B 564 17.58 18.92 -1.32
N ALA B 565 17.21 20.15 -0.96
CA ALA B 565 16.14 20.85 -1.68
C ALA B 565 16.54 21.14 -3.12
N ARG B 566 17.80 21.52 -3.35
CA ARG B 566 18.23 21.90 -4.69
C ARG B 566 18.09 20.75 -5.67
N HIS B 567 18.54 19.55 -5.28
CA HIS B 567 18.50 18.41 -6.18
C HIS B 567 17.10 17.83 -6.32
N PHE B 568 16.28 17.90 -5.27
CA PHE B 568 14.93 17.34 -5.32
C PHE B 568 13.95 18.24 -6.04
N LEU B 569 14.24 19.54 -6.15
CA LEU B 569 13.32 20.46 -6.81
C LEU B 569 13.34 20.30 -8.33
N ARG B 570 14.52 20.10 -8.92
CA ARG B 570 14.63 20.02 -10.37
C ARG B 570 13.93 18.77 -10.92
N MET B 571 13.99 17.65 -10.20
CA MET B 571 13.37 16.42 -10.68
C MET B 571 11.85 16.52 -10.67
N GLN B 572 11.28 17.08 -9.60
CA GLN B 572 9.84 17.22 -9.49
C GLN B 572 9.35 18.46 -10.23
N THR B 577 2.09 28.96 -8.98
CA THR B 577 3.17 27.98 -9.03
C THR B 577 4.12 28.18 -7.86
N GLN B 578 4.27 29.43 -7.42
CA GLN B 578 5.18 29.72 -6.31
C GLN B 578 4.66 29.14 -5.00
N GLU B 579 3.35 29.04 -4.83
CA GLU B 579 2.78 28.63 -3.55
C GLU B 579 3.13 27.18 -3.23
N GLU B 580 2.87 26.26 -4.16
CA GLU B 580 3.10 24.85 -3.86
C GLU B 580 4.58 24.49 -3.87
N ARG B 581 5.40 25.24 -4.61
CA ARG B 581 6.84 25.04 -4.53
C ARG B 581 7.39 25.48 -3.18
N ALA B 582 7.00 26.68 -2.73
CA ALA B 582 7.50 27.23 -1.49
C ALA B 582 7.00 26.48 -0.27
N GLN B 583 5.90 25.73 -0.40
CA GLN B 583 5.37 24.98 0.75
C GLN B 583 6.35 23.92 1.21
N LEU B 584 7.01 23.25 0.27
CA LEU B 584 7.94 22.16 0.60
C LEU B 584 9.38 22.62 0.77
N LEU B 585 9.67 23.90 0.58
CA LEU B 585 11.02 24.41 0.73
C LEU B 585 11.24 25.25 1.98
N GLN B 586 10.18 25.83 2.54
CA GLN B 586 10.27 26.72 3.70
C GLN B 586 11.25 27.86 3.43
N PRO B 587 10.91 28.78 2.51
CA PRO B 587 11.86 29.85 2.12
C PRO B 587 11.92 31.00 3.11
N THR B 588 12.74 30.83 4.15
CA THR B 588 12.97 31.91 5.10
C THR B 588 13.71 33.05 4.41
N LEU B 589 13.26 34.28 4.66
CA LEU B 589 13.79 35.46 4.01
C LEU B 589 14.51 36.33 5.02
N GLU B 590 15.74 36.72 4.71
CA GLU B 590 16.54 37.60 5.55
C GLU B 590 16.98 38.80 4.73
N ILE B 591 16.80 39.99 5.28
CA ILE B 591 17.05 41.25 4.57
C ILE B 591 18.11 42.03 5.31
N ASN B 592 19.14 42.47 4.60
CA ASN B 592 20.15 43.34 5.16
C ASN B 592 19.61 44.76 5.26
N PRO B 593 19.53 45.36 6.44
CA PRO B 593 18.98 46.71 6.55
C PRO B 593 19.91 47.81 6.08
N ARG B 594 21.19 47.53 5.87
CA ARG B 594 22.15 48.55 5.46
C ARG B 594 22.24 48.71 3.95
N HIS B 595 21.56 47.88 3.17
CA HIS B 595 21.60 48.02 1.73
C HIS B 595 20.88 49.29 1.29
N ALA B 596 21.43 49.95 0.28
CA ALA B 596 20.83 51.20 -0.21
C ALA B 596 19.46 50.97 -0.81
N LEU B 597 19.28 49.83 -1.50
CA LEU B 597 17.98 49.53 -2.09
C LEU B 597 16.89 49.39 -1.03
N ILE B 598 17.21 48.75 0.09
CA ILE B 598 16.24 48.58 1.16
C ILE B 598 15.89 49.93 1.78
N LYS B 599 16.89 50.80 1.93
CA LYS B 599 16.64 52.12 2.51
C LYS B 599 15.67 52.93 1.66
N LYS B 600 15.84 52.88 0.34
CA LYS B 600 14.97 53.64 -0.56
C LYS B 600 13.55 53.10 -0.58
N LEU B 601 13.35 51.84 -0.17
CA LEU B 601 12.00 51.29 -0.12
C LEU B 601 11.13 52.00 0.92
N ASN B 602 11.74 52.59 1.95
CA ASN B 602 10.97 53.28 2.98
C ASN B 602 10.31 54.55 2.44
N GLN B 603 11.08 55.39 1.75
CA GLN B 603 10.51 56.60 1.19
C GLN B 603 9.64 56.34 -0.04
N LEU B 604 9.73 55.15 -0.63
CA LEU B 604 8.82 54.74 -1.69
C LEU B 604 7.63 53.94 -1.15
N ARG B 605 7.54 53.76 0.17
CA ARG B 605 6.44 53.00 0.75
C ARG B 605 5.11 53.73 0.60
N ALA B 606 5.10 55.04 0.86
CA ALA B 606 3.86 55.82 0.82
C ALA B 606 3.71 56.66 -0.44
N SER B 607 4.81 57.00 -1.11
CA SER B 607 4.73 57.83 -2.31
C SER B 607 3.95 57.12 -3.41
N GLU B 608 4.22 55.82 -3.62
CA GLU B 608 3.44 55.00 -4.54
C GLU B 608 3.40 53.56 -4.03
N PRO B 609 2.30 53.15 -3.39
CA PRO B 609 2.20 51.76 -2.95
C PRO B 609 2.16 50.76 -4.08
N GLY B 610 1.66 51.16 -5.26
CA GLY B 610 1.54 50.21 -6.36
C GLY B 610 2.88 49.69 -6.83
N LEU B 611 3.86 50.57 -6.96
CA LEU B 611 5.19 50.14 -7.36
C LEU B 611 5.88 49.35 -6.25
N ALA B 612 5.54 49.64 -4.99
CA ALA B 612 6.14 48.91 -3.88
C ALA B 612 5.75 47.44 -3.91
N GLN B 613 4.54 47.12 -4.37
CA GLN B 613 4.13 45.72 -4.49
C GLN B 613 5.00 44.96 -5.48
N LEU B 614 5.56 45.66 -6.47
CA LEU B 614 6.38 45.03 -7.50
C LEU B 614 7.82 44.85 -7.06
N LEU B 615 8.41 45.88 -6.43
CA LEU B 615 9.81 45.82 -6.05
C LEU B 615 10.07 44.74 -5.01
N VAL B 616 9.17 44.58 -4.05
CA VAL B 616 9.35 43.56 -3.02
C VAL B 616 9.28 42.17 -3.63
N ASP B 617 8.44 41.98 -4.64
CA ASP B 617 8.41 40.71 -5.35
C ASP B 617 9.70 40.48 -6.12
N GLN B 618 10.26 41.54 -6.71
CA GLN B 618 11.53 41.42 -7.41
C GLN B 618 12.65 41.02 -6.45
N ILE B 619 12.64 41.60 -5.24
CA ILE B 619 13.63 41.21 -4.22
C ILE B 619 13.46 39.74 -3.86
N TYR B 620 12.20 39.30 -3.69
CA TYR B 620 11.94 37.90 -3.41
C TYR B 620 12.42 37.01 -4.56
N GLU B 621 12.14 37.41 -5.79
CA GLU B 621 12.55 36.61 -6.94
C GLU B 621 14.07 36.62 -7.12
N ASN B 622 14.71 37.75 -6.80
CA ASN B 622 16.16 37.82 -6.92
C ASN B 622 16.83 36.90 -5.91
N ALA B 623 16.28 36.80 -4.69
CA ALA B 623 16.88 35.95 -3.67
C ALA B 623 16.83 34.48 -4.09
N MET B 624 15.70 34.04 -4.66
CA MET B 624 15.60 32.66 -5.12
C MET B 624 16.57 32.38 -6.26
N ILE B 625 16.74 33.33 -7.17
CA ILE B 625 17.68 33.15 -8.28
C ILE B 625 19.11 33.02 -7.75
N ALA B 626 19.47 33.88 -6.78
CA ALA B 626 20.79 33.78 -6.17
C ALA B 626 20.95 32.46 -5.43
N ALA B 627 19.89 32.01 -4.74
CA ALA B 627 19.93 30.73 -4.05
C ALA B 627 19.85 29.55 -5.00
N GLY B 628 19.47 29.77 -6.26
CA GLY B 628 19.39 28.67 -7.21
C GLY B 628 18.21 27.75 -7.01
N LEU B 629 17.15 28.22 -6.35
CA LEU B 629 15.97 27.41 -6.08
C LEU B 629 14.84 27.72 -7.04
N VAL B 630 15.15 28.21 -8.23
CA VAL B 630 14.15 28.49 -9.26
C VAL B 630 14.21 27.40 -10.33
N ASP B 631 13.06 26.81 -10.63
CA ASP B 631 13.02 25.74 -11.63
C ASP B 631 13.15 26.31 -13.04
N ASP B 632 12.49 27.43 -13.31
CA ASP B 632 12.54 28.06 -14.63
C ASP B 632 12.27 29.55 -14.50
N PRO B 633 13.23 30.41 -14.86
CA PRO B 633 13.03 31.86 -14.73
C PRO B 633 12.21 32.48 -15.85
N ARG B 634 11.52 31.69 -16.68
CA ARG B 634 10.72 32.25 -17.76
C ARG B 634 9.45 32.93 -17.25
N ALA B 635 8.97 32.54 -16.07
CA ALA B 635 7.73 33.12 -15.55
C ALA B 635 7.95 34.49 -14.92
N MET B 636 9.16 34.80 -14.45
CA MET B 636 9.43 36.06 -13.78
C MET B 636 9.78 37.19 -14.75
N VAL B 637 9.89 36.91 -16.05
CA VAL B 637 10.23 37.94 -17.01
C VAL B 637 9.10 38.97 -17.13
N GLY B 638 7.84 38.49 -17.16
CA GLY B 638 6.73 39.40 -17.36
C GLY B 638 6.60 40.42 -16.24
N ARG B 639 6.71 39.96 -14.98
CA ARG B 639 6.62 40.87 -13.85
C ARG B 639 7.78 41.86 -13.84
N LEU B 640 8.98 41.38 -14.16
CA LEU B 640 10.13 42.29 -14.21
C LEU B 640 10.01 43.28 -15.37
N ASN B 641 9.49 42.83 -16.51
CA ASN B 641 9.40 43.69 -17.68
C ASN B 641 8.51 44.89 -17.43
N GLU B 642 7.37 44.69 -16.78
CA GLU B 642 6.48 45.81 -16.47
C GLU B 642 7.01 46.68 -15.34
N LEU B 643 8.01 46.21 -14.59
CA LEU B 643 8.61 47.05 -13.55
C LEU B 643 9.50 48.13 -14.17
N LEU B 644 10.29 47.77 -15.18
CA LEU B 644 11.22 48.73 -15.77
C LEU B 644 10.50 49.80 -16.57
N VAL B 645 9.36 49.46 -17.18
CA VAL B 645 8.63 50.45 -17.98
C VAL B 645 8.08 51.58 -17.13
N LYS B 646 7.91 51.35 -15.82
CA LYS B 646 7.43 52.39 -14.91
C LYS B 646 8.46 52.81 -13.87
N ALA B 647 9.57 52.09 -13.76
CA ALA B 647 10.60 52.48 -12.80
C ALA B 647 11.26 53.80 -13.18
N LEU B 648 11.53 53.99 -14.48
CA LEU B 648 12.22 55.18 -14.97
C LEU B 648 11.33 56.04 -15.86
N GLU B 649 10.01 55.92 -15.73
CA GLU B 649 9.10 56.71 -16.55
C GLU B 649 9.21 58.20 -16.27
N ARG B 650 9.71 58.58 -15.09
CA ARG B 650 9.83 59.99 -14.76
C ARG B 650 10.89 60.69 -15.61
N HIS B 651 11.89 59.95 -16.09
CA HIS B 651 12.97 60.52 -16.88
C HIS B 651 12.44 61.17 -18.17
N PRO C 17 -10.24 -11.59 -25.90
CA PRO C 17 -11.68 -11.64 -26.19
C PRO C 17 -12.53 -11.68 -24.92
N LEU C 18 -13.70 -11.07 -24.98
CA LEU C 18 -14.63 -11.03 -23.85
C LEU C 18 -15.78 -11.99 -24.12
N HIS C 19 -16.01 -12.91 -23.19
CA HIS C 19 -17.05 -13.92 -23.33
C HIS C 19 -18.39 -13.28 -23.01
N SER C 20 -19.09 -12.83 -24.05
CA SER C 20 -20.40 -12.19 -23.91
C SER C 20 -21.37 -12.77 -24.92
N ILE C 21 -22.63 -12.87 -24.53
CA ILE C 21 -23.69 -13.38 -25.38
C ILE C 21 -24.78 -12.35 -25.62
N ILE C 22 -24.63 -11.13 -25.10
CA ILE C 22 -25.65 -10.10 -25.28
C ILE C 22 -25.62 -9.61 -26.71
N SER C 23 -26.78 -9.62 -27.37
CA SER C 23 -26.90 -9.19 -28.76
C SER C 23 -28.22 -8.44 -28.91
N SER C 24 -28.55 -8.12 -30.16
CA SER C 24 -29.78 -7.39 -30.49
C SER C 24 -30.52 -8.07 -31.63
N THR C 25 -30.62 -9.40 -31.57
CA THR C 25 -31.27 -10.17 -32.61
C THR C 25 -32.77 -10.32 -32.40
N GLU C 26 -33.31 -9.80 -31.30
CA GLU C 26 -34.73 -9.93 -31.03
C GLU C 26 -35.54 -8.95 -31.88
N SER C 27 -36.78 -9.34 -32.17
CA SER C 27 -37.68 -8.51 -32.98
C SER C 27 -39.11 -8.79 -32.56
N VAL C 28 -39.99 -7.84 -32.87
CA VAL C 28 -41.40 -7.93 -32.53
C VAL C 28 -42.20 -8.16 -33.80
N GLN C 29 -43.05 -9.19 -33.78
CA GLN C 29 -43.87 -9.53 -34.95
C GLN C 29 -45.32 -9.83 -34.63
N GLY C 30 -45.69 -10.05 -33.37
CA GLY C 30 -47.04 -10.45 -33.02
C GLY C 30 -47.96 -9.27 -32.78
N SER C 31 -49.10 -9.57 -32.18
CA SER C 31 -50.11 -8.58 -31.86
C SER C 31 -50.05 -8.21 -30.38
N THR C 32 -50.34 -6.95 -30.09
CA THR C 32 -50.25 -6.43 -28.73
C THR C 32 -51.59 -6.55 -28.02
N SER C 33 -51.62 -7.34 -26.95
CA SER C 33 -52.78 -7.45 -26.09
C SER C 33 -52.59 -6.58 -24.86
N LYS C 34 -53.70 -6.28 -24.19
CA LYS C 34 -53.71 -5.40 -23.02
C LYS C 34 -54.24 -6.15 -21.81
N HIS C 35 -53.48 -6.11 -20.72
CA HIS C 35 -53.86 -6.78 -19.48
C HIS C 35 -53.60 -5.84 -18.32
N GLU C 36 -54.29 -6.11 -17.20
CA GLU C 36 -54.15 -5.33 -15.98
C GLU C 36 -53.53 -6.19 -14.88
N PHE C 37 -52.83 -5.53 -13.96
CA PHE C 37 -52.19 -6.23 -12.86
C PHE C 37 -53.23 -6.80 -11.90
N GLN C 38 -52.97 -8.02 -11.43
CA GLN C 38 -53.84 -8.69 -10.47
C GLN C 38 -53.08 -8.89 -9.16
N ALA C 39 -53.80 -9.41 -8.16
CA ALA C 39 -53.21 -9.67 -6.86
C ALA C 39 -54.09 -10.67 -6.11
N GLU C 40 -53.45 -11.60 -5.41
CA GLU C 40 -54.16 -12.59 -4.62
C GLU C 40 -54.10 -12.19 -3.15
N THR C 41 -55.27 -12.04 -2.52
CA THR C 41 -55.34 -11.58 -1.14
C THR C 41 -55.05 -12.69 -0.14
N LYS C 42 -55.11 -13.96 -0.57
CA LYS C 42 -54.81 -15.06 0.35
C LYS C 42 -53.34 -15.04 0.77
N LYS C 43 -52.45 -14.62 -0.12
CA LYS C 43 -51.03 -14.51 0.21
C LYS C 43 -50.67 -13.14 0.74
N LEU C 44 -51.38 -12.08 0.32
CA LEU C 44 -51.12 -10.75 0.84
C LEU C 44 -51.39 -10.67 2.34
N LEU C 45 -52.47 -11.30 2.80
CA LEU C 45 -52.71 -11.40 4.23
C LEU C 45 -51.63 -12.22 4.92
N ASP C 46 -51.05 -13.19 4.21
CA ASP C 46 -49.97 -14.00 4.78
C ASP C 46 -48.73 -13.15 5.07
N ILE C 47 -48.41 -12.23 4.16
CA ILE C 47 -47.22 -11.39 4.34
C ILE C 47 -47.36 -10.50 5.55
N VAL C 48 -48.51 -9.83 5.68
CA VAL C 48 -48.71 -8.90 6.78
C VAL C 48 -48.78 -9.63 8.12
N ALA C 49 -49.24 -10.89 8.11
CA ALA C 49 -49.50 -11.59 9.36
C ALA C 49 -48.26 -11.77 10.21
N ARG C 50 -47.15 -12.19 9.60
CA ARG C 50 -45.93 -12.47 10.36
C ARG C 50 -44.64 -11.95 9.75
N SER C 51 -44.62 -11.57 8.48
CA SER C 51 -43.38 -11.13 7.83
C SER C 51 -43.33 -9.62 7.64
N LEU C 52 -44.09 -8.86 8.43
CA LEU C 52 -44.10 -7.41 8.33
C LEU C 52 -43.58 -6.72 9.58
N TYR C 53 -44.16 -7.02 10.74
CA TYR C 53 -43.82 -6.34 11.99
C TYR C 53 -42.92 -7.22 12.84
N SER C 54 -41.82 -6.65 13.34
CA SER C 54 -40.92 -7.41 14.20
C SER C 54 -41.55 -7.68 15.56
N GLU C 55 -42.16 -6.66 16.16
CA GLU C 55 -42.80 -6.81 17.45
C GLU C 55 -44.22 -7.34 17.30
N LYS C 56 -44.74 -7.88 18.40
CA LYS C 56 -46.09 -8.45 18.41
C LYS C 56 -47.13 -7.54 19.03
N GLU C 57 -46.71 -6.54 19.82
CA GLU C 57 -47.62 -5.66 20.52
C GLU C 57 -47.96 -4.40 19.76
N VAL C 58 -47.48 -4.25 18.52
CA VAL C 58 -47.74 -3.04 17.75
C VAL C 58 -49.17 -2.94 17.25
N PHE C 59 -49.99 -3.99 17.42
CA PHE C 59 -51.35 -3.96 16.90
C PHE C 59 -52.20 -2.93 17.64
N ILE C 60 -51.99 -2.79 18.95
CA ILE C 60 -52.78 -1.83 19.73
C ILE C 60 -52.45 -0.40 19.31
N ARG C 61 -51.19 -0.13 18.95
CA ARG C 61 -50.82 1.21 18.50
C ARG C 61 -51.57 1.58 17.22
N GLU C 62 -51.69 0.63 16.29
CA GLU C 62 -52.42 0.90 15.05
C GLU C 62 -53.89 1.17 15.33
N LEU C 63 -54.51 0.41 16.23
CA LEU C 63 -55.92 0.60 16.54
C LEU C 63 -56.17 1.97 17.18
N ILE C 64 -55.28 2.39 18.08
CA ILE C 64 -55.43 3.71 18.70
C ILE C 64 -55.30 4.80 17.65
N SER C 65 -54.36 4.65 16.72
CA SER C 65 -54.22 5.62 15.64
C SER C 65 -55.47 5.65 14.77
N ASN C 66 -56.05 4.48 14.48
CA ASN C 66 -57.28 4.43 13.70
C ASN C 66 -58.42 5.12 14.45
N ALA C 67 -58.52 4.90 15.75
CA ALA C 67 -59.58 5.52 16.54
C ALA C 67 -59.45 7.04 16.53
N SER C 68 -58.23 7.55 16.66
CA SER C 68 -58.02 8.99 16.66
C SER C 68 -58.38 9.60 15.31
N ASP C 69 -58.12 8.87 14.22
CA ASP C 69 -58.44 9.39 12.89
C ASP C 69 -59.93 9.55 12.70
N ALA C 70 -60.73 8.65 13.29
CA ALA C 70 -62.18 8.75 13.17
C ALA C 70 -62.70 10.03 13.83
N LEU C 71 -62.14 10.40 14.98
CA LEU C 71 -62.58 11.62 15.66
C LEU C 71 -62.18 12.86 14.87
N GLU C 72 -61.03 12.83 14.19
CA GLU C 72 -60.60 13.99 13.41
C GLU C 72 -61.54 14.25 12.25
N LYS C 73 -62.01 13.20 11.58
CA LYS C 73 -62.94 13.37 10.47
C LYS C 73 -64.25 13.98 10.95
N LEU C 74 -64.74 13.55 12.11
CA LEU C 74 -65.98 14.10 12.65
C LEU C 74 -65.83 15.58 12.99
N ARG C 75 -64.70 15.97 13.57
CA ARG C 75 -64.50 17.36 13.97
C ARG C 75 -64.49 18.29 12.77
N HIS C 76 -63.80 17.90 11.70
CA HIS C 76 -63.72 18.75 10.52
C HIS C 76 -65.07 18.88 9.82
N LYS C 77 -65.93 17.88 9.95
CA LYS C 77 -67.26 17.97 9.36
C LYS C 77 -68.14 18.96 10.13
N LEU C 78 -67.90 19.12 11.44
CA LEU C 78 -68.71 20.03 12.23
C LEU C 78 -68.36 21.48 11.96
N VAL C 79 -67.06 21.78 11.83
CA VAL C 79 -66.65 23.16 11.57
C VAL C 79 -67.16 23.64 10.21
N SER C 80 -67.34 22.71 9.27
CA SER C 80 -67.96 23.08 8.00
C SER C 80 -69.40 23.53 8.21
N ASP C 81 -70.13 22.87 9.11
CA ASP C 81 -71.48 23.28 9.46
C ASP C 81 -71.52 24.32 10.56
N GLY C 82 -70.43 24.48 11.32
CA GLY C 82 -70.37 25.47 12.38
C GLY C 82 -71.33 25.21 13.53
N GLN C 83 -71.42 23.96 13.99
CA GLN C 83 -72.30 23.59 15.07
C GLN C 83 -71.49 23.10 16.27
N ALA C 84 -72.20 22.85 17.38
CA ALA C 84 -71.56 22.40 18.59
C ALA C 84 -70.99 20.99 18.42
N LEU C 85 -69.93 20.70 19.18
CA LEU C 85 -69.27 19.41 19.06
C LEU C 85 -69.67 18.49 20.21
N PRO C 86 -70.02 17.24 19.93
CA PRO C 86 -70.34 16.29 21.02
C PRO C 86 -69.10 15.81 21.74
N GLU C 87 -69.27 14.85 22.64
CA GLU C 87 -68.14 14.29 23.38
C GLU C 87 -67.16 13.61 22.42
N MET C 88 -65.87 13.76 22.71
CA MET C 88 -64.80 13.19 21.89
C MET C 88 -63.78 12.55 22.82
N GLU C 89 -63.79 11.21 22.89
CA GLU C 89 -62.90 10.50 23.79
C GLU C 89 -62.75 9.07 23.33
N ILE C 90 -61.61 8.47 23.66
CA ILE C 90 -61.28 7.10 23.27
C ILE C 90 -61.27 6.22 24.51
N HIS C 91 -61.89 5.06 24.42
CA HIS C 91 -61.93 4.09 25.49
C HIS C 91 -61.39 2.75 25.00
N LEU C 92 -60.60 2.08 25.85
CA LEU C 92 -60.15 0.74 25.56
C LEU C 92 -60.26 -0.09 26.84
N GLN C 93 -60.73 -1.33 26.68
CA GLN C 93 -61.00 -2.21 27.80
C GLN C 93 -60.26 -3.52 27.62
N THR C 94 -60.01 -4.19 28.75
CA THR C 94 -59.40 -5.51 28.76
C THR C 94 -60.29 -6.45 29.58
N ASN C 95 -60.59 -7.62 29.02
CA ASN C 95 -61.49 -8.58 29.64
C ASN C 95 -60.72 -9.89 29.82
N ALA C 96 -60.06 -10.03 30.97
CA ALA C 96 -59.19 -11.17 31.20
C ALA C 96 -59.96 -12.47 31.43
N GLU C 97 -61.25 -12.40 31.71
CA GLU C 97 -62.03 -13.61 31.96
C GLU C 97 -62.08 -14.49 30.70
N LYS C 98 -62.62 -13.95 29.61
CA LYS C 98 -62.65 -14.65 28.34
C LYS C 98 -61.50 -14.26 27.42
N GLY C 99 -60.59 -13.41 27.89
CA GLY C 99 -59.43 -13.04 27.11
C GLY C 99 -59.73 -12.24 25.87
N THR C 100 -60.33 -11.05 26.04
CA THR C 100 -60.65 -10.17 24.92
C THR C 100 -60.22 -8.75 25.25
N ILE C 101 -59.92 -7.99 24.19
CA ILE C 101 -59.57 -6.58 24.29
C ILE C 101 -60.49 -5.80 23.37
N THR C 102 -61.05 -4.71 23.88
CA THR C 102 -62.03 -3.92 23.17
C THR C 102 -61.60 -2.47 23.10
N ILE C 103 -61.76 -1.86 21.93
CA ILE C 103 -61.46 -0.44 21.71
C ILE C 103 -62.72 0.22 21.19
N GLN C 104 -63.15 1.30 21.84
CA GLN C 104 -64.34 2.04 21.46
C GLN C 104 -64.03 3.52 21.39
N ASP C 105 -64.68 4.21 20.45
CA ASP C 105 -64.55 5.65 20.31
C ASP C 105 -65.89 6.21 19.83
N THR C 106 -65.91 7.52 19.60
CA THR C 106 -67.12 8.20 19.13
C THR C 106 -66.87 8.88 17.79
N GLY C 107 -66.23 8.16 16.87
CA GLY C 107 -65.85 8.71 15.58
C GLY C 107 -67.03 8.84 14.63
N ILE C 108 -66.69 9.10 13.37
CA ILE C 108 -67.71 9.30 12.34
C ILE C 108 -68.54 8.04 12.14
N GLY C 109 -67.87 6.88 12.08
CA GLY C 109 -68.56 5.64 11.77
C GLY C 109 -68.59 5.37 10.28
N MET C 110 -68.84 4.10 9.95
CA MET C 110 -68.78 3.62 8.57
C MET C 110 -70.04 2.83 8.24
N THR C 111 -70.56 3.05 7.03
CA THR C 111 -71.75 2.37 6.56
C THR C 111 -71.39 1.01 5.96
N GLN C 112 -72.42 0.30 5.48
CA GLN C 112 -72.18 -1.03 4.93
C GLN C 112 -71.34 -0.97 3.66
N GLU C 113 -71.57 0.03 2.81
CA GLU C 113 -70.73 0.18 1.63
C GLU C 113 -69.36 0.76 1.98
N GLU C 114 -69.24 1.44 3.13
CA GLU C 114 -67.94 1.91 3.59
C GLU C 114 -67.13 0.79 4.21
N LEU C 115 -67.79 -0.22 4.78
CA LEU C 115 -67.07 -1.35 5.36
C LEU C 115 -66.33 -2.15 4.27
N VAL C 116 -67.04 -2.52 3.21
CA VAL C 116 -66.42 -3.32 2.16
C VAL C 116 -65.37 -2.50 1.41
N SER C 117 -65.60 -1.21 1.23
CA SER C 117 -64.66 -0.38 0.49
C SER C 117 -63.36 -0.19 1.27
N ASN C 118 -63.45 0.01 2.58
CA ASN C 118 -62.28 0.29 3.39
C ASN C 118 -61.71 -0.97 4.03
N LEU C 119 -62.52 -1.68 4.82
CA LEU C 119 -62.01 -2.82 5.58
C LEU C 119 -61.66 -3.99 4.66
N GLY C 120 -62.48 -4.24 3.65
CA GLY C 120 -62.30 -5.39 2.79
C GLY C 120 -61.30 -5.24 1.66
N THR C 121 -60.69 -4.07 1.51
CA THR C 121 -59.73 -3.81 0.44
C THR C 121 -58.36 -3.57 1.04
N ILE C 122 -57.35 -4.23 0.51
CA ILE C 122 -55.97 -4.11 0.99
C ILE C 122 -55.32 -2.91 0.31
N ALA C 123 -54.49 -2.20 1.08
CA ALA C 123 -53.72 -1.05 0.58
C ALA C 123 -54.61 0.06 0.04
N ARG C 124 -55.85 0.14 0.54
CA ARG C 124 -56.77 1.22 0.19
C ARG C 124 -57.30 1.85 1.46
N SER C 125 -57.10 3.16 1.58
CA SER C 125 -57.49 3.90 2.78
C SER C 125 -58.40 5.06 2.40
N GLY C 126 -59.47 5.24 3.17
CA GLY C 126 -60.37 6.35 2.96
C GLY C 126 -59.86 7.69 3.45
N SER C 127 -58.78 7.70 4.23
CA SER C 127 -58.22 8.96 4.72
C SER C 127 -57.65 9.79 3.57
N LYS C 128 -56.99 9.14 2.62
CA LYS C 128 -56.35 9.86 1.52
C LYS C 128 -57.38 10.61 0.69
N ALA C 129 -58.55 10.00 0.46
CA ALA C 129 -59.61 10.69 -0.25
C ALA C 129 -60.08 11.92 0.52
N PHE C 130 -60.22 11.79 1.85
CA PHE C 130 -60.60 12.93 2.67
C PHE C 130 -59.52 14.00 2.67
N LEU C 131 -58.25 13.59 2.72
CA LEU C 131 -57.15 14.56 2.71
C LEU C 131 -57.04 15.25 1.36
N ASP C 132 -57.20 14.51 0.27
CA ASP C 132 -57.11 15.11 -1.06
C ASP C 132 -58.31 15.99 -1.37
N ALA C 133 -59.42 15.84 -0.64
CA ALA C 133 -60.60 16.67 -0.81
C ALA C 133 -60.64 17.83 0.20
N LEU C 134 -59.47 18.26 0.68
CA LEU C 134 -59.40 19.34 1.66
C LEU C 134 -59.20 20.69 1.02
N GLN C 135 -58.35 20.78 -0.01
CA GLN C 135 -58.07 21.98 -0.78
C GLN C 135 -57.49 23.12 0.06
N ASN C 136 -57.10 22.86 1.31
CA ASN C 136 -56.42 23.86 2.11
C ASN C 136 -55.14 23.28 2.72
N GLN C 137 -55.16 21.98 3.00
CA GLN C 137 -53.99 21.24 3.49
C GLN C 137 -53.46 21.83 4.80
N ALA C 138 -54.34 22.42 5.60
CA ALA C 138 -53.93 22.98 6.88
C ALA C 138 -54.86 22.55 8.01
N GLU C 139 -56.12 22.24 7.67
CA GLU C 139 -57.08 21.88 8.70
C GLU C 139 -56.81 20.48 9.24
N ALA C 140 -56.53 19.51 8.37
CA ALA C 140 -56.34 18.14 8.79
C ALA C 140 -55.09 17.48 8.21
N SER C 141 -54.31 18.20 7.40
CA SER C 141 -53.11 17.61 6.82
C SER C 141 -52.00 17.42 7.85
N SER C 142 -52.13 17.98 9.05
CA SER C 142 -51.12 17.87 10.09
C SER C 142 -51.55 16.98 11.25
N LYS C 143 -52.73 16.35 11.18
CA LYS C 143 -53.23 15.55 12.28
C LYS C 143 -53.78 14.20 11.85
N ILE C 144 -53.58 13.81 10.59
CA ILE C 144 -54.02 12.51 10.10
C ILE C 144 -52.79 11.63 9.92
N ILE C 145 -52.83 10.44 10.52
CA ILE C 145 -51.66 9.56 10.56
C ILE C 145 -51.69 8.55 9.42
N GLY C 146 -52.83 7.91 9.20
CA GLY C 146 -52.94 6.84 8.22
C GLY C 146 -52.59 7.23 6.81
N GLN C 147 -51.63 6.52 6.19
CA GLN C 147 -51.23 6.79 4.83
C GLN C 147 -50.94 5.54 4.00
N PHE C 148 -51.15 4.35 4.54
CA PHE C 148 -50.85 3.11 3.83
C PHE C 148 -52.10 2.29 3.52
N GLY C 149 -52.90 1.97 4.53
CA GLY C 149 -54.11 1.18 4.34
C GLY C 149 -54.02 -0.24 4.81
N VAL C 150 -52.91 -0.65 5.43
CA VAL C 150 -52.72 -2.02 5.91
C VAL C 150 -52.65 -2.07 7.43
N GLY C 151 -52.93 -0.95 8.11
CA GLY C 151 -52.79 -0.92 9.56
C GLY C 151 -53.78 -1.82 10.28
N PHE C 152 -55.02 -1.88 9.79
CA PHE C 152 -56.05 -2.66 10.47
C PHE C 152 -55.71 -4.14 10.49
N TYR C 153 -55.14 -4.66 9.40
CA TYR C 153 -54.86 -6.08 9.28
C TYR C 153 -53.73 -6.55 10.19
N SER C 154 -53.04 -5.62 10.86
CA SER C 154 -52.03 -6.01 11.84
C SER C 154 -52.63 -6.71 13.05
N ALA C 155 -53.94 -6.58 13.26
CA ALA C 155 -54.59 -7.22 14.40
C ALA C 155 -54.67 -8.74 14.25
N PHE C 156 -54.47 -9.27 13.05
CA PHE C 156 -54.54 -10.70 12.83
C PHE C 156 -53.36 -11.46 13.43
N MET C 157 -52.35 -10.75 13.93
CA MET C 157 -51.20 -11.42 14.53
C MET C 157 -51.60 -12.23 15.75
N VAL C 158 -52.46 -11.66 16.60
CA VAL C 158 -52.83 -12.28 17.87
C VAL C 158 -54.31 -12.61 17.95
N ALA C 159 -55.10 -12.28 16.94
CA ALA C 159 -56.55 -12.47 16.97
C ALA C 159 -56.94 -13.63 16.07
N ASP C 160 -57.72 -14.56 16.62
CA ASP C 160 -58.32 -15.64 15.84
C ASP C 160 -59.73 -15.32 15.38
N ARG C 161 -60.32 -14.22 15.87
CA ARG C 161 -61.65 -13.78 15.44
C ARG C 161 -61.80 -12.31 15.82
N VAL C 162 -62.33 -11.53 14.89
CA VAL C 162 -62.49 -10.09 15.06
C VAL C 162 -63.96 -9.73 14.88
N GLU C 163 -64.52 -9.03 15.86
CA GLU C 163 -65.89 -8.54 15.80
C GLU C 163 -65.87 -7.02 15.79
N VAL C 164 -66.52 -6.41 14.80
CA VAL C 164 -66.55 -4.97 14.64
C VAL C 164 -68.01 -4.52 14.62
N TYR C 165 -68.36 -3.59 15.51
CA TYR C 165 -69.68 -3.00 15.56
C TYR C 165 -69.54 -1.49 15.38
N SER C 166 -70.29 -0.92 14.43
CA SER C 166 -70.14 0.48 14.11
C SER C 166 -71.46 1.04 13.59
N ARG C 167 -71.75 2.29 13.94
CA ARG C 167 -72.86 3.05 13.38
C ARG C 167 -72.35 4.43 13.00
N SER C 168 -72.71 4.88 11.80
CA SER C 168 -72.23 6.16 11.32
C SER C 168 -72.87 7.31 12.10
N ALA C 169 -72.18 8.46 12.09
CA ALA C 169 -72.65 9.63 12.81
C ALA C 169 -73.78 10.37 12.10
N ALA C 170 -74.13 9.95 10.88
CA ALA C 170 -75.20 10.61 10.16
C ALA C 170 -76.53 10.46 10.91
N PRO C 171 -77.33 11.50 10.99
CA PRO C 171 -78.60 11.40 11.74
C PRO C 171 -79.60 10.49 11.05
N GLY C 172 -79.46 9.19 11.24
CA GLY C 172 -80.36 8.23 10.63
C GLY C 172 -79.66 6.96 10.17
N SER C 173 -78.35 6.91 10.36
CA SER C 173 -77.58 5.72 9.97
C SER C 173 -77.88 4.56 10.91
N LEU C 174 -77.65 3.35 10.39
CA LEU C 174 -77.90 2.12 11.12
C LEU C 174 -76.59 1.40 11.41
N GLY C 175 -76.65 0.49 12.39
CA GLY C 175 -75.47 -0.26 12.76
C GLY C 175 -75.21 -1.45 11.84
N TYR C 176 -73.98 -1.95 11.90
CA TYR C 176 -73.58 -3.08 11.07
C TYR C 176 -72.55 -3.90 11.82
N GLN C 177 -72.41 -5.16 11.41
CA GLN C 177 -71.56 -6.13 12.09
C GLN C 177 -70.57 -6.71 11.08
N TRP C 178 -69.34 -6.95 11.54
CA TRP C 178 -68.24 -7.31 10.65
C TRP C 178 -67.44 -8.43 11.30
N LEU C 179 -67.37 -9.58 10.63
CA LEU C 179 -66.65 -10.75 11.12
C LEU C 179 -65.60 -11.20 10.12
N SER C 180 -64.45 -11.63 10.65
CA SER C 180 -63.40 -12.22 9.84
C SER C 180 -62.52 -13.07 10.74
N ASP C 181 -61.80 -14.01 10.13
CA ASP C 181 -60.91 -14.90 10.86
C ASP C 181 -59.49 -14.88 10.30
N GLY C 182 -59.18 -14.00 9.35
CA GLY C 182 -57.86 -13.94 8.77
C GLY C 182 -57.56 -15.00 7.73
N SER C 183 -58.57 -15.77 7.31
CA SER C 183 -58.38 -16.82 6.32
C SER C 183 -58.60 -16.33 4.90
N GLY C 184 -58.86 -15.04 4.70
CA GLY C 184 -59.12 -14.49 3.39
C GLY C 184 -60.58 -14.28 3.05
N VAL C 185 -61.48 -14.51 3.99
CA VAL C 185 -62.91 -14.31 3.79
C VAL C 185 -63.49 -13.57 4.99
N PHE C 186 -64.35 -12.59 4.72
CA PHE C 186 -64.97 -11.80 5.77
C PHE C 186 -66.47 -11.76 5.56
N GLU C 187 -67.19 -11.39 6.61
CA GLU C 187 -68.64 -11.45 6.64
C GLU C 187 -69.20 -10.13 7.15
N ILE C 188 -70.28 -9.67 6.54
CA ILE C 188 -70.91 -8.39 6.87
C ILE C 188 -72.40 -8.60 7.02
N ALA C 189 -72.98 -7.99 8.07
CA ALA C 189 -74.41 -8.12 8.33
C ALA C 189 -74.89 -6.87 9.05
N GLU C 190 -76.20 -6.66 9.02
CA GLU C 190 -76.82 -5.52 9.67
C GLU C 190 -76.93 -5.77 11.17
N ALA C 191 -76.62 -4.74 11.95
CA ALA C 191 -76.63 -4.82 13.40
C ALA C 191 -77.57 -3.78 13.98
N SER C 192 -78.21 -4.14 15.10
CA SER C 192 -79.16 -3.27 15.78
C SER C 192 -78.69 -3.04 17.21
N GLY C 193 -78.87 -1.81 17.70
CA GLY C 193 -78.47 -1.45 19.04
C GLY C 193 -77.07 -0.90 19.17
N VAL C 194 -76.29 -0.89 18.09
CA VAL C 194 -74.93 -0.36 18.13
C VAL C 194 -74.99 1.16 18.16
N ARG C 195 -74.33 1.76 19.15
CA ARG C 195 -74.34 3.21 19.30
C ARG C 195 -73.40 3.86 18.29
N THR C 196 -73.39 5.19 18.27
CA THR C 196 -72.53 5.93 17.35
C THR C 196 -71.07 5.69 17.69
N GLY C 197 -70.23 5.72 16.65
CA GLY C 197 -68.81 5.48 16.80
C GLY C 197 -68.39 4.13 16.25
N THR C 198 -67.38 3.52 16.87
CA THR C 198 -66.86 2.24 16.43
C THR C 198 -66.45 1.42 17.64
N LYS C 199 -66.72 0.12 17.59
CA LYS C 199 -66.31 -0.80 18.64
C LYS C 199 -65.70 -2.04 17.98
N ILE C 200 -64.56 -2.48 18.51
CA ILE C 200 -63.83 -3.61 17.94
C ILE C 200 -63.64 -4.64 19.03
N ILE C 201 -64.27 -5.80 18.87
CA ILE C 201 -64.10 -6.92 19.78
C ILE C 201 -63.04 -7.85 19.19
N ILE C 202 -61.99 -8.11 19.97
CA ILE C 202 -60.88 -8.95 19.53
C ILE C 202 -60.72 -10.10 20.51
N HIS C 203 -60.69 -11.32 19.99
CA HIS C 203 -60.46 -12.51 20.80
C HIS C 203 -59.00 -12.94 20.63
N LEU C 204 -58.31 -13.12 21.75
CA LEU C 204 -56.88 -13.38 21.72
C LEU C 204 -56.59 -14.84 21.38
N LYS C 205 -55.46 -15.06 20.73
CA LYS C 205 -55.00 -16.39 20.42
C LYS C 205 -54.42 -17.05 21.67
N SER C 206 -54.30 -18.38 21.62
CA SER C 206 -53.86 -19.14 22.79
C SER C 206 -52.45 -18.75 23.21
N ASP C 207 -51.54 -18.55 22.25
CA ASP C 207 -50.15 -18.23 22.58
C ASP C 207 -49.93 -16.77 22.92
N CYS C 208 -50.93 -15.91 22.71
CA CYS C 208 -50.79 -14.47 22.91
C CYS C 208 -51.83 -13.95 23.89
N LYS C 209 -52.02 -14.66 25.01
CA LYS C 209 -52.95 -14.23 26.04
C LYS C 209 -52.32 -13.26 27.03
N GLU C 210 -51.04 -12.92 26.87
CA GLU C 210 -50.39 -11.98 27.78
C GLU C 210 -51.01 -10.59 27.71
N PHE C 211 -51.65 -10.25 26.59
CA PHE C 211 -52.30 -8.95 26.46
C PHE C 211 -53.60 -8.85 27.25
N SER C 212 -54.07 -9.96 27.83
CA SER C 212 -55.25 -9.93 28.69
C SER C 212 -54.94 -9.38 30.07
N SER C 213 -53.68 -9.12 30.39
CA SER C 213 -53.28 -8.54 31.66
C SER C 213 -53.16 -7.03 31.53
N GLU C 214 -53.66 -6.31 32.53
CA GLU C 214 -53.65 -4.85 32.47
C GLU C 214 -52.24 -4.29 32.52
N ALA C 215 -51.33 -4.95 33.23
CA ALA C 215 -49.97 -4.44 33.35
C ALA C 215 -49.27 -4.38 31.99
N ARG C 216 -49.46 -5.42 31.17
CA ARG C 216 -48.82 -5.42 29.86
C ARG C 216 -49.40 -4.35 28.94
N VAL C 217 -50.72 -4.14 29.01
CA VAL C 217 -51.36 -3.14 28.15
C VAL C 217 -50.94 -1.73 28.55
N ARG C 218 -50.86 -1.47 29.85
CA ARG C 218 -50.47 -0.13 30.32
C ARG C 218 -49.08 0.25 29.84
N ASP C 219 -48.17 -0.73 29.73
CA ASP C 219 -46.82 -0.44 29.26
C ASP C 219 -46.83 0.03 27.81
N VAL C 220 -47.61 -0.61 26.96
CA VAL C 220 -47.59 -0.29 25.53
C VAL C 220 -48.23 1.08 25.27
N VAL C 221 -49.31 1.39 25.97
CA VAL C 221 -50.02 2.65 25.74
C VAL C 221 -49.13 3.83 26.06
N THR C 222 -48.41 3.77 27.18
CA THR C 222 -47.50 4.85 27.55
C THR C 222 -46.20 4.82 26.77
N LYS C 223 -45.95 3.77 25.98
CA LYS C 223 -44.71 3.66 25.21
C LYS C 223 -44.84 4.21 23.79
N TYR C 224 -46.01 4.10 23.18
CA TYR C 224 -46.21 4.48 21.78
C TYR C 224 -47.12 5.67 21.60
N SER C 225 -48.32 5.64 22.18
CA SER C 225 -49.30 6.69 21.97
C SER C 225 -49.65 7.40 23.27
N ASN C 226 -48.64 7.71 24.07
CA ASN C 226 -48.88 8.38 25.35
C ASN C 226 -49.40 9.80 25.15
N PHE C 227 -48.96 10.48 24.09
CA PHE C 227 -49.28 11.89 23.86
C PHE C 227 -50.37 12.08 22.81
N VAL C 228 -51.37 11.19 22.80
CA VAL C 228 -52.48 11.35 21.85
C VAL C 228 -53.26 12.61 22.18
N SER C 229 -53.91 13.18 21.17
CA SER C 229 -54.59 14.46 21.29
C SER C 229 -56.03 14.33 21.79
N PHE C 230 -56.42 13.14 22.23
CA PHE C 230 -57.77 12.90 22.71
C PHE C 230 -57.74 12.19 24.06
N PRO C 231 -58.78 12.35 24.88
CA PRO C 231 -58.78 11.71 26.19
C PRO C 231 -58.86 10.20 26.10
N LEU C 232 -57.76 9.52 26.42
CA LEU C 232 -57.67 8.07 26.34
C LEU C 232 -57.86 7.47 27.73
N TYR C 233 -58.57 6.36 27.80
CA TYR C 233 -58.88 5.71 29.06
C TYR C 233 -58.46 4.25 29.01
N LEU C 234 -58.24 3.68 30.19
CA LEU C 234 -57.92 2.26 30.34
C LEU C 234 -58.69 1.75 31.56
N ASN C 235 -59.65 0.86 31.32
CA ASN C 235 -60.59 0.41 32.35
C ASN C 235 -61.34 1.59 32.97
N GLY C 236 -61.58 2.63 32.17
CA GLY C 236 -62.27 3.82 32.63
C GLY C 236 -61.38 4.86 33.27
N ARG C 237 -60.09 4.57 33.46
CA ARG C 237 -59.16 5.49 34.10
C ARG C 237 -58.33 6.19 33.03
N ARG C 238 -58.39 7.52 33.03
CA ARG C 238 -57.69 8.30 32.01
C ARG C 238 -56.18 8.16 32.20
N MET C 239 -55.46 8.10 31.08
CA MET C 239 -54.02 7.85 31.10
C MET C 239 -53.18 8.96 30.48
N ASN C 240 -53.79 9.88 29.73
CA ASN C 240 -53.01 10.93 29.08
C ASN C 240 -52.42 11.88 30.10
N THR C 241 -53.26 12.60 30.82
CA THR C 241 -52.89 13.40 32.00
C THR C 241 -51.88 14.52 31.72
N LEU C 242 -51.46 14.72 30.47
CA LEU C 242 -50.62 15.86 30.16
C LEU C 242 -50.76 16.19 28.68
N GLN C 243 -50.23 17.35 28.30
CA GLN C 243 -50.27 17.86 26.94
C GLN C 243 -48.90 17.74 26.28
N ALA C 244 -48.89 17.95 24.97
CA ALA C 244 -47.66 17.93 24.17
C ALA C 244 -47.29 19.37 23.87
N ILE C 245 -46.33 19.90 24.64
CA ILE C 245 -45.95 21.30 24.49
C ILE C 245 -45.04 21.54 23.28
N TRP C 246 -44.46 20.50 22.71
CA TRP C 246 -43.56 20.68 21.56
C TRP C 246 -44.29 21.16 20.32
N MET C 247 -45.60 20.95 20.24
CA MET C 247 -46.39 21.41 19.11
C MET C 247 -46.95 22.81 19.30
N MET C 248 -46.78 23.41 20.48
CA MET C 248 -47.34 24.71 20.79
C MET C 248 -46.28 25.80 20.61
N ASP C 249 -46.71 27.05 20.77
CA ASP C 249 -45.84 28.20 20.65
C ASP C 249 -45.07 28.45 21.94
N PRO C 250 -43.91 29.10 21.86
CA PRO C 250 -43.10 29.33 23.07
C PRO C 250 -43.76 30.24 24.09
N LYS C 251 -44.73 31.07 23.70
CA LYS C 251 -45.24 32.08 24.62
C LYS C 251 -46.38 31.57 25.50
N ASP C 252 -47.30 30.78 24.96
CA ASP C 252 -48.43 30.32 25.75
C ASP C 252 -47.99 29.34 26.85
N VAL C 253 -47.04 28.46 26.53
CA VAL C 253 -46.59 27.47 27.50
C VAL C 253 -45.82 28.16 28.62
N GLY C 254 -46.15 27.82 29.86
CA GLY C 254 -45.48 28.39 31.01
C GLY C 254 -44.27 27.60 31.45
N GLU C 255 -43.54 28.17 32.42
CA GLU C 255 -42.36 27.49 32.95
C GLU C 255 -42.73 26.22 33.70
N TRP C 256 -43.86 26.24 34.41
CA TRP C 256 -44.30 25.05 35.14
C TRP C 256 -44.53 23.87 34.19
N GLN C 257 -45.22 24.12 33.08
CA GLN C 257 -45.38 23.09 32.07
C GLN C 257 -44.05 22.74 31.41
N HIS C 258 -43.18 23.74 31.24
CA HIS C 258 -41.84 23.47 30.74
C HIS C 258 -41.02 22.64 31.71
N GLU C 259 -41.39 22.64 32.99
CA GLU C 259 -40.70 21.84 33.99
C GLU C 259 -41.29 20.45 34.15
N GLU C 260 -42.62 20.33 34.08
CA GLU C 260 -43.26 19.02 34.16
C GLU C 260 -42.85 18.13 32.99
N PHE C 261 -42.74 18.71 31.80
CA PHE C 261 -42.38 17.93 30.61
C PHE C 261 -40.98 17.33 30.75
N TYR C 262 -40.04 18.11 31.31
CA TYR C 262 -38.67 17.62 31.42
C TYR C 262 -38.59 16.39 32.31
N ARG C 263 -39.33 16.37 33.42
CA ARG C 263 -39.27 15.25 34.34
C ARG C 263 -39.81 13.95 33.73
N TYR C 264 -40.61 14.05 32.67
CA TYR C 264 -41.17 12.86 32.03
C TYR C 264 -40.26 12.30 30.95
N VAL C 265 -39.69 13.15 30.10
CA VAL C 265 -38.86 12.67 29.01
C VAL C 265 -37.55 12.09 29.53
N ALA C 266 -36.96 12.72 30.54
CA ALA C 266 -35.69 12.28 31.09
C ALA C 266 -35.85 11.34 32.27
N GLN C 267 -37.07 11.14 32.77
CA GLN C 267 -37.33 10.32 33.96
C GLN C 267 -36.48 10.81 35.14
N ALA C 268 -36.33 12.12 35.24
CA ALA C 268 -35.49 12.75 36.26
C ALA C 268 -36.37 13.37 37.34
N HIS C 269 -35.71 13.96 38.33
CA HIS C 269 -36.40 14.62 39.44
C HIS C 269 -35.93 16.05 39.70
N ASP C 270 -34.83 16.48 39.09
CA ASP C 270 -34.30 17.82 39.31
C ASP C 270 -34.92 18.79 38.30
N LYS C 271 -34.40 20.01 38.24
CA LYS C 271 -34.87 21.01 37.31
C LYS C 271 -33.80 21.31 36.25
N PRO C 272 -34.20 21.54 35.00
CA PRO C 272 -33.20 21.80 33.97
C PRO C 272 -32.59 23.19 34.09
N ARG C 273 -31.36 23.32 33.60
CA ARG C 273 -30.67 24.60 33.58
C ARG C 273 -30.79 25.32 32.26
N TYR C 274 -31.10 24.61 31.18
CA TYR C 274 -31.25 25.21 29.86
C TYR C 274 -32.53 24.67 29.21
N THR C 275 -33.10 25.48 28.32
CA THR C 275 -34.34 25.11 27.64
C THR C 275 -34.38 25.81 26.29
N LEU C 276 -34.47 25.02 25.23
CA LEU C 276 -34.53 25.54 23.87
C LEU C 276 -35.82 25.05 23.20
N HIS C 277 -36.55 25.98 22.59
CA HIS C 277 -37.78 25.67 21.86
C HIS C 277 -37.53 26.02 20.39
N TYR C 278 -37.31 24.99 19.58
CA TYR C 278 -36.94 25.15 18.18
C TYR C 278 -38.15 24.83 17.31
N LYS C 279 -38.48 25.75 16.38
CA LYS C 279 -39.64 25.58 15.51
C LYS C 279 -39.32 26.25 14.18
N THR C 280 -39.03 25.43 13.16
CA THR C 280 -38.80 25.92 11.82
C THR C 280 -39.52 25.02 10.82
N ASP C 281 -39.91 25.59 9.68
CA ASP C 281 -40.60 24.85 8.65
C ASP C 281 -40.10 25.14 7.24
N ALA C 282 -39.09 26.01 7.07
CA ALA C 282 -38.64 26.34 5.72
C ALA C 282 -37.93 25.18 5.05
N PRO C 283 -36.86 24.59 5.62
CA PRO C 283 -36.23 23.44 4.95
C PRO C 283 -37.05 22.17 5.12
N LEU C 284 -37.61 21.98 6.31
CA LEU C 284 -38.48 20.85 6.62
C LEU C 284 -39.09 21.10 7.99
N ASN C 285 -40.31 20.60 8.19
CA ASN C 285 -41.08 20.92 9.38
C ASN C 285 -40.41 20.36 10.63
N ILE C 286 -40.10 21.24 11.58
CA ILE C 286 -39.50 20.86 12.85
C ILE C 286 -40.27 21.54 13.99
N ARG C 287 -40.65 20.76 15.00
CA ARG C 287 -41.20 21.28 16.25
C ARG C 287 -40.59 20.45 17.37
N SER C 288 -39.45 20.90 17.87
CA SER C 288 -38.66 20.12 18.81
C SER C 288 -38.32 20.95 20.04
N ILE C 289 -38.03 20.24 21.13
CA ILE C 289 -37.61 20.86 22.39
C ILE C 289 -36.34 20.16 22.87
N PHE C 290 -35.58 20.87 23.70
CA PHE C 290 -34.33 20.34 24.21
C PHE C 290 -34.14 20.78 25.66
N TYR C 291 -33.35 20.01 26.39
CA TYR C 291 -33.10 20.30 27.80
C TYR C 291 -31.68 19.89 28.15
N VAL C 292 -31.09 20.62 29.09
CA VAL C 292 -29.76 20.33 29.63
C VAL C 292 -29.93 20.07 31.13
N PRO C 293 -29.48 18.93 31.64
CA PRO C 293 -29.69 18.63 33.06
C PRO C 293 -28.86 19.53 33.96
N ASP C 294 -29.24 19.56 35.23
CA ASP C 294 -28.52 20.34 36.23
C ASP C 294 -27.43 19.52 36.92
N MET C 295 -27.65 18.23 37.10
CA MET C 295 -26.65 17.38 37.75
C MET C 295 -25.46 17.14 36.83
N LYS C 296 -24.36 16.70 37.44
CA LYS C 296 -23.17 16.38 36.68
C LYS C 296 -23.43 15.15 35.81
N PRO C 297 -22.69 15.00 34.70
CA PRO C 297 -22.89 13.84 33.84
C PRO C 297 -22.64 12.54 34.58
N SER C 298 -23.44 11.52 34.26
CA SER C 298 -23.39 10.24 34.95
C SER C 298 -22.44 9.29 34.22
N MET C 299 -22.18 8.15 34.86
CA MET C 299 -21.30 7.16 34.28
C MET C 299 -21.89 6.54 33.01
N PHE C 300 -23.21 6.40 32.94
CA PHE C 300 -23.83 5.82 31.76
C PHE C 300 -23.70 6.73 30.54
N ASP C 301 -23.61 8.04 30.76
CA ASP C 301 -23.48 8.97 29.64
C ASP C 301 -22.18 8.73 28.88
N VAL C 302 -21.09 8.49 29.58
CA VAL C 302 -19.80 8.25 28.95
C VAL C 302 -19.59 6.75 28.75
N GLY C 307 -32.04 6.04 21.63
CA GLY C 307 -31.91 7.23 20.81
C GLY C 307 -31.40 8.43 21.57
N SER C 308 -30.56 8.16 22.58
CA SER C 308 -29.96 9.20 23.42
C SER C 308 -31.02 10.08 24.09
N SER C 309 -32.19 9.50 24.35
CA SER C 309 -33.31 10.20 24.99
C SER C 309 -33.75 11.41 24.19
N VAL C 310 -33.62 11.34 22.86
CA VAL C 310 -34.07 12.39 21.96
C VAL C 310 -35.07 11.75 21.01
N ALA C 311 -35.83 10.78 21.52
CA ALA C 311 -36.73 9.95 20.74
C ALA C 311 -37.53 10.76 19.73
N LEU C 312 -37.49 10.31 18.47
CA LEU C 312 -38.15 11.01 17.38
C LEU C 312 -39.65 10.73 17.39
N TYR C 313 -40.44 11.76 17.13
CA TYR C 313 -41.88 11.65 17.04
C TYR C 313 -42.35 12.08 15.66
N SER C 314 -43.55 11.64 15.30
CA SER C 314 -44.16 12.02 14.02
C SER C 314 -45.67 11.87 14.16
N ARG C 315 -46.39 12.98 14.04
CA ARG C 315 -47.84 13.02 14.25
C ARG C 315 -48.19 12.53 15.66
N LYS C 316 -47.37 12.91 16.64
CA LYS C 316 -47.61 12.64 18.06
C LYS C 316 -47.64 11.15 18.38
N VAL C 317 -46.87 10.35 17.65
CA VAL C 317 -46.71 8.93 17.96
C VAL C 317 -45.24 8.57 17.77
N LEU C 318 -44.71 7.73 18.66
CA LEU C 318 -43.31 7.38 18.64
C LEU C 318 -42.96 6.56 17.38
N ILE C 319 -41.76 6.81 16.86
CA ILE C 319 -41.28 6.09 15.68
C ILE C 319 -40.35 4.96 16.14
N GLN C 320 -39.66 5.17 17.26
CA GLN C 320 -38.79 4.17 17.87
C GLN C 320 -37.68 3.75 16.89
N THR C 321 -36.80 4.71 16.59
CA THR C 321 -35.66 4.45 15.74
C THR C 321 -34.48 3.89 16.54
N LYS C 322 -33.98 4.67 17.50
CA LYS C 322 -32.96 4.23 18.45
C LYS C 322 -31.65 3.81 17.79
N ALA C 323 -31.57 3.95 16.46
CA ALA C 323 -30.36 3.58 15.73
C ALA C 323 -29.90 4.63 14.72
N THR C 324 -30.80 5.48 14.22
CA THR C 324 -30.42 6.43 13.19
C THR C 324 -29.51 7.53 13.72
N ASP C 325 -29.59 7.82 15.02
CA ASP C 325 -28.80 8.87 15.66
C ASP C 325 -29.03 10.22 14.99
N ILE C 326 -30.28 10.69 15.12
CA ILE C 326 -30.66 11.96 14.52
C ILE C 326 -29.81 13.10 15.05
N LEU C 327 -29.32 12.98 16.26
CA LEU C 327 -28.47 13.94 16.92
C LEU C 327 -27.02 13.47 16.90
N PRO C 328 -26.05 14.39 16.83
CA PRO C 328 -24.65 13.97 16.78
C PRO C 328 -24.24 13.20 18.02
N LYS C 329 -23.20 12.37 17.86
CA LYS C 329 -22.77 11.49 18.94
C LYS C 329 -22.32 12.28 20.16
N TRP C 330 -21.56 13.36 19.93
CA TRP C 330 -21.10 14.16 21.06
C TRP C 330 -22.24 14.90 21.75
N LEU C 331 -23.39 15.04 21.09
CA LEU C 331 -24.58 15.62 21.72
C LEU C 331 -25.47 14.53 22.33
N ARG C 332 -24.87 13.68 23.17
CA ARG C 332 -25.58 12.58 23.80
C ARG C 332 -25.97 12.88 25.24
N PHE C 333 -25.82 14.13 25.68
CA PHE C 333 -26.14 14.50 27.05
C PHE C 333 -27.40 15.33 27.19
N ILE C 334 -27.91 15.91 26.11
CA ILE C 334 -29.12 16.72 26.18
C ILE C 334 -30.34 15.84 25.98
N ARG C 335 -31.47 16.29 26.50
CA ARG C 335 -32.74 15.58 26.45
C ARG C 335 -33.70 16.33 25.51
N GLY C 336 -34.93 15.85 25.44
CA GLY C 336 -35.97 16.51 24.68
C GLY C 336 -36.66 15.54 23.75
N VAL C 337 -37.38 16.09 22.78
CA VAL C 337 -38.13 15.30 21.80
C VAL C 337 -38.12 16.05 20.48
N VAL C 338 -38.00 15.31 19.38
CA VAL C 338 -38.01 15.87 18.04
C VAL C 338 -39.27 15.41 17.32
N ASP C 339 -40.01 16.35 16.74
CA ASP C 339 -41.24 16.06 16.04
C ASP C 339 -41.15 16.57 14.61
N SER C 340 -41.62 15.76 13.67
CA SER C 340 -41.61 16.11 12.26
C SER C 340 -42.74 15.39 11.55
N GLU C 341 -43.43 16.10 10.66
CA GLU C 341 -44.56 15.56 9.93
C GLU C 341 -44.22 15.29 8.47
N ASP C 342 -42.93 15.13 8.14
CA ASP C 342 -42.53 14.82 6.77
C ASP C 342 -41.43 13.77 6.72
N ILE C 343 -41.26 12.99 7.78
CA ILE C 343 -40.24 11.95 7.81
C ILE C 343 -40.72 10.75 6.99
N PRO C 344 -39.94 10.27 6.02
CA PRO C 344 -40.36 9.08 5.27
C PRO C 344 -40.33 7.86 6.16
N LEU C 345 -41.39 7.06 6.10
CA LEU C 345 -41.57 5.92 6.98
C LEU C 345 -41.71 4.63 6.17
N ASN C 346 -41.20 3.54 6.74
CA ASN C 346 -41.33 2.23 6.12
C ASN C 346 -42.76 1.73 6.28
N LEU C 347 -43.07 0.65 5.56
CA LEU C 347 -44.40 0.04 5.66
C LEU C 347 -44.68 -0.44 7.07
N SER C 348 -43.63 -0.79 7.83
CA SER C 348 -43.77 -1.18 9.23
C SER C 348 -43.72 0.02 10.18
N ARG C 349 -43.93 1.23 9.67
CA ARG C 349 -43.96 2.45 10.47
C ARG C 349 -42.62 2.67 11.20
N GLU C 350 -41.52 2.43 10.49
CA GLU C 350 -40.19 2.71 10.98
C GLU C 350 -39.47 3.63 10.00
N LEU C 351 -38.48 4.35 10.51
CA LEU C 351 -37.79 5.34 9.69
C LEU C 351 -37.01 4.66 8.58
N LEU C 352 -37.04 5.26 7.39
CA LEU C 352 -36.34 4.72 6.24
C LEU C 352 -34.84 4.91 6.42
N GLN C 353 -34.12 3.80 6.65
CA GLN C 353 -32.71 3.88 6.96
C GLN C 353 -31.92 4.49 5.81
N GLU C 354 -30.93 5.31 6.16
CA GLU C 354 -30.03 5.94 5.20
C GLU C 354 -30.81 6.76 4.17
N SER C 355 -31.47 7.80 4.66
CA SER C 355 -32.24 8.71 3.83
C SER C 355 -31.51 10.03 3.67
N ALA C 356 -31.73 10.68 2.52
CA ALA C 356 -31.12 12.00 2.31
C ALA C 356 -31.69 13.03 3.25
N LEU C 357 -33.01 12.97 3.51
CA LEU C 357 -33.64 13.95 4.38
C LEU C 357 -33.13 13.85 5.82
N ILE C 358 -32.95 12.63 6.31
CA ILE C 358 -32.53 12.46 7.70
C ILE C 358 -31.11 12.97 7.90
N ARG C 359 -30.26 12.90 6.86
CA ARG C 359 -28.92 13.44 6.97
C ARG C 359 -28.95 14.96 7.08
N LYS C 360 -29.82 15.62 6.30
CA LYS C 360 -29.93 17.07 6.38
C LYS C 360 -30.64 17.51 7.65
N LEU C 361 -31.44 16.65 8.27
CA LEU C 361 -32.04 16.99 9.55
C LEU C 361 -31.00 16.99 10.66
N ARG C 362 -30.06 16.04 10.62
CA ARG C 362 -29.01 15.99 11.63
C ARG C 362 -28.12 17.22 11.55
N ASP C 363 -27.78 17.65 10.34
CA ASP C 363 -26.91 18.81 10.18
C ASP C 363 -27.60 20.10 10.64
N VAL C 364 -28.90 20.23 10.37
CA VAL C 364 -29.63 21.42 10.78
C VAL C 364 -29.66 21.54 12.30
N LEU C 365 -29.93 20.43 12.99
CA LEU C 365 -29.98 20.47 14.45
C LEU C 365 -28.61 20.74 15.06
N GLN C 366 -27.54 20.27 14.41
CA GLN C 366 -26.21 20.53 14.93
C GLN C 366 -25.88 22.02 14.90
N GLN C 367 -26.27 22.70 13.83
CA GLN C 367 -25.98 24.14 13.73
C GLN C 367 -26.74 24.93 14.77
N ARG C 368 -28.03 24.63 14.96
CA ARG C 368 -28.84 25.39 15.92
C ARG C 368 -28.35 25.18 17.35
N LEU C 369 -28.00 23.94 17.70
CA LEU C 369 -27.51 23.67 19.05
C LEU C 369 -26.19 24.38 19.32
N ILE C 370 -25.29 24.39 18.34
CA ILE C 370 -24.02 25.09 18.50
C ILE C 370 -24.26 26.59 18.63
N LYS C 371 -25.16 27.14 17.80
CA LYS C 371 -25.47 28.56 17.88
C LYS C 371 -26.12 28.91 19.21
N PHE C 372 -26.95 28.00 19.75
CA PHE C 372 -27.62 28.27 21.01
C PHE C 372 -26.62 28.43 22.15
N PHE C 373 -25.59 27.59 22.18
CA PHE C 373 -24.58 27.70 23.24
C PHE C 373 -23.76 28.97 23.10
N ILE C 374 -23.48 29.40 21.87
CA ILE C 374 -22.73 30.64 21.66
C ILE C 374 -23.51 31.82 22.20
N ASP C 375 -24.82 31.88 21.92
CA ASP C 375 -25.64 32.98 22.43
C ASP C 375 -25.72 32.94 23.95
N GLN C 376 -25.79 31.75 24.54
CA GLN C 376 -25.85 31.63 25.99
C GLN C 376 -24.56 32.07 26.66
N SER C 377 -23.42 31.97 25.97
CA SER C 377 -22.16 32.43 26.56
C SER C 377 -22.11 33.96 26.61
N LYS C 378 -22.51 34.63 25.53
CA LYS C 378 -22.50 36.08 25.53
C LYS C 378 -23.52 36.64 26.52
N LYS C 379 -24.71 36.05 26.57
CA LYS C 379 -25.75 36.55 27.47
C LYS C 379 -25.37 36.36 28.93
N ASP C 380 -24.86 35.18 29.28
CA ASP C 380 -24.48 34.85 30.65
C ASP C 380 -23.08 34.25 30.63
N ALA C 381 -22.08 35.06 30.96
CA ALA C 381 -20.70 34.57 30.95
C ALA C 381 -20.43 33.66 32.14
N GLU C 382 -20.93 34.01 33.32
CA GLU C 382 -20.65 33.22 34.51
C GLU C 382 -21.37 31.86 34.45
N LYS C 383 -22.62 31.85 33.96
CA LYS C 383 -23.37 30.60 33.90
C LYS C 383 -22.71 29.61 32.95
N TYR C 384 -22.21 30.09 31.82
CA TYR C 384 -21.54 29.21 30.86
C TYR C 384 -20.25 28.64 31.44
N ALA C 385 -19.60 29.38 32.35
CA ALA C 385 -18.37 28.87 32.96
C ALA C 385 -18.64 27.63 33.79
N LYS C 386 -19.71 27.63 34.59
CA LYS C 386 -20.07 26.45 35.37
C LYS C 386 -20.48 25.30 34.46
N PHE C 387 -21.21 25.60 33.38
CA PHE C 387 -21.64 24.56 32.45
C PHE C 387 -20.45 23.90 31.77
N PHE C 388 -19.42 24.69 31.41
CA PHE C 388 -18.27 24.13 30.72
C PHE C 388 -17.52 23.14 31.61
N GLU C 389 -17.46 23.40 32.92
CA GLU C 389 -16.73 22.52 33.81
C GLU C 389 -17.40 21.16 33.94
N ASP C 390 -18.71 21.09 33.78
CA ASP C 390 -19.43 19.83 33.99
C ASP C 390 -19.41 18.97 32.73
N TYR C 391 -19.76 19.53 31.59
CA TYR C 391 -19.90 18.79 30.34
C TYR C 391 -18.81 19.15 29.34
N GLY C 392 -17.59 19.36 29.82
CA GLY C 392 -16.48 19.67 28.93
C GLY C 392 -15.99 18.49 28.13
N LEU C 393 -16.20 17.26 28.62
CA LEU C 393 -15.71 16.08 27.92
C LEU C 393 -16.38 15.91 26.56
N PHE C 394 -17.68 16.17 26.48
CA PHE C 394 -18.42 15.94 25.24
C PHE C 394 -17.92 16.84 24.12
N MET C 395 -17.65 18.10 24.42
CA MET C 395 -17.18 19.03 23.39
C MET C 395 -15.84 18.60 22.83
N ARG C 396 -14.91 18.17 23.69
CA ARG C 396 -13.61 17.71 23.22
C ARG C 396 -13.73 16.46 22.37
N GLU C 397 -14.65 15.56 22.74
CA GLU C 397 -14.84 14.33 21.96
C GLU C 397 -15.31 14.64 20.55
N GLY C 398 -16.24 15.59 20.41
CA GLY C 398 -16.79 15.91 19.10
C GLY C 398 -15.74 16.41 18.12
N ILE C 399 -14.78 17.19 18.63
CA ILE C 399 -13.70 17.68 17.77
C ILE C 399 -12.87 16.52 17.23
N VAL C 400 -12.55 15.56 18.09
CA VAL C 400 -11.73 14.43 17.67
C VAL C 400 -12.50 13.53 16.71
N THR C 401 -13.80 13.31 16.98
CA THR C 401 -14.62 12.42 16.20
C THR C 401 -15.30 13.11 15.01
N ALA C 402 -14.74 14.20 14.52
CA ALA C 402 -15.28 14.91 13.38
C ALA C 402 -14.42 14.65 12.14
N THR C 403 -14.97 14.97 10.98
CA THR C 403 -14.28 14.78 9.71
C THR C 403 -14.13 16.06 8.92
N GLU C 404 -15.15 16.91 8.88
CA GLU C 404 -15.07 18.19 8.17
C GLU C 404 -14.27 19.19 9.00
N GLN C 405 -13.45 20.00 8.30
CA GLN C 405 -12.68 21.02 8.99
C GLN C 405 -13.59 22.13 9.52
N GLU C 406 -14.64 22.48 8.77
CA GLU C 406 -15.52 23.56 9.19
C GLU C 406 -16.26 23.21 10.48
N VAL C 407 -16.75 21.98 10.60
CA VAL C 407 -17.51 21.60 11.78
C VAL C 407 -16.61 21.55 13.01
N LYS C 408 -15.32 21.24 12.83
CA LYS C 408 -14.38 21.28 13.95
C LYS C 408 -14.25 22.68 14.51
N GLU C 409 -14.18 23.69 13.63
CA GLU C 409 -14.04 25.07 14.09
C GLU C 409 -15.31 25.55 14.77
N ASP C 410 -16.48 25.08 14.33
CA ASP C 410 -17.73 25.50 14.96
C ASP C 410 -17.78 25.08 16.42
N ILE C 411 -17.36 23.85 16.71
CA ILE C 411 -17.30 23.38 18.10
C ILE C 411 -16.18 24.09 18.86
N ALA C 412 -15.09 24.44 18.17
CA ALA C 412 -13.94 25.03 18.84
C ALA C 412 -14.26 26.38 19.46
N LYS C 413 -15.25 27.10 18.92
CA LYS C 413 -15.60 28.40 19.48
C LYS C 413 -16.17 28.30 20.89
N LEU C 414 -16.64 27.12 21.29
CA LEU C 414 -17.21 26.93 22.63
C LEU C 414 -16.16 26.71 23.70
N LEU C 415 -14.91 26.47 23.32
CA LEU C 415 -13.87 26.18 24.31
C LEU C 415 -13.50 27.42 25.10
N ARG C 416 -13.00 27.20 26.32
CA ARG C 416 -12.60 28.28 27.21
C ARG C 416 -11.28 27.91 27.86
N TYR C 417 -10.27 28.76 27.68
CA TYR C 417 -8.95 28.55 28.24
C TYR C 417 -8.54 29.77 29.06
N GLU C 418 -7.36 29.70 29.66
CA GLU C 418 -6.80 30.77 30.47
C GLU C 418 -5.45 31.18 29.88
N SER C 419 -5.24 32.49 29.73
CA SER C 419 -4.06 33.02 29.07
C SER C 419 -3.05 33.52 30.11
N SER C 420 -1.78 33.58 29.67
CA SER C 420 -0.71 34.03 30.55
C SER C 420 -0.80 35.54 30.83
N ALA C 421 -1.26 36.32 29.87
CA ALA C 421 -1.27 37.77 29.97
C ALA C 421 -2.49 38.30 30.71
N LEU C 422 -3.17 37.47 31.50
CA LEU C 422 -4.34 37.89 32.25
C LEU C 422 -4.27 37.37 33.68
N PRO C 423 -4.90 38.06 34.62
CA PRO C 423 -4.91 37.58 36.01
C PRO C 423 -5.68 36.28 36.14
N SER C 424 -5.31 35.52 37.18
CA SER C 424 -5.96 34.25 37.46
C SER C 424 -7.43 34.45 37.82
N GLY C 425 -8.25 33.48 37.45
CA GLY C 425 -9.66 33.48 37.79
C GLY C 425 -10.61 33.84 36.66
N GLN C 426 -10.10 34.08 35.45
CA GLN C 426 -10.95 34.39 34.31
C GLN C 426 -10.52 33.57 33.10
N LEU C 427 -11.46 33.31 32.20
CA LEU C 427 -11.24 32.48 31.03
C LEU C 427 -11.56 33.28 29.77
N THR C 428 -10.84 32.97 28.69
CA THR C 428 -11.04 33.62 27.41
C THR C 428 -11.12 32.58 26.31
N SER C 429 -11.92 32.87 25.29
CA SER C 429 -12.12 31.95 24.17
C SER C 429 -10.99 32.12 23.17
N LEU C 430 -11.09 31.43 22.03
CA LEU C 430 -10.09 31.52 20.98
C LEU C 430 -10.41 32.62 19.96
N SER C 431 -11.69 32.91 19.73
CA SER C 431 -12.06 33.93 18.76
C SER C 431 -11.54 35.30 19.17
N GLU C 432 -11.69 35.65 20.45
CA GLU C 432 -11.18 36.92 20.94
C GLU C 432 -9.67 36.89 21.16
N TYR C 433 -9.08 35.70 21.26
CA TYR C 433 -7.62 35.62 21.34
C TYR C 433 -6.97 36.09 20.05
N ALA C 434 -7.55 35.74 18.90
CA ALA C 434 -7.02 36.19 17.62
C ALA C 434 -7.31 37.67 17.38
N SER C 435 -8.32 38.23 18.05
CA SER C 435 -8.63 39.65 17.91
C SER C 435 -7.68 40.54 18.69
N ARG C 436 -6.90 39.97 19.62
CA ARG C 436 -5.91 40.72 20.38
C ARG C 436 -4.49 40.29 20.02
N MET C 437 -4.33 39.45 19.00
CA MET C 437 -3.02 38.99 18.56
C MET C 437 -2.43 39.98 17.55
N ARG C 438 -1.11 40.10 17.56
CA ARG C 438 -0.44 41.07 16.70
C ARG C 438 -0.56 40.67 15.23
N ALA C 439 -0.34 41.66 14.36
CA ALA C 439 -0.51 41.44 12.93
C ALA C 439 0.58 40.55 12.37
N GLY C 440 1.83 40.74 12.80
CA GLY C 440 2.91 39.91 12.31
C GLY C 440 2.77 38.45 12.70
N THR C 441 2.38 38.20 13.96
CA THR C 441 2.19 36.84 14.42
C THR C 441 0.97 36.20 13.74
N ARG C 442 1.14 34.96 13.30
CA ARG C 442 0.07 34.21 12.63
C ARG C 442 -0.03 32.80 13.18
N ASN C 443 0.15 32.64 14.49
CA ASN C 443 0.01 31.34 15.12
C ASN C 443 -0.36 31.53 16.59
N ILE C 444 -0.88 30.47 17.19
CA ILE C 444 -1.36 30.47 18.57
C ILE C 444 -0.51 29.52 19.39
N TYR C 445 -0.05 29.98 20.54
CA TYR C 445 0.80 29.19 21.42
C TYR C 445 0.01 28.75 22.65
N TYR C 446 0.11 27.47 22.99
CA TYR C 446 -0.57 26.92 24.15
C TYR C 446 0.39 26.04 24.95
N LEU C 447 0.13 25.94 26.24
CA LEU C 447 0.97 25.18 27.16
C LEU C 447 0.09 24.29 28.02
N CYS C 448 0.57 23.07 28.27
CA CYS C 448 -0.17 22.07 29.05
C CYS C 448 0.47 21.93 30.43
N ALA C 449 -0.36 22.04 31.47
CA ALA C 449 0.09 21.90 32.84
C ALA C 449 -1.12 21.63 33.73
N PRO C 450 -0.93 20.96 34.86
CA PRO C 450 -2.07 20.73 35.76
C PRO C 450 -2.71 22.02 36.26
N ASN C 451 -1.92 22.93 36.83
CA ASN C 451 -2.42 24.19 37.34
C ASN C 451 -1.61 25.33 36.72
N ARG C 452 -2.08 26.55 36.95
CA ARG C 452 -1.34 27.72 36.49
C ARG C 452 -0.04 27.90 37.27
N HIS C 453 -0.03 27.49 38.54
CA HIS C 453 1.20 27.55 39.32
C HIS C 453 2.29 26.69 38.71
N LEU C 454 1.94 25.47 38.27
CA LEU C 454 2.90 24.60 37.61
C LEU C 454 3.14 24.99 36.16
N ALA C 455 2.33 25.90 35.60
CA ALA C 455 2.53 26.39 34.24
C ALA C 455 3.52 27.54 34.19
N GLU C 456 3.39 28.50 35.10
CA GLU C 456 4.33 29.62 35.14
C GLU C 456 5.73 29.16 35.49
N HIS C 457 5.85 28.22 36.44
CA HIS C 457 7.15 27.72 36.85
C HIS C 457 7.68 26.63 35.93
N SER C 458 6.92 26.23 34.93
CA SER C 458 7.42 25.25 33.96
C SER C 458 8.58 25.84 33.18
N PRO C 459 9.65 25.07 32.96
CA PRO C 459 10.81 25.62 32.24
C PRO C 459 10.51 26.09 30.83
N TYR C 460 9.57 25.45 30.14
CA TYR C 460 9.27 25.83 28.76
C TYR C 460 8.65 27.22 28.69
N TYR C 461 7.80 27.57 29.65
CA TYR C 461 7.23 28.92 29.68
C TYR C 461 8.33 29.96 29.91
N GLU C 462 9.29 29.65 30.79
CA GLU C 462 10.37 30.59 31.05
C GLU C 462 11.29 30.73 29.85
N ALA C 463 11.38 29.69 29.01
CA ALA C 463 12.18 29.79 27.79
C ALA C 463 11.55 30.75 26.79
N MET C 464 10.21 30.77 26.73
CA MET C 464 9.49 31.66 25.83
C MET C 464 9.12 32.98 26.47
N LYS C 465 9.54 33.22 27.71
CA LYS C 465 9.26 34.49 28.38
C LYS C 465 9.98 35.66 27.72
N LYS C 466 10.98 35.39 26.88
CA LYS C 466 11.74 36.46 26.25
C LYS C 466 10.87 37.33 25.36
N LYS C 467 9.98 36.70 24.58
CA LYS C 467 9.13 37.45 23.66
C LYS C 467 7.88 37.95 24.39
N ASP C 468 7.09 38.74 23.66
CA ASP C 468 5.87 39.35 24.19
C ASP C 468 4.60 38.66 23.70
N THR C 469 4.71 37.42 23.21
CA THR C 469 3.55 36.70 22.72
C THR C 469 2.69 36.23 23.88
N GLU C 470 1.47 35.82 23.56
CA GLU C 470 0.50 35.35 24.54
C GLU C 470 0.33 33.85 24.38
N VAL C 471 0.32 33.13 25.52
CA VAL C 471 0.20 31.68 25.54
C VAL C 471 -0.95 31.30 26.46
N LEU C 472 -1.77 30.36 26.01
CA LEU C 472 -2.91 29.88 26.77
C LEU C 472 -2.51 28.70 27.64
N PHE C 473 -3.18 28.57 28.78
CA PHE C 473 -2.99 27.46 29.70
C PHE C 473 -4.21 26.55 29.66
N CYS C 474 -3.97 25.26 29.39
CA CYS C 474 -5.01 24.25 29.40
C CYS C 474 -4.68 23.21 30.46
N PHE C 475 -5.65 22.90 31.31
CA PHE C 475 -5.44 22.06 32.48
C PHE C 475 -6.01 20.65 32.32
N GLU C 476 -7.27 20.53 31.92
CA GLU C 476 -7.96 19.25 31.91
C GLU C 476 -7.37 18.35 30.83
N GLN C 477 -7.42 17.04 31.09
CA GLN C 477 -6.70 16.06 30.29
C GLN C 477 -7.27 16.00 28.87
N PHE C 478 -6.43 15.59 27.92
CA PHE C 478 -6.71 15.46 26.49
C PHE C 478 -6.84 16.82 25.81
N ASP C 479 -6.47 17.92 26.49
CA ASP C 479 -6.48 19.22 25.84
C ASP C 479 -5.47 19.29 24.70
N GLU C 480 -4.27 18.74 24.90
CA GLU C 480 -3.28 18.75 23.83
C GLU C 480 -3.75 17.93 22.64
N LEU C 481 -4.43 16.82 22.89
CA LEU C 481 -4.98 16.01 21.79
C LEU C 481 -6.05 16.78 21.04
N THR C 482 -6.89 17.54 21.76
CA THR C 482 -7.92 18.33 21.10
C THR C 482 -7.31 19.40 20.19
N LEU C 483 -6.28 20.10 20.69
CA LEU C 483 -5.60 21.09 19.86
C LEU C 483 -4.85 20.44 18.71
N LEU C 484 -4.22 19.28 18.97
CA LEU C 484 -3.49 18.59 17.92
C LEU C 484 -4.41 18.16 16.79
N HIS C 485 -5.59 17.64 17.13
CA HIS C 485 -6.54 17.22 16.10
C HIS C 485 -7.17 18.39 15.37
N LEU C 486 -7.23 19.57 16.01
CA LEU C 486 -7.81 20.74 15.37
C LEU C 486 -6.84 21.36 14.36
N ARG C 487 -5.68 21.82 14.84
CA ARG C 487 -4.53 22.21 14.03
C ARG C 487 -4.75 23.52 13.29
N GLU C 488 -5.97 24.06 13.31
CA GLU C 488 -6.27 25.29 12.62
C GLU C 488 -7.37 26.05 13.36
N PHE C 489 -7.35 27.37 13.22
CA PHE C 489 -8.42 28.22 13.74
C PHE C 489 -8.33 29.56 13.04
N ASP C 490 -9.37 29.91 12.27
CA ASP C 490 -9.39 31.13 11.47
C ASP C 490 -8.17 31.20 10.54
N LYS C 491 -7.81 30.04 9.98
CA LYS C 491 -6.63 29.91 9.12
C LYS C 491 -5.37 30.40 9.83
N LYS C 492 -5.25 30.06 11.11
CA LYS C 492 -4.07 30.36 11.91
C LYS C 492 -3.57 29.07 12.53
N LYS C 493 -2.30 28.76 12.31
CA LYS C 493 -1.73 27.51 12.81
C LYS C 493 -1.65 27.51 14.33
N LEU C 494 -1.75 26.32 14.91
CA LEU C 494 -1.61 26.12 16.35
C LEU C 494 -0.30 25.42 16.61
N ILE C 495 0.61 26.12 17.30
CA ILE C 495 1.93 25.59 17.63
C ILE C 495 2.12 25.74 19.13
N SER C 496 2.42 24.62 19.81
CA SER C 496 2.60 24.64 21.24
C SER C 496 3.94 25.28 21.60
N VAL C 497 4.09 25.63 22.89
CA VAL C 497 5.35 26.17 23.38
C VAL C 497 6.46 25.13 23.20
N GLU C 498 6.15 23.86 23.44
CA GLU C 498 7.13 22.80 23.25
C GLU C 498 7.58 22.73 21.79
N THR C 499 6.66 22.94 20.84
CA THR C 499 7.01 22.89 19.43
C THR C 499 7.85 24.08 19.01
N ASP C 500 7.62 25.26 19.61
CA ASP C 500 8.32 26.46 19.19
C ASP C 500 9.77 26.47 19.64
N ILE C 501 10.08 25.81 20.77
CA ILE C 501 11.43 25.84 21.30
C ILE C 501 12.38 25.09 20.36
N VAL C 502 11.98 23.91 19.89
CA VAL C 502 12.86 23.11 19.05
C VAL C 502 13.09 23.79 17.69
N VAL C 503 12.09 24.49 17.16
CA VAL C 503 12.25 25.17 15.87
C VAL C 503 12.88 26.55 16.01
N ASP C 504 13.06 27.03 17.23
CA ASP C 504 13.70 28.33 17.44
C ASP C 504 15.19 28.25 17.11
N HIS C 505 15.72 29.35 16.59
CA HIS C 505 17.15 29.44 16.27
C HIS C 505 17.73 30.75 16.75
N CYS C 520 31.59 31.66 35.87
CA CYS C 520 30.33 30.93 35.92
C CYS C 520 30.32 29.80 34.90
N LEU C 521 30.84 28.63 35.29
CA LEU C 521 30.86 27.44 34.45
C LEU C 521 31.60 27.71 33.14
N SER C 522 32.90 27.95 33.29
CA SER C 522 33.78 28.19 32.16
C SER C 522 33.66 27.07 31.12
N GLU C 523 33.99 27.40 29.88
CA GLU C 523 33.79 26.45 28.78
C GLU C 523 34.64 25.20 28.96
N LYS C 524 35.87 25.35 29.43
CA LYS C 524 36.73 24.19 29.64
C LYS C 524 36.17 23.29 30.76
N GLU C 525 35.77 23.89 31.87
CA GLU C 525 35.20 23.11 32.97
C GLU C 525 33.87 22.49 32.58
N THR C 526 33.03 23.23 31.87
CA THR C 526 31.71 22.72 31.51
C THR C 526 31.81 21.57 30.52
N GLU C 527 32.57 21.77 29.44
CA GLU C 527 32.60 20.78 28.36
C GLU C 527 33.17 19.45 28.83
N GLU C 528 34.24 19.48 29.63
CA GLU C 528 34.81 18.24 30.13
C GLU C 528 33.81 17.50 31.03
N LEU C 529 33.11 18.24 31.89
CA LEU C 529 32.05 17.64 32.68
C LEU C 529 30.81 17.35 31.83
N MET C 530 30.62 18.07 30.73
CA MET C 530 29.45 17.83 29.90
C MET C 530 29.54 16.46 29.23
N ALA C 531 30.71 16.11 28.70
CA ALA C 531 30.89 14.80 28.09
C ALA C 531 30.81 13.67 29.10
N TRP C 532 30.99 13.97 30.39
CA TRP C 532 30.79 12.96 31.42
C TRP C 532 29.34 12.48 31.44
N MET C 533 28.39 13.39 31.21
CA MET C 533 26.99 12.99 31.13
C MET C 533 26.76 12.06 29.95
N ARG C 534 27.45 12.30 28.82
CA ARG C 534 27.29 11.44 27.66
C ARG C 534 27.72 10.01 27.96
N ASN C 535 28.80 9.84 28.72
CA ASN C 535 29.30 8.50 29.01
C ASN C 535 28.34 7.72 29.90
N VAL C 536 27.55 8.40 30.72
CA VAL C 536 26.66 7.74 31.67
C VAL C 536 25.18 7.87 31.31
N LEU C 537 24.82 8.80 30.43
CA LEU C 537 23.44 8.95 29.99
C LEU C 537 23.28 8.79 28.48
N GLY C 538 24.31 8.29 27.79
CA GLY C 538 24.18 8.08 26.35
C GLY C 538 23.26 6.95 25.96
N SER C 539 23.01 6.02 26.88
CA SER C 539 22.09 4.92 26.59
C SER C 539 20.67 5.43 26.37
N ARG C 540 20.25 6.41 27.17
CA ARG C 540 18.91 6.99 27.07
C ARG C 540 18.91 8.32 26.33
N VAL C 541 19.75 9.26 26.76
CA VAL C 541 19.83 10.59 26.13
C VAL C 541 20.72 10.45 24.89
N THR C 542 20.10 10.40 23.71
CA THR C 542 20.87 10.24 22.48
C THR C 542 21.75 11.47 22.22
N ASN C 543 21.17 12.66 22.29
CA ASN C 543 21.91 13.89 22.11
C ASN C 543 21.65 14.84 23.27
N VAL C 544 22.67 15.61 23.65
CA VAL C 544 22.63 16.42 24.86
C VAL C 544 23.44 17.69 24.62
N LYS C 545 23.00 18.79 25.22
CA LYS C 545 23.61 20.09 24.99
C LYS C 545 23.45 20.95 26.25
N VAL C 546 23.85 22.20 26.15
CA VAL C 546 23.80 23.16 27.25
C VAL C 546 22.95 24.34 26.83
N THR C 547 22.00 24.72 27.68
CA THR C 547 21.09 25.83 27.42
C THR C 547 21.17 26.83 28.56
N LEU C 548 21.13 28.11 28.24
CA LEU C 548 21.39 29.18 29.20
C LEU C 548 20.18 30.05 29.50
N ARG C 549 19.00 29.71 28.97
CA ARG C 549 17.81 30.52 29.17
C ARG C 549 16.99 30.06 30.38
N LEU C 550 17.63 29.50 31.40
CA LEU C 550 16.97 29.01 32.59
C LEU C 550 17.41 29.82 33.80
N ASP C 551 16.53 29.86 34.81
CA ASP C 551 16.84 30.60 36.03
C ASP C 551 16.69 29.77 37.29
N THR C 552 15.71 28.86 37.35
CA THR C 552 15.45 28.08 38.55
C THR C 552 15.42 26.57 38.32
N HIS C 553 15.29 26.10 37.08
CA HIS C 553 15.22 24.67 36.82
C HIS C 553 16.62 24.15 36.49
N PRO C 554 17.16 23.19 37.26
CA PRO C 554 18.52 22.70 36.97
C PRO C 554 18.64 21.97 35.65
N ALA C 555 17.54 21.45 35.09
CA ALA C 555 17.64 20.68 33.86
C ALA C 555 16.30 20.70 33.13
N MET C 556 16.34 20.32 31.86
CA MET C 556 15.16 20.23 31.02
C MET C 556 15.25 18.98 30.16
N VAL C 557 14.11 18.57 29.62
CA VAL C 557 14.02 17.48 28.66
C VAL C 557 13.15 17.94 27.51
N THR C 558 13.68 17.88 26.29
CA THR C 558 12.97 18.36 25.11
C THR C 558 13.04 17.31 24.00
N VAL C 559 11.93 17.12 23.30
CA VAL C 559 11.86 16.26 22.13
C VAL C 559 11.13 17.02 21.03
N LEU C 560 11.27 16.52 19.80
CA LEU C 560 10.67 17.19 18.65
C LEU C 560 9.15 17.14 18.71
N GLU C 561 8.59 15.93 18.70
CA GLU C 561 7.13 15.76 18.73
C GLU C 561 6.67 15.55 20.18
N MET C 562 6.70 16.66 20.93
CA MET C 562 6.32 16.61 22.34
C MET C 562 4.87 16.20 22.51
N GLY C 563 3.97 16.75 21.69
CA GLY C 563 2.57 16.39 21.79
C GLY C 563 2.32 14.93 21.47
N ALA C 564 2.93 14.43 20.40
CA ALA C 564 2.76 13.02 20.04
C ALA C 564 3.42 12.11 21.07
N ALA C 565 4.63 12.45 21.52
CA ALA C 565 5.33 11.61 22.49
C ALA C 565 4.60 11.56 23.82
N ARG C 566 4.06 12.69 24.26
CA ARG C 566 3.32 12.72 25.53
C ARG C 566 2.06 11.88 25.46
N HIS C 567 1.54 11.60 24.26
CA HIS C 567 0.42 10.69 24.09
C HIS C 567 0.87 9.28 23.73
N PHE C 568 1.78 9.14 22.77
CA PHE C 568 2.19 7.82 22.31
C PHE C 568 2.83 7.01 23.44
N LEU C 569 3.70 7.63 24.23
CA LEU C 569 4.30 6.93 25.36
C LEU C 569 3.28 6.60 26.44
N ARG C 570 2.16 7.33 26.49
CA ARG C 570 1.06 7.04 27.40
C ARG C 570 -0.04 6.20 26.75
N MET C 571 -0.17 6.27 25.42
CA MET C 571 -1.21 5.51 24.73
C MET C 571 -0.82 4.04 24.60
N GLN C 572 0.47 3.77 24.41
CA GLN C 572 0.95 2.39 24.39
C GLN C 572 0.78 1.73 25.76
N GLN C 573 1.10 2.45 26.83
CA GLN C 573 1.00 1.88 28.17
C GLN C 573 -0.44 1.71 28.64
N LEU C 574 -1.41 2.32 27.94
CA LEU C 574 -2.81 2.17 28.30
C LEU C 574 -3.40 0.90 27.68
N ALA C 575 -3.27 0.75 26.37
CA ALA C 575 -3.78 -0.41 25.65
C ALA C 575 -2.63 -1.09 24.91
N LYS C 576 -2.57 -2.42 25.02
CA LYS C 576 -1.54 -3.21 24.35
C LYS C 576 -1.90 -3.31 22.87
N THR C 577 -1.65 -2.21 22.15
CA THR C 577 -2.01 -2.10 20.75
C THR C 577 -0.83 -1.69 19.90
N GLN C 578 -1.08 -1.39 18.62
CA GLN C 578 -0.04 -0.95 17.71
C GLN C 578 0.35 0.50 17.98
N LEU C 584 13.52 3.85 21.55
CA LEU C 584 12.23 4.50 21.74
C LEU C 584 12.17 5.84 21.04
N LEU C 585 12.62 6.88 21.74
CA LEU C 585 12.65 8.24 21.21
C LEU C 585 14.03 8.84 21.46
N GLN C 586 14.18 10.13 21.13
CA GLN C 586 15.44 10.84 21.25
C GLN C 586 15.26 12.00 22.23
N PRO C 587 15.45 11.76 23.52
CA PRO C 587 15.26 12.82 24.52
C PRO C 587 16.48 13.73 24.62
N THR C 588 16.32 14.96 24.17
CA THR C 588 17.39 15.96 24.26
C THR C 588 17.30 16.64 25.62
N LEU C 589 18.30 16.41 26.46
CA LEU C 589 18.33 16.96 27.81
C LEU C 589 19.17 18.23 27.82
N GLU C 590 18.65 19.28 28.44
CA GLU C 590 19.34 20.56 28.54
C GLU C 590 19.76 20.80 29.98
N ILE C 591 20.91 21.44 30.13
CA ILE C 591 21.52 21.68 31.44
C ILE C 591 21.66 23.17 31.64
N ASN C 592 21.17 23.67 32.78
CA ASN C 592 21.34 25.06 33.15
C ASN C 592 22.63 25.23 33.92
N PRO C 593 23.62 25.97 33.40
CA PRO C 593 24.91 26.06 34.09
C PRO C 593 24.91 26.97 35.31
N ARG C 594 23.92 27.85 35.45
CA ARG C 594 23.89 28.81 36.54
C ARG C 594 23.09 28.32 37.74
N HIS C 595 22.64 27.07 37.72
CA HIS C 595 21.90 26.51 38.85
C HIS C 595 22.87 25.94 39.89
N ALA C 596 22.46 26.02 41.16
CA ALA C 596 23.32 25.57 42.24
C ALA C 596 23.54 24.06 42.19
N LEU C 597 22.49 23.30 41.88
CA LEU C 597 22.62 21.85 41.82
C LEU C 597 23.61 21.42 40.74
N ILE C 598 23.53 22.05 39.56
CA ILE C 598 24.47 21.74 38.50
C ILE C 598 25.87 22.19 38.90
N LYS C 599 25.99 23.37 39.51
CA LYS C 599 27.27 23.84 39.99
C LYS C 599 27.85 22.92 41.07
N LYS C 600 26.99 22.27 41.85
CA LYS C 600 27.47 21.37 42.89
C LYS C 600 28.15 20.14 42.29
N LEU C 601 27.68 19.67 41.14
CA LEU C 601 28.25 18.48 40.51
C LEU C 601 29.70 18.70 40.07
N ASN C 602 30.15 19.95 39.96
CA ASN C 602 31.51 20.21 39.53
C ASN C 602 32.54 19.65 40.51
N GLN C 603 32.27 19.78 41.81
CA GLN C 603 33.19 19.32 42.85
C GLN C 603 32.80 17.97 43.43
N LEU C 604 31.94 17.21 42.73
CA LEU C 604 31.53 15.89 43.20
C LEU C 604 32.19 14.75 42.45
N ARG C 605 32.63 14.98 41.21
CA ARG C 605 33.34 13.93 40.48
C ARG C 605 34.68 13.63 41.12
N ALA C 606 35.39 14.65 41.60
CA ALA C 606 36.68 14.44 42.23
C ALA C 606 36.57 13.85 43.63
N SER C 607 35.46 14.10 44.32
CA SER C 607 35.33 13.67 45.72
C SER C 607 34.66 12.30 45.83
N GLU C 608 33.43 12.17 45.33
CA GLU C 608 32.66 10.94 45.44
C GLU C 608 32.13 10.55 44.06
N PRO C 609 32.96 9.89 43.24
CA PRO C 609 32.46 9.44 41.93
C PRO C 609 31.28 8.48 42.03
N GLY C 610 31.27 7.62 43.04
CA GLY C 610 30.17 6.69 43.20
C GLY C 610 28.85 7.38 43.53
N LEU C 611 28.89 8.35 44.46
CA LEU C 611 27.67 9.06 44.82
C LEU C 611 27.25 10.04 43.73
N ALA C 612 28.21 10.54 42.94
CA ALA C 612 27.88 11.46 41.87
C ALA C 612 26.97 10.80 40.83
N GLN C 613 27.21 9.52 40.54
CA GLN C 613 26.38 8.81 39.57
C GLN C 613 24.93 8.73 40.05
N LEU C 614 24.72 8.59 41.36
CA LEU C 614 23.37 8.60 41.89
C LEU C 614 22.69 9.94 41.65
N LEU C 615 23.42 11.05 41.86
CA LEU C 615 22.83 12.37 41.67
C LEU C 615 22.55 12.66 40.21
N VAL C 616 23.40 12.18 39.30
CA VAL C 616 23.18 12.42 37.88
C VAL C 616 21.90 11.74 37.42
N ASP C 617 21.68 10.50 37.85
CA ASP C 617 20.46 9.79 37.46
C ASP C 617 19.22 10.45 38.05
N GLN C 618 19.30 10.92 39.29
CA GLN C 618 18.15 11.56 39.92
C GLN C 618 17.77 12.85 39.20
N ILE C 619 18.77 13.62 38.77
CA ILE C 619 18.50 14.84 38.02
C ILE C 619 17.80 14.51 36.70
N TYR C 620 18.22 13.41 36.06
CA TYR C 620 17.55 12.99 34.83
C TYR C 620 16.09 12.64 35.07
N GLU C 621 15.81 11.94 36.17
CA GLU C 621 14.42 11.60 36.49
C GLU C 621 13.59 12.84 36.79
N ASN C 622 14.17 13.80 37.51
CA ASN C 622 13.44 15.02 37.86
C ASN C 622 13.05 15.81 36.61
N ALA C 623 13.99 15.96 35.68
CA ALA C 623 13.68 16.63 34.42
C ALA C 623 12.70 15.82 33.58
N MET C 624 12.76 14.49 33.68
CA MET C 624 11.85 13.64 32.92
C MET C 624 10.41 13.82 33.41
N ILE C 625 10.21 13.94 34.72
CA ILE C 625 8.86 14.09 35.26
C ILE C 625 8.25 15.40 34.83
N ALA C 626 9.02 16.50 34.91
CA ALA C 626 8.49 17.81 34.55
C ALA C 626 8.13 17.92 33.08
N ALA C 627 8.67 17.05 32.24
CA ALA C 627 8.35 17.04 30.81
C ALA C 627 7.08 16.26 30.50
N GLY C 628 6.53 15.52 31.46
CA GLY C 628 5.33 14.76 31.24
C GLY C 628 5.53 13.45 30.51
N LEU C 629 6.77 13.09 30.17
CA LEU C 629 7.06 11.86 29.44
C LEU C 629 7.53 10.74 30.36
N VAL C 630 7.39 10.90 31.67
CA VAL C 630 7.91 9.91 32.61
C VAL C 630 7.04 8.66 32.59
N ASP C 631 7.65 7.53 32.94
CA ASP C 631 6.94 6.27 33.10
C ASP C 631 6.25 6.26 34.47
N ASP C 632 5.80 5.09 34.89
CA ASP C 632 5.15 4.94 36.19
C ASP C 632 6.15 5.33 37.28
N PRO C 633 5.84 6.33 38.12
CA PRO C 633 6.84 6.81 39.10
C PRO C 633 7.13 5.85 40.23
N ARG C 634 6.58 4.64 40.23
CA ARG C 634 6.93 3.66 41.27
C ARG C 634 8.37 3.20 41.14
N ALA C 635 8.91 3.17 39.92
CA ALA C 635 10.26 2.67 39.71
C ALA C 635 11.30 3.56 40.38
N MET C 636 11.14 4.89 40.29
CA MET C 636 12.14 5.82 40.82
C MET C 636 12.18 5.87 42.34
N VAL C 637 11.20 5.28 43.03
CA VAL C 637 11.17 5.35 44.48
C VAL C 637 12.36 4.64 45.09
N GLY C 638 12.71 3.47 44.54
CA GLY C 638 13.85 2.73 45.08
C GLY C 638 15.16 3.46 44.92
N ARG C 639 15.39 4.04 43.75
CA ARG C 639 16.63 4.78 43.52
C ARG C 639 16.68 6.07 44.33
N LEU C 640 15.52 6.73 44.46
CA LEU C 640 15.47 7.98 45.23
C LEU C 640 15.83 7.75 46.69
N ASN C 641 15.31 6.67 47.29
CA ASN C 641 15.61 6.39 48.69
C ASN C 641 17.09 6.10 48.89
N GLU C 642 17.70 5.36 47.97
CA GLU C 642 19.11 5.00 48.12
C GLU C 642 20.04 6.19 48.00
N LEU C 643 19.61 7.27 47.34
CA LEU C 643 20.46 8.45 47.25
C LEU C 643 20.49 9.23 48.57
N LEU C 644 19.32 9.41 49.19
CA LEU C 644 19.25 10.21 50.41
C LEU C 644 19.83 9.51 51.63
N VAL C 645 19.84 8.17 51.63
CA VAL C 645 20.39 7.45 52.78
C VAL C 645 21.89 7.68 52.88
N LYS C 646 22.60 7.80 51.75
CA LYS C 646 24.03 8.03 51.77
C LYS C 646 24.39 9.52 51.72
N ALA C 647 23.64 10.32 50.95
CA ALA C 647 23.94 11.74 50.85
C ALA C 647 23.71 12.48 52.16
N LEU C 648 22.89 11.93 53.05
CA LEU C 648 22.63 12.54 54.35
C LEU C 648 23.50 11.95 55.45
N GLU C 649 24.43 11.04 55.11
CA GLU C 649 25.29 10.41 56.09
C GLU C 649 26.45 11.32 56.47
N ARG C 650 26.15 12.56 56.84
CA ARG C 650 27.18 13.49 57.27
C ARG C 650 26.74 14.39 58.43
N HIS C 651 25.55 14.18 58.98
CA HIS C 651 25.05 15.03 60.04
C HIS C 651 24.57 14.20 61.24
N PRO D 17 -62.81 8.80 38.94
CA PRO D 17 -62.38 8.92 37.56
C PRO D 17 -62.47 7.60 36.80
N LEU D 18 -63.65 6.98 36.81
CA LEU D 18 -63.86 5.69 36.14
C LEU D 18 -65.21 5.72 35.43
N HIS D 19 -65.19 5.63 34.11
CA HIS D 19 -66.42 5.61 33.33
C HIS D 19 -66.13 5.01 31.96
N SER D 20 -67.09 4.23 31.46
CA SER D 20 -66.97 3.61 30.15
C SER D 20 -68.35 3.43 29.55
N ILE D 21 -68.40 3.27 28.23
CA ILE D 21 -69.65 3.14 27.50
C ILE D 21 -69.80 1.75 26.89
N ILE D 22 -69.01 0.79 27.34
CA ILE D 22 -69.04 -0.56 26.80
C ILE D 22 -70.27 -1.29 27.32
N SER D 23 -71.02 -1.90 26.40
CA SER D 23 -72.22 -2.65 26.75
C SER D 23 -72.34 -3.82 25.79
N SER D 24 -73.51 -4.48 25.81
CA SER D 24 -73.78 -5.62 24.95
C SER D 24 -75.12 -5.46 24.25
N THR D 25 -75.44 -4.24 23.84
CA THR D 25 -76.69 -3.96 23.14
C THR D 25 -76.67 -4.39 21.69
N GLU D 26 -75.51 -4.77 21.15
CA GLU D 26 -75.42 -5.17 19.76
C GLU D 26 -76.14 -6.49 19.51
N SER D 27 -76.79 -6.58 18.35
CA SER D 27 -77.50 -7.79 17.96
C SER D 27 -77.65 -7.79 16.45
N VAL D 28 -77.93 -8.97 15.90
CA VAL D 28 -78.10 -9.16 14.46
C VAL D 28 -79.59 -9.24 14.16
N GLN D 29 -80.01 -8.56 13.09
CA GLN D 29 -81.42 -8.50 12.71
C GLN D 29 -81.69 -9.20 11.38
N GLY D 30 -80.98 -8.79 10.32
CA GLY D 30 -81.22 -9.35 9.00
C GLY D 30 -80.36 -10.56 8.70
N SER D 31 -80.60 -11.13 7.52
CA SER D 31 -79.82 -12.29 7.09
C SER D 31 -78.39 -11.87 6.75
N THR D 32 -77.43 -12.65 7.24
CA THR D 32 -76.03 -12.32 7.02
C THR D 32 -75.62 -12.63 5.58
N SER D 33 -74.70 -11.82 5.07
CA SER D 33 -74.17 -11.99 3.72
C SER D 33 -72.75 -12.56 3.79
N LYS D 34 -72.13 -12.70 2.63
CA LYS D 34 -70.77 -13.20 2.53
C LYS D 34 -70.01 -12.38 1.49
N HIS D 35 -68.71 -12.24 1.72
CA HIS D 35 -67.87 -11.45 0.82
C HIS D 35 -66.44 -11.95 0.92
N GLU D 36 -65.61 -11.50 -0.03
CA GLU D 36 -64.20 -11.86 -0.10
C GLU D 36 -63.35 -10.60 -0.13
N PHE D 37 -62.09 -10.75 0.27
CA PHE D 37 -61.16 -9.63 0.28
C PHE D 37 -60.66 -9.32 -1.11
N GLN D 38 -60.68 -8.05 -1.48
CA GLN D 38 -60.07 -7.57 -2.71
C GLN D 38 -58.76 -6.84 -2.39
N ALA D 39 -58.10 -6.35 -3.43
CA ALA D 39 -56.86 -5.61 -3.26
C ALA D 39 -56.75 -4.56 -4.35
N GLU D 40 -56.16 -3.42 -3.99
CA GLU D 40 -55.97 -2.31 -4.92
C GLU D 40 -54.61 -2.46 -5.58
N THR D 41 -54.60 -2.60 -6.91
CA THR D 41 -53.39 -2.94 -7.64
C THR D 41 -52.49 -1.74 -7.92
N LYS D 42 -52.94 -0.53 -7.65
CA LYS D 42 -52.12 0.65 -7.93
C LYS D 42 -51.31 1.08 -6.71
N LYS D 43 -51.95 1.16 -5.54
CA LYS D 43 -51.22 1.55 -4.33
C LYS D 43 -50.20 0.50 -3.93
N LEU D 44 -50.48 -0.77 -4.21
CA LEU D 44 -49.53 -1.84 -3.87
C LEU D 44 -48.21 -1.64 -4.60
N LEU D 45 -48.27 -1.30 -5.90
CA LEU D 45 -47.05 -1.01 -6.63
C LEU D 45 -46.37 0.25 -6.09
N ASP D 46 -47.16 1.26 -5.72
CA ASP D 46 -46.59 2.49 -5.17
C ASP D 46 -45.91 2.21 -3.83
N ILE D 47 -46.54 1.41 -2.97
CA ILE D 47 -45.95 1.11 -1.66
C ILE D 47 -44.64 0.36 -1.82
N VAL D 48 -44.62 -0.65 -2.70
CA VAL D 48 -43.42 -1.45 -2.89
C VAL D 48 -42.28 -0.60 -3.46
N ALA D 49 -42.58 0.26 -4.43
CA ALA D 49 -41.55 1.00 -5.14
C ALA D 49 -41.11 2.26 -4.40
N ARG D 50 -41.80 2.66 -3.33
CA ARG D 50 -41.46 3.89 -2.63
C ARG D 50 -41.03 3.68 -1.19
N SER D 51 -41.84 2.97 -0.39
CA SER D 51 -41.63 2.87 1.05
C SER D 51 -41.40 1.44 1.50
N LEU D 52 -40.71 0.64 0.68
CA LEU D 52 -40.36 -0.72 1.06
C LEU D 52 -38.87 -0.94 1.21
N TYR D 53 -38.09 -0.60 0.19
CA TYR D 53 -36.64 -0.81 0.20
C TYR D 53 -35.96 0.51 0.55
N SER D 54 -35.14 0.49 1.60
CA SER D 54 -34.47 1.70 2.04
C SER D 54 -33.39 2.13 1.05
N GLU D 55 -32.61 1.18 0.55
CA GLU D 55 -31.47 1.50 -0.30
C GLU D 55 -31.84 1.20 -1.76
N LYS D 56 -31.22 1.92 -2.68
CA LYS D 56 -31.67 1.92 -4.07
C LYS D 56 -31.13 0.76 -4.91
N GLU D 57 -29.86 0.40 -4.76
CA GLU D 57 -29.26 -0.60 -5.65
C GLU D 57 -29.66 -2.04 -5.31
N VAL D 58 -30.68 -2.25 -4.48
CA VAL D 58 -31.12 -3.61 -4.18
C VAL D 58 -31.94 -4.21 -5.31
N PHE D 59 -32.12 -3.49 -6.42
CA PHE D 59 -32.96 -3.97 -7.50
C PHE D 59 -32.26 -4.99 -8.40
N ILE D 60 -30.92 -5.08 -8.34
CA ILE D 60 -30.22 -6.11 -9.10
C ILE D 60 -29.97 -7.36 -8.26
N ARG D 61 -29.97 -7.25 -6.93
CA ARG D 61 -29.91 -8.44 -6.09
C ARG D 61 -31.14 -9.32 -6.30
N GLU D 62 -32.32 -8.70 -6.41
CA GLU D 62 -33.53 -9.45 -6.67
C GLU D 62 -33.52 -10.06 -8.07
N LEU D 63 -33.02 -9.32 -9.06
CA LEU D 63 -32.97 -9.84 -10.42
C LEU D 63 -32.01 -11.02 -10.54
N ILE D 64 -30.84 -10.92 -9.88
CA ILE D 64 -29.89 -12.02 -9.91
C ILE D 64 -30.45 -13.24 -9.18
N SER D 65 -31.11 -13.02 -8.05
CA SER D 65 -31.70 -14.12 -7.31
C SER D 65 -32.79 -14.82 -8.13
N ASN D 66 -33.58 -14.04 -8.87
CA ASN D 66 -34.56 -14.63 -9.77
C ASN D 66 -33.89 -15.46 -10.86
N ALA D 67 -32.79 -14.96 -11.41
CA ALA D 67 -32.07 -15.69 -12.44
C ALA D 67 -31.48 -16.98 -11.90
N SER D 68 -30.93 -16.94 -10.69
CA SER D 68 -30.32 -18.13 -10.09
C SER D 68 -31.36 -19.18 -9.70
N ASP D 69 -32.64 -18.83 -9.63
CA ASP D 69 -33.67 -19.80 -9.34
C ASP D 69 -34.19 -20.51 -10.59
N ALA D 70 -34.24 -19.81 -11.72
CA ALA D 70 -34.65 -20.45 -12.96
C ALA D 70 -33.66 -21.53 -13.38
N LEU D 71 -32.36 -21.26 -13.20
CA LEU D 71 -31.34 -22.25 -13.52
C LEU D 71 -31.44 -23.46 -12.60
N GLU D 72 -31.72 -23.23 -11.32
CA GLU D 72 -31.86 -24.35 -10.39
C GLU D 72 -33.02 -25.25 -10.76
N LYS D 73 -34.15 -24.67 -11.14
CA LYS D 73 -35.30 -25.48 -11.55
C LYS D 73 -35.00 -26.27 -12.81
N LEU D 74 -34.31 -25.67 -13.78
CA LEU D 74 -33.97 -26.38 -15.01
C LEU D 74 -33.03 -27.55 -14.72
N ARG D 75 -32.04 -27.34 -13.84
CA ARG D 75 -31.12 -28.42 -13.50
C ARG D 75 -31.84 -29.57 -12.82
N HIS D 76 -32.80 -29.27 -11.95
CA HIS D 76 -33.60 -30.31 -11.31
C HIS D 76 -34.46 -31.05 -12.33
N LYS D 77 -34.88 -30.37 -13.40
CA LYS D 77 -35.68 -31.01 -14.43
C LYS D 77 -34.87 -31.90 -15.36
N LEU D 78 -33.56 -31.71 -15.43
CA LEU D 78 -32.70 -32.48 -16.31
C LEU D 78 -31.93 -33.58 -15.57
N VAL D 79 -32.18 -33.76 -14.28
CA VAL D 79 -31.57 -34.85 -13.54
C VAL D 79 -32.56 -35.95 -13.18
N SER D 80 -33.86 -35.65 -13.14
CA SER D 80 -34.85 -36.69 -12.92
C SER D 80 -34.88 -37.67 -14.09
N ASP D 81 -34.76 -37.16 -15.32
CA ASP D 81 -34.73 -37.99 -16.51
C ASP D 81 -33.31 -38.36 -16.94
N GLY D 82 -32.30 -37.89 -16.22
CA GLY D 82 -30.92 -38.23 -16.55
C GLY D 82 -30.43 -37.67 -17.87
N GLN D 83 -30.77 -36.43 -18.18
CA GLN D 83 -30.33 -35.80 -19.41
C GLN D 83 -28.98 -35.10 -19.21
N ALA D 84 -28.38 -34.68 -20.32
CA ALA D 84 -27.09 -33.99 -20.27
C ALA D 84 -27.31 -32.51 -19.91
N LEU D 85 -26.50 -32.01 -18.99
CA LEU D 85 -26.64 -30.64 -18.52
C LEU D 85 -25.95 -29.69 -19.48
N PRO D 86 -26.67 -28.73 -20.08
CA PRO D 86 -26.01 -27.73 -20.93
C PRO D 86 -25.32 -26.66 -20.10
N GLU D 87 -24.78 -25.64 -20.76
CA GLU D 87 -24.12 -24.56 -20.04
C GLU D 87 -25.15 -23.74 -19.27
N MET D 88 -24.74 -23.27 -18.09
CA MET D 88 -25.57 -22.45 -17.22
C MET D 88 -24.81 -21.17 -16.91
N GLU D 89 -25.33 -20.04 -17.37
CA GLU D 89 -24.63 -18.76 -17.25
C GLU D 89 -25.60 -17.66 -16.86
N ILE D 90 -25.07 -16.65 -16.19
CA ILE D 90 -25.79 -15.41 -15.90
C ILE D 90 -24.94 -14.26 -16.45
N HIS D 91 -25.54 -13.47 -17.32
CA HIS D 91 -24.81 -12.42 -18.04
C HIS D 91 -25.38 -11.05 -17.69
N LEU D 92 -24.49 -10.12 -17.35
CA LEU D 92 -24.85 -8.74 -17.06
C LEU D 92 -24.26 -7.83 -18.14
N GLN D 93 -25.05 -6.87 -18.58
CA GLN D 93 -24.60 -5.93 -19.61
C GLN D 93 -25.04 -4.52 -19.23
N THR D 94 -24.12 -3.57 -19.34
CA THR D 94 -24.39 -2.17 -19.04
C THR D 94 -24.10 -1.33 -20.28
N ASN D 95 -24.97 -0.35 -20.52
CA ASN D 95 -24.84 0.55 -21.65
C ASN D 95 -24.83 1.99 -21.17
N ALA D 96 -23.95 2.81 -21.74
CA ALA D 96 -23.80 4.20 -21.36
C ALA D 96 -24.57 5.14 -22.28
N GLU D 97 -24.38 5.01 -23.60
CA GLU D 97 -25.05 5.92 -24.52
C GLU D 97 -26.55 5.70 -24.56
N LYS D 98 -27.00 4.45 -24.41
CA LYS D 98 -28.43 4.17 -24.28
C LYS D 98 -28.93 4.24 -22.85
N GLY D 99 -28.04 4.19 -21.86
CA GLY D 99 -28.44 4.26 -20.48
C GLY D 99 -29.35 3.13 -20.05
N THR D 100 -28.98 1.89 -20.38
CA THR D 100 -29.79 0.72 -20.08
C THR D 100 -28.94 -0.35 -19.43
N ILE D 101 -29.61 -1.23 -18.68
CA ILE D 101 -28.98 -2.40 -18.06
C ILE D 101 -29.67 -3.64 -18.61
N THR D 102 -28.94 -4.76 -18.59
CA THR D 102 -29.41 -5.99 -19.17
C THR D 102 -29.05 -7.17 -18.28
N ILE D 103 -30.00 -8.08 -18.10
CA ILE D 103 -29.79 -9.33 -17.38
C ILE D 103 -30.34 -10.47 -18.23
N GLN D 104 -29.54 -11.53 -18.38
CA GLN D 104 -29.92 -12.67 -19.19
C GLN D 104 -29.44 -13.95 -18.54
N ASP D 105 -30.26 -14.99 -18.60
CA ASP D 105 -29.92 -16.30 -18.05
C ASP D 105 -30.34 -17.36 -19.06
N THR D 106 -30.23 -18.62 -18.65
CA THR D 106 -30.59 -19.78 -19.48
C THR D 106 -31.44 -20.75 -18.67
N GLY D 107 -32.44 -20.22 -17.98
CA GLY D 107 -33.31 -21.01 -17.13
C GLY D 107 -34.43 -21.69 -17.88
N ILE D 108 -35.43 -22.13 -17.12
CA ILE D 108 -36.56 -22.84 -17.71
C ILE D 108 -37.43 -21.93 -18.56
N GLY D 109 -37.36 -20.62 -18.34
CA GLY D 109 -38.20 -19.71 -19.09
C GLY D 109 -39.64 -19.74 -18.61
N MET D 110 -40.49 -19.02 -19.35
CA MET D 110 -41.90 -18.91 -19.01
C MET D 110 -42.73 -18.91 -20.27
N THR D 111 -43.87 -19.60 -20.21
CA THR D 111 -44.79 -19.70 -21.34
C THR D 111 -45.70 -18.47 -21.37
N GLN D 112 -46.69 -18.49 -22.26
CA GLN D 112 -47.67 -17.41 -22.31
C GLN D 112 -48.49 -17.35 -21.02
N GLU D 113 -48.91 -18.52 -20.52
CA GLU D 113 -49.67 -18.56 -19.28
C GLU D 113 -48.80 -18.21 -18.08
N GLU D 114 -47.53 -18.61 -18.12
CA GLU D 114 -46.62 -18.32 -17.00
C GLU D 114 -46.23 -16.85 -16.96
N LEU D 115 -46.29 -16.14 -18.09
CA LEU D 115 -45.94 -14.72 -18.09
C LEU D 115 -47.02 -13.86 -17.45
N VAL D 116 -48.25 -14.36 -17.35
CA VAL D 116 -49.34 -13.60 -16.75
C VAL D 116 -49.72 -14.12 -15.36
N SER D 117 -49.56 -15.41 -15.10
CA SER D 117 -49.89 -15.96 -13.78
C SER D 117 -48.80 -15.69 -12.74
N ASN D 118 -47.61 -15.28 -13.17
CA ASN D 118 -46.50 -14.99 -12.26
C ASN D 118 -46.09 -13.53 -12.28
N LEU D 119 -45.85 -12.98 -13.47
CA LEU D 119 -45.39 -11.60 -13.58
C LEU D 119 -46.52 -10.58 -13.46
N GLY D 120 -47.77 -11.02 -13.59
CA GLY D 120 -48.91 -10.14 -13.53
C GLY D 120 -49.65 -10.11 -12.22
N THR D 121 -49.28 -10.95 -11.25
CA THR D 121 -49.97 -11.04 -9.97
C THR D 121 -49.03 -10.60 -8.86
N ILE D 122 -49.53 -9.72 -7.99
CA ILE D 122 -48.74 -9.25 -6.85
C ILE D 122 -48.75 -10.31 -5.76
N ALA D 123 -47.59 -10.50 -5.13
CA ALA D 123 -47.43 -11.47 -4.04
C ALA D 123 -47.77 -12.88 -4.49
N ARG D 124 -47.44 -13.21 -5.74
CA ARG D 124 -47.59 -14.56 -6.27
C ARG D 124 -46.26 -14.97 -6.87
N SER D 125 -45.73 -16.11 -6.42
CA SER D 125 -44.44 -16.61 -6.87
C SER D 125 -44.59 -18.03 -7.38
N GLY D 126 -44.08 -18.28 -8.59
CA GLY D 126 -44.11 -19.63 -9.13
C GLY D 126 -43.11 -20.58 -8.51
N SER D 127 -42.05 -20.05 -7.89
CA SER D 127 -41.06 -20.92 -7.25
C SER D 127 -41.64 -21.58 -6.00
N LYS D 128 -42.55 -20.92 -5.30
CA LYS D 128 -43.18 -21.53 -4.13
C LYS D 128 -43.98 -22.76 -4.54
N ALA D 129 -44.73 -22.68 -5.64
CA ALA D 129 -45.51 -23.83 -6.09
C ALA D 129 -44.61 -24.95 -6.61
N PHE D 130 -43.42 -24.61 -7.11
CA PHE D 130 -42.49 -25.64 -7.56
C PHE D 130 -42.06 -26.55 -6.42
N LEU D 131 -41.75 -25.96 -5.26
CA LEU D 131 -41.35 -26.76 -4.12
C LEU D 131 -42.53 -27.52 -3.52
N ASP D 132 -43.73 -26.93 -3.57
CA ASP D 132 -44.91 -27.59 -3.00
C ASP D 132 -45.24 -28.88 -3.73
N ALA D 133 -44.84 -29.00 -4.99
CA ALA D 133 -45.08 -30.20 -5.79
C ALA D 133 -43.91 -31.17 -5.77
N LEU D 134 -42.85 -30.88 -5.00
CA LEU D 134 -41.69 -31.76 -4.98
C LEU D 134 -41.87 -32.91 -4.00
N GLN D 135 -42.52 -32.66 -2.87
CA GLN D 135 -42.77 -33.65 -1.82
C GLN D 135 -41.49 -34.20 -1.22
N ASN D 136 -40.36 -33.51 -1.40
CA ASN D 136 -39.09 -33.92 -0.83
C ASN D 136 -38.54 -32.93 0.18
N GLN D 137 -38.41 -31.65 -0.21
CA GLN D 137 -37.95 -30.60 0.69
C GLN D 137 -36.59 -30.93 1.29
N ALA D 138 -35.71 -31.53 0.49
CA ALA D 138 -34.40 -31.97 0.96
C ALA D 138 -33.26 -31.23 0.29
N GLU D 139 -33.24 -31.21 -1.05
CA GLU D 139 -32.15 -30.58 -1.79
C GLU D 139 -32.54 -29.30 -2.50
N ALA D 140 -33.78 -29.20 -2.99
CA ALA D 140 -34.21 -27.98 -3.67
C ALA D 140 -34.76 -26.93 -2.71
N SER D 141 -35.23 -27.33 -1.53
CA SER D 141 -35.75 -26.36 -0.58
C SER D 141 -34.64 -25.47 -0.03
N SER D 142 -33.41 -25.95 0.00
CA SER D 142 -32.28 -25.18 0.50
C SER D 142 -31.54 -24.44 -0.60
N LYS D 143 -32.01 -24.51 -1.85
CA LYS D 143 -31.35 -23.86 -2.96
C LYS D 143 -32.26 -22.90 -3.73
N ILE D 144 -33.49 -22.70 -3.28
CA ILE D 144 -34.44 -21.78 -3.90
C ILE D 144 -34.63 -20.59 -2.98
N ILE D 145 -34.50 -19.39 -3.52
CA ILE D 145 -34.49 -18.17 -2.72
C ILE D 145 -35.86 -17.51 -2.64
N GLY D 146 -36.64 -17.58 -3.72
CA GLY D 146 -37.93 -16.92 -3.77
C GLY D 146 -38.92 -17.41 -2.73
N GLN D 147 -39.41 -16.49 -1.90
CA GLN D 147 -40.35 -16.84 -0.85
C GLN D 147 -41.62 -15.99 -0.85
N PHE D 148 -41.52 -14.70 -1.18
CA PHE D 148 -42.66 -13.80 -1.08
C PHE D 148 -43.39 -13.65 -2.41
N GLY D 149 -42.69 -13.19 -3.43
CA GLY D 149 -43.28 -12.95 -4.73
C GLY D 149 -43.43 -11.50 -5.15
N VAL D 150 -42.69 -10.58 -4.52
CA VAL D 150 -42.75 -9.16 -4.85
C VAL D 150 -41.39 -8.59 -5.21
N GLY D 151 -40.35 -9.42 -5.28
CA GLY D 151 -39.01 -8.91 -5.53
C GLY D 151 -38.78 -8.40 -6.94
N PHE D 152 -39.59 -8.85 -7.91
CA PHE D 152 -39.41 -8.40 -9.29
C PHE D 152 -39.74 -6.91 -9.41
N TYR D 153 -40.74 -6.44 -8.68
CA TYR D 153 -41.20 -5.06 -8.83
C TYR D 153 -40.24 -4.04 -8.24
N SER D 154 -39.09 -4.47 -7.72
CA SER D 154 -38.07 -3.52 -7.26
C SER D 154 -37.42 -2.77 -8.41
N ALA D 155 -37.56 -3.28 -9.65
CA ALA D 155 -36.97 -2.60 -10.79
C ALA D 155 -37.63 -1.25 -11.06
N PHE D 156 -38.91 -1.11 -10.70
CA PHE D 156 -39.64 0.13 -10.95
C PHE D 156 -39.11 1.29 -10.10
N MET D 157 -38.27 1.03 -9.10
CA MET D 157 -37.70 2.12 -8.33
C MET D 157 -36.79 3.00 -9.17
N VAL D 158 -36.13 2.42 -10.18
CA VAL D 158 -35.18 3.14 -11.02
C VAL D 158 -35.53 3.07 -12.50
N ALA D 159 -36.66 2.47 -12.85
CA ALA D 159 -37.01 2.23 -14.25
C ALA D 159 -38.33 2.90 -14.59
N ASP D 160 -38.42 3.40 -15.82
CA ASP D 160 -39.67 3.89 -16.39
C ASP D 160 -40.27 2.96 -17.43
N ARG D 161 -39.43 2.25 -18.19
CA ARG D 161 -39.88 1.26 -19.17
C ARG D 161 -39.17 -0.04 -18.89
N VAL D 162 -39.94 -1.11 -18.68
CA VAL D 162 -39.40 -2.45 -18.45
C VAL D 162 -39.73 -3.30 -19.67
N GLU D 163 -38.78 -4.14 -20.07
CA GLU D 163 -38.89 -4.92 -21.30
C GLU D 163 -38.31 -6.30 -21.05
N VAL D 164 -39.11 -7.33 -21.33
CA VAL D 164 -38.76 -8.71 -21.03
C VAL D 164 -38.90 -9.55 -22.30
N TYR D 165 -37.84 -10.26 -22.66
CA TYR D 165 -37.87 -11.26 -23.73
C TYR D 165 -37.64 -12.63 -23.10
N SER D 166 -38.61 -13.52 -23.23
CA SER D 166 -38.51 -14.83 -22.61
C SER D 166 -39.29 -15.85 -23.41
N ARG D 167 -38.77 -17.07 -23.45
CA ARG D 167 -39.49 -18.22 -23.98
C ARG D 167 -39.14 -19.44 -23.15
N SER D 168 -40.07 -20.38 -23.09
CA SER D 168 -39.90 -21.54 -22.21
C SER D 168 -38.83 -22.47 -22.77
N ALA D 169 -38.28 -23.30 -21.88
CA ALA D 169 -37.31 -24.32 -22.26
C ALA D 169 -37.98 -25.59 -22.76
N ALA D 170 -39.31 -25.63 -22.82
CA ALA D 170 -40.01 -26.80 -23.31
C ALA D 170 -39.70 -27.00 -24.80
N PRO D 171 -39.67 -28.24 -25.26
CA PRO D 171 -39.31 -28.52 -26.66
C PRO D 171 -40.41 -28.17 -27.64
N GLY D 172 -40.48 -26.90 -28.04
CA GLY D 172 -41.47 -26.47 -29.00
C GLY D 172 -42.29 -25.25 -28.61
N SER D 173 -41.78 -24.47 -27.65
CA SER D 173 -42.45 -23.26 -27.25
C SER D 173 -42.17 -22.14 -28.25
N LEU D 174 -42.78 -20.98 -28.02
CA LEU D 174 -42.63 -19.83 -28.90
C LEU D 174 -42.18 -18.62 -28.09
N GLY D 175 -41.41 -17.75 -28.75
CA GLY D 175 -40.94 -16.55 -28.09
C GLY D 175 -42.06 -15.56 -27.83
N TYR D 176 -41.91 -14.81 -26.72
CA TYR D 176 -42.92 -13.86 -26.29
C TYR D 176 -42.23 -12.58 -25.85
N GLN D 177 -43.04 -11.59 -25.44
CA GLN D 177 -42.53 -10.31 -24.99
C GLN D 177 -43.37 -9.84 -23.80
N TRP D 178 -42.86 -8.84 -23.09
CA TRP D 178 -43.54 -8.31 -21.92
C TRP D 178 -43.10 -6.87 -21.73
N LEU D 179 -44.04 -5.93 -21.91
CA LEU D 179 -43.76 -4.51 -21.78
C LEU D 179 -44.68 -3.90 -20.73
N SER D 180 -44.13 -3.00 -19.93
CA SER D 180 -44.90 -2.30 -18.90
C SER D 180 -44.16 -1.04 -18.51
N ASP D 181 -44.87 -0.15 -17.79
CA ASP D 181 -44.31 1.10 -17.33
C ASP D 181 -44.62 1.37 -15.86
N GLY D 182 -45.16 0.39 -15.14
CA GLY D 182 -45.47 0.57 -13.74
C GLY D 182 -46.71 1.39 -13.45
N SER D 183 -47.63 1.49 -14.40
CA SER D 183 -48.85 2.26 -14.23
C SER D 183 -50.08 1.37 -14.07
N GLY D 184 -49.88 0.11 -13.70
CA GLY D 184 -50.98 -0.82 -13.51
C GLY D 184 -51.43 -1.55 -14.75
N VAL D 185 -50.90 -1.21 -15.92
CA VAL D 185 -51.25 -1.85 -17.17
C VAL D 185 -49.99 -2.35 -17.84
N PHE D 186 -50.04 -3.58 -18.35
CA PHE D 186 -48.93 -4.17 -19.07
C PHE D 186 -49.45 -4.86 -20.32
N GLU D 187 -48.63 -4.85 -21.37
CA GLU D 187 -48.95 -5.46 -22.64
C GLU D 187 -48.01 -6.61 -22.93
N ILE D 188 -48.56 -7.69 -23.50
CA ILE D 188 -47.81 -8.90 -23.81
C ILE D 188 -48.03 -9.23 -25.29
N ALA D 189 -46.93 -9.55 -25.98
CA ALA D 189 -46.98 -9.88 -27.40
C ALA D 189 -45.99 -11.01 -27.67
N GLU D 190 -45.91 -11.40 -28.94
CA GLU D 190 -45.01 -12.47 -29.37
C GLU D 190 -43.78 -11.88 -30.05
N ALA D 191 -42.67 -12.61 -29.93
CA ALA D 191 -41.40 -12.19 -30.50
C ALA D 191 -40.74 -13.35 -31.23
N SER D 192 -39.90 -13.03 -32.21
CA SER D 192 -39.19 -14.03 -33.01
C SER D 192 -37.69 -13.86 -32.83
N GLY D 193 -36.99 -14.99 -32.78
CA GLY D 193 -35.55 -14.97 -32.59
C GLY D 193 -35.09 -14.90 -31.15
N VAL D 194 -35.96 -15.20 -30.20
CA VAL D 194 -35.60 -15.13 -28.78
C VAL D 194 -34.91 -16.43 -28.38
N ARG D 195 -33.74 -16.31 -27.78
CA ARG D 195 -33.01 -17.48 -27.29
C ARG D 195 -33.73 -18.06 -26.07
N THR D 196 -33.58 -19.37 -25.89
CA THR D 196 -34.17 -20.04 -24.73
C THR D 196 -33.60 -19.44 -23.45
N GLY D 197 -34.50 -19.07 -22.54
CA GLY D 197 -34.09 -18.42 -21.31
C GLY D 197 -34.96 -17.22 -20.97
N THR D 198 -34.34 -16.16 -20.46
CA THR D 198 -35.07 -14.95 -20.11
C THR D 198 -34.11 -13.77 -20.15
N LYS D 199 -34.45 -12.75 -20.95
CA LYS D 199 -33.69 -11.51 -21.03
C LYS D 199 -34.59 -10.35 -20.64
N ILE D 200 -34.09 -9.48 -19.79
CA ILE D 200 -34.85 -8.33 -19.28
C ILE D 200 -34.06 -7.06 -19.58
N ILE D 201 -34.74 -6.08 -20.15
CA ILE D 201 -34.14 -4.78 -20.48
C ILE D 201 -34.78 -3.73 -19.60
N ILE D 202 -33.95 -2.91 -18.95
CA ILE D 202 -34.40 -1.86 -18.04
C ILE D 202 -33.93 -0.52 -18.56
N HIS D 203 -34.85 0.43 -18.69
CA HIS D 203 -34.53 1.80 -19.06
C HIS D 203 -34.45 2.64 -17.79
N LEU D 204 -33.28 3.21 -17.52
CA LEU D 204 -33.04 3.92 -16.28
C LEU D 204 -33.76 5.27 -16.28
N LYS D 205 -34.10 5.73 -15.09
CA LYS D 205 -34.76 7.02 -14.92
C LYS D 205 -33.77 8.16 -15.07
N SER D 206 -34.28 9.39 -15.00
CA SER D 206 -33.42 10.57 -15.14
C SER D 206 -32.48 10.71 -13.95
N ASP D 207 -33.02 10.58 -12.74
CA ASP D 207 -32.24 10.75 -11.52
C ASP D 207 -31.56 9.47 -11.06
N CYS D 208 -31.82 8.35 -11.71
CA CYS D 208 -31.23 7.06 -11.36
C CYS D 208 -30.26 6.58 -12.43
N LYS D 209 -29.48 7.50 -12.99
CA LYS D 209 -28.54 7.18 -14.05
C LYS D 209 -27.20 6.66 -13.55
N GLU D 210 -27.02 6.56 -12.24
CA GLU D 210 -25.76 6.10 -11.68
C GLU D 210 -25.50 4.62 -11.94
N PHE D 211 -26.50 3.86 -12.39
CA PHE D 211 -26.37 2.43 -12.61
C PHE D 211 -26.00 2.08 -14.04
N SER D 212 -25.34 2.99 -14.76
CA SER D 212 -24.94 2.76 -16.14
C SER D 212 -23.43 2.61 -16.28
N SER D 213 -22.69 2.58 -15.18
CA SER D 213 -21.24 2.46 -15.22
C SER D 213 -20.80 1.17 -14.54
N GLU D 214 -19.69 0.62 -15.01
CA GLU D 214 -19.17 -0.63 -14.44
C GLU D 214 -18.74 -0.44 -12.99
N ALA D 215 -18.25 0.73 -12.63
CA ALA D 215 -17.77 0.95 -11.27
C ALA D 215 -18.91 0.82 -10.26
N ARG D 216 -20.08 1.37 -10.58
CA ARG D 216 -21.21 1.28 -9.66
C ARG D 216 -21.77 -0.13 -9.61
N VAL D 217 -21.93 -0.78 -10.77
CA VAL D 217 -22.53 -2.10 -10.81
C VAL D 217 -21.63 -3.13 -10.14
N ARG D 218 -20.31 -3.04 -10.37
CA ARG D 218 -19.40 -4.00 -9.77
C ARG D 218 -19.40 -3.91 -8.25
N ASP D 219 -19.60 -2.71 -7.70
CA ASP D 219 -19.62 -2.54 -6.26
C ASP D 219 -20.86 -3.15 -5.60
N VAL D 220 -21.88 -3.50 -6.38
CA VAL D 220 -23.10 -4.06 -5.84
C VAL D 220 -23.16 -5.58 -6.01
N VAL D 221 -22.71 -6.08 -7.17
CA VAL D 221 -22.71 -7.52 -7.40
C VAL D 221 -21.80 -8.22 -6.39
N THR D 222 -20.62 -7.65 -6.15
CA THR D 222 -19.71 -8.23 -5.16
C THR D 222 -20.29 -8.14 -3.76
N LYS D 223 -20.95 -7.03 -3.44
CA LYS D 223 -21.46 -6.82 -2.08
C LYS D 223 -22.58 -7.81 -1.75
N TYR D 224 -23.50 -8.04 -2.69
CA TYR D 224 -24.73 -8.76 -2.40
C TYR D 224 -24.71 -10.21 -2.87
N SER D 225 -24.39 -10.45 -4.14
CA SER D 225 -24.53 -11.77 -4.74
C SER D 225 -23.20 -12.23 -5.35
N ASN D 226 -22.12 -12.09 -4.59
CA ASN D 226 -20.82 -12.54 -5.06
C ASN D 226 -20.76 -14.07 -5.13
N PHE D 227 -21.40 -14.75 -4.18
CA PHE D 227 -21.31 -16.19 -4.04
C PHE D 227 -22.48 -16.92 -4.70
N VAL D 228 -23.01 -16.39 -5.80
CA VAL D 228 -24.11 -17.07 -6.49
C VAL D 228 -23.62 -18.41 -7.03
N SER D 229 -24.54 -19.38 -7.08
CA SER D 229 -24.19 -20.77 -7.39
C SER D 229 -23.81 -20.98 -8.86
N PHE D 230 -24.02 -20.00 -9.72
CA PHE D 230 -23.75 -20.17 -11.14
C PHE D 230 -22.81 -19.09 -11.64
N PRO D 231 -22.06 -19.35 -12.71
CA PRO D 231 -21.14 -18.34 -13.22
C PRO D 231 -21.85 -17.05 -13.60
N LEU D 232 -21.24 -15.93 -13.26
CA LEU D 232 -21.80 -14.60 -13.51
C LEU D 232 -20.77 -13.78 -14.28
N TYR D 233 -21.15 -13.34 -15.47
CA TYR D 233 -20.27 -12.54 -16.32
C TYR D 233 -20.81 -11.12 -16.39
N LEU D 234 -20.02 -10.15 -15.93
CA LEU D 234 -20.38 -8.75 -15.98
C LEU D 234 -19.67 -8.11 -17.16
N ASN D 235 -20.43 -7.84 -18.22
CA ASN D 235 -19.94 -7.14 -19.41
C ASN D 235 -18.80 -7.87 -20.10
N GLY D 236 -18.66 -9.17 -19.88
CA GLY D 236 -17.65 -9.95 -20.58
C GLY D 236 -16.75 -10.80 -19.71
N ARG D 237 -16.42 -10.31 -18.52
CA ARG D 237 -15.51 -10.98 -17.61
C ARG D 237 -16.26 -11.46 -16.37
N ARG D 238 -15.94 -12.67 -15.92
CA ARG D 238 -16.66 -13.29 -14.83
C ARG D 238 -16.12 -12.82 -13.48
N MET D 239 -16.94 -12.99 -12.44
CA MET D 239 -16.58 -12.61 -11.08
C MET D 239 -17.06 -13.64 -10.06
N ASN D 240 -17.16 -14.91 -10.48
CA ASN D 240 -17.79 -15.96 -9.67
C ASN D 240 -16.92 -17.21 -9.64
N THR D 241 -15.63 -17.04 -9.37
CA THR D 241 -14.71 -18.17 -9.31
C THR D 241 -14.47 -18.68 -7.88
N LEU D 242 -14.36 -17.78 -6.91
CA LEU D 242 -14.11 -18.20 -5.54
C LEU D 242 -15.35 -18.89 -4.96
N GLN D 243 -15.18 -20.12 -4.49
CA GLN D 243 -16.29 -20.91 -3.99
C GLN D 243 -16.50 -20.67 -2.49
N ALA D 244 -17.74 -20.92 -2.05
CA ALA D 244 -18.09 -20.77 -0.64
C ALA D 244 -17.66 -22.01 0.12
N ILE D 245 -16.74 -21.84 1.09
CA ILE D 245 -16.17 -22.95 1.81
C ILE D 245 -16.86 -23.22 3.13
N TRP D 246 -17.89 -22.44 3.49
CA TRP D 246 -18.56 -22.61 4.77
C TRP D 246 -19.74 -23.58 4.71
N MET D 247 -19.96 -24.22 3.56
CA MET D 247 -21.11 -25.12 3.42
C MET D 247 -20.72 -26.59 3.49
N MET D 248 -19.65 -27.00 2.82
CA MET D 248 -19.26 -28.40 2.81
C MET D 248 -18.56 -28.77 4.12
N ASP D 249 -18.34 -30.07 4.28
CA ASP D 249 -17.70 -30.57 5.49
C ASP D 249 -16.26 -30.07 5.59
N PRO D 250 -15.75 -29.87 6.81
CA PRO D 250 -14.37 -29.37 6.96
C PRO D 250 -13.32 -30.31 6.41
N LYS D 251 -13.63 -31.60 6.27
CA LYS D 251 -12.64 -32.55 5.77
C LYS D 251 -12.36 -32.39 4.28
N ASP D 252 -13.16 -31.61 3.56
CA ASP D 252 -12.97 -31.42 2.12
C ASP D 252 -12.16 -30.18 1.76
N VAL D 253 -11.86 -29.32 2.73
CA VAL D 253 -11.14 -28.08 2.50
C VAL D 253 -9.75 -28.19 3.11
N GLY D 254 -8.73 -27.82 2.32
CA GLY D 254 -7.36 -27.87 2.77
C GLY D 254 -6.93 -26.59 3.48
N GLU D 255 -5.63 -26.53 3.78
CA GLU D 255 -5.09 -25.35 4.45
C GLU D 255 -5.04 -24.16 3.51
N TRP D 256 -4.72 -24.39 2.24
CA TRP D 256 -4.66 -23.28 1.28
C TRP D 256 -6.02 -22.64 1.08
N GLN D 257 -7.08 -23.46 0.99
CA GLN D 257 -8.42 -22.92 0.79
C GLN D 257 -8.85 -22.05 1.96
N HIS D 258 -8.52 -22.47 3.19
CA HIS D 258 -8.79 -21.64 4.35
C HIS D 258 -8.01 -20.34 4.29
N GLU D 259 -6.74 -20.41 3.86
CA GLU D 259 -5.91 -19.21 3.77
C GLU D 259 -6.46 -18.24 2.74
N GLU D 260 -6.88 -18.74 1.58
CA GLU D 260 -7.38 -17.88 0.51
C GLU D 260 -8.68 -17.20 0.91
N PHE D 261 -9.59 -17.93 1.57
CA PHE D 261 -10.87 -17.36 1.95
C PHE D 261 -10.71 -16.23 2.95
N TYR D 262 -9.78 -16.38 3.90
CA TYR D 262 -9.57 -15.35 4.91
C TYR D 262 -9.11 -14.04 4.29
N ARG D 263 -8.21 -14.13 3.30
CA ARG D 263 -7.68 -12.92 2.68
C ARG D 263 -8.75 -12.14 1.94
N TYR D 264 -9.81 -12.81 1.48
CA TYR D 264 -10.89 -12.12 0.78
C TYR D 264 -11.81 -11.41 1.75
N VAL D 265 -12.35 -12.13 2.73
CA VAL D 265 -13.34 -11.55 3.63
C VAL D 265 -12.70 -10.49 4.51
N ALA D 266 -11.49 -10.73 5.00
CA ALA D 266 -10.81 -9.79 5.89
C ALA D 266 -10.03 -8.72 5.13
N GLN D 267 -9.87 -8.87 3.81
CA GLN D 267 -9.10 -7.93 2.99
C GLN D 267 -7.70 -7.71 3.55
N ALA D 268 -7.05 -8.82 3.92
CA ALA D 268 -5.73 -8.78 4.52
C ALA D 268 -4.79 -9.69 3.74
N HIS D 269 -3.50 -9.37 3.80
CA HIS D 269 -2.47 -10.11 3.07
C HIS D 269 -1.71 -11.10 3.93
N ASP D 270 -2.11 -11.28 5.19
CA ASP D 270 -1.41 -12.14 6.11
C ASP D 270 -2.11 -13.49 6.23
N LYS D 271 -1.64 -14.32 7.17
CA LYS D 271 -2.15 -15.65 7.42
C LYS D 271 -2.91 -15.69 8.73
N PRO D 272 -4.09 -16.29 8.78
CA PRO D 272 -4.81 -16.40 10.06
C PRO D 272 -4.08 -17.29 11.04
N ARG D 273 -4.23 -16.97 12.33
CA ARG D 273 -3.59 -17.75 13.38
C ARG D 273 -4.50 -18.82 13.97
N TYR D 274 -5.81 -18.71 13.75
CA TYR D 274 -6.77 -19.69 14.24
C TYR D 274 -7.91 -19.81 13.25
N THR D 275 -8.51 -21.00 13.20
CA THR D 275 -9.60 -21.27 12.28
C THR D 275 -10.60 -22.21 12.94
N LEU D 276 -11.87 -21.84 12.88
CA LEU D 276 -12.95 -22.65 13.43
C LEU D 276 -13.98 -22.93 12.35
N HIS D 277 -14.45 -24.17 12.29
CA HIS D 277 -15.44 -24.62 11.31
C HIS D 277 -16.58 -25.28 12.09
N TYR D 278 -17.61 -24.49 12.39
CA TYR D 278 -18.72 -24.95 13.23
C TYR D 278 -19.87 -25.39 12.33
N LYS D 279 -20.40 -26.58 12.62
CA LYS D 279 -21.54 -27.12 11.89
C LYS D 279 -22.41 -27.88 12.87
N THR D 280 -23.58 -27.34 13.20
CA THR D 280 -24.52 -27.96 14.12
C THR D 280 -25.92 -27.90 13.54
N ASP D 281 -26.73 -28.91 13.87
CA ASP D 281 -28.11 -28.98 13.40
C ASP D 281 -29.13 -29.34 14.47
N ALA D 282 -28.72 -29.98 15.57
CA ALA D 282 -29.71 -30.39 16.57
C ALA D 282 -30.38 -29.20 17.25
N PRO D 283 -29.65 -28.20 17.80
CA PRO D 283 -30.35 -27.05 18.40
C PRO D 283 -30.97 -26.15 17.35
N LEU D 284 -30.21 -25.86 16.29
CA LEU D 284 -30.64 -25.04 15.17
C LEU D 284 -29.60 -25.13 14.08
N ASN D 285 -30.05 -24.99 12.83
CA ASN D 285 -29.15 -25.12 11.69
C ASN D 285 -28.18 -23.95 11.66
N ILE D 286 -26.88 -24.24 11.69
CA ILE D 286 -25.84 -23.23 11.71
C ILE D 286 -24.66 -23.72 10.88
N ARG D 287 -24.24 -22.90 9.91
CA ARG D 287 -23.00 -23.10 9.18
C ARG D 287 -22.18 -21.83 9.28
N SER D 288 -20.96 -21.93 9.77
CA SER D 288 -20.17 -20.72 9.99
C SER D 288 -18.68 -21.07 9.98
N ILE D 289 -17.87 -20.04 9.79
CA ILE D 289 -16.42 -20.14 9.86
C ILE D 289 -15.90 -18.86 10.51
N PHE D 290 -14.86 -18.99 11.33
CA PHE D 290 -14.31 -17.87 12.07
C PHE D 290 -12.80 -17.85 11.95
N TYR D 291 -12.23 -16.64 11.90
CA TYR D 291 -10.79 -16.45 11.76
C TYR D 291 -10.30 -15.45 12.79
N VAL D 292 -9.08 -15.68 13.28
CA VAL D 292 -8.41 -14.77 14.19
C VAL D 292 -7.18 -14.22 13.49
N PRO D 293 -7.10 -12.91 13.26
CA PRO D 293 -5.94 -12.35 12.55
C PRO D 293 -4.64 -12.54 13.33
N ASP D 294 -3.56 -12.77 12.59
CA ASP D 294 -2.25 -12.95 13.21
C ASP D 294 -1.65 -11.63 13.67
N MET D 295 -1.89 -10.54 12.93
CA MET D 295 -1.30 -9.27 13.27
C MET D 295 -1.86 -8.73 14.59
N LYS D 296 -1.07 -7.92 15.27
CA LYS D 296 -1.52 -7.29 16.49
C LYS D 296 -2.70 -6.37 16.20
N PRO D 297 -3.75 -6.38 17.02
CA PRO D 297 -4.95 -5.58 16.71
C PRO D 297 -4.63 -4.10 16.62
N SER D 298 -5.29 -3.45 15.66
CA SER D 298 -5.11 -2.03 15.44
C SER D 298 -6.16 -1.23 16.21
N MET D 299 -6.11 0.10 16.09
CA MET D 299 -7.05 0.94 16.82
C MET D 299 -8.45 0.89 16.22
N PHE D 300 -8.57 0.55 14.94
CA PHE D 300 -9.90 0.39 14.35
C PHE D 300 -10.64 -0.80 14.92
N ASP D 301 -9.91 -1.80 15.46
CA ASP D 301 -10.57 -2.91 16.12
C ASP D 301 -11.30 -2.47 17.38
N VAL D 302 -10.67 -1.59 18.15
CA VAL D 302 -11.28 -1.14 19.40
C VAL D 302 -12.49 -0.25 19.13
N SER D 303 -12.36 0.67 18.18
CA SER D 303 -13.44 1.61 17.86
C SER D 303 -14.40 0.95 16.87
N ARG D 304 -15.63 0.71 17.31
CA ARG D 304 -16.63 0.07 16.47
C ARG D 304 -17.09 1.01 15.36
N SER D 308 -20.12 -6.33 13.04
CA SER D 308 -18.98 -6.71 13.87
C SER D 308 -18.06 -7.66 13.12
N SER D 309 -17.70 -7.28 11.90
CA SER D 309 -16.76 -8.04 11.07
C SER D 309 -17.32 -9.41 10.69
N VAL D 310 -18.58 -9.67 11.02
CA VAL D 310 -19.26 -10.92 10.68
C VAL D 310 -20.51 -10.56 9.89
N ALA D 311 -20.63 -11.14 8.69
CA ALA D 311 -21.75 -10.87 7.80
C ALA D 311 -22.65 -12.09 7.74
N LEU D 312 -23.95 -11.90 7.96
CA LEU D 312 -24.92 -12.98 7.88
C LEU D 312 -25.19 -13.35 6.42
N TYR D 313 -25.36 -14.64 6.17
CA TYR D 313 -25.69 -15.15 4.86
C TYR D 313 -26.84 -16.15 4.98
N SER D 314 -27.81 -16.04 4.09
CA SER D 314 -28.95 -16.95 4.05
C SER D 314 -29.15 -17.41 2.60
N ARG D 315 -28.93 -18.69 2.36
CA ARG D 315 -29.02 -19.27 1.01
C ARG D 315 -28.08 -18.55 0.03
N LYS D 316 -26.88 -18.22 0.52
CA LYS D 316 -25.80 -17.69 -0.30
C LYS D 316 -26.16 -16.34 -0.92
N VAL D 317 -26.64 -15.43 -0.09
CA VAL D 317 -26.84 -14.03 -0.46
C VAL D 317 -26.72 -13.19 0.79
N LEU D 318 -26.10 -12.01 0.65
CA LEU D 318 -25.86 -11.16 1.80
C LEU D 318 -27.16 -10.67 2.40
N ILE D 319 -27.19 -10.58 3.74
CA ILE D 319 -28.36 -10.10 4.45
C ILE D 319 -28.21 -8.65 4.90
N GLN D 320 -26.97 -8.16 5.03
CA GLN D 320 -26.69 -6.74 5.32
C GLN D 320 -27.31 -6.34 6.67
N THR D 321 -26.76 -6.93 7.73
CA THR D 321 -27.29 -6.67 9.07
C THR D 321 -26.79 -5.33 9.58
N LYS D 322 -25.48 -5.24 9.87
CA LYS D 322 -24.77 -4.00 10.14
C LYS D 322 -25.33 -3.20 11.31
N ALA D 323 -26.40 -3.70 11.94
CA ALA D 323 -27.00 -3.01 13.07
C ALA D 323 -27.53 -3.96 14.15
N THR D 324 -27.35 -5.26 14.01
CA THR D 324 -27.93 -6.21 14.96
C THR D 324 -26.90 -6.77 15.94
N ASP D 325 -25.64 -6.89 15.53
CA ASP D 325 -24.56 -7.36 16.39
C ASP D 325 -24.88 -8.76 16.94
N ILE D 326 -24.98 -9.70 16.01
CA ILE D 326 -25.31 -11.08 16.35
C ILE D 326 -24.25 -11.75 17.20
N LEU D 327 -23.06 -11.17 17.27
CA LEU D 327 -21.97 -11.66 18.10
C LEU D 327 -21.70 -10.67 19.22
N PRO D 328 -21.34 -11.15 20.41
CA PRO D 328 -21.14 -10.23 21.54
C PRO D 328 -20.05 -9.21 21.26
N LYS D 329 -20.22 -8.02 21.84
CA LYS D 329 -19.36 -6.89 21.51
C LYS D 329 -17.90 -7.17 21.86
N TRP D 330 -17.65 -8.00 22.87
CA TRP D 330 -16.28 -8.32 23.23
C TRP D 330 -15.63 -9.31 22.28
N LEU D 331 -16.39 -9.87 21.33
CA LEU D 331 -15.86 -10.80 20.34
C LEU D 331 -15.86 -10.17 18.95
N ARG D 332 -15.57 -8.87 18.88
CA ARG D 332 -15.58 -8.14 17.61
C ARG D 332 -14.25 -8.24 16.87
N PHE D 333 -13.26 -8.93 17.41
CA PHE D 333 -11.94 -9.00 16.80
C PHE D 333 -11.78 -10.17 15.84
N ILE D 334 -12.80 -11.02 15.69
CA ILE D 334 -12.72 -12.16 14.78
C ILE D 334 -13.50 -11.83 13.52
N ARG D 335 -13.09 -12.46 12.41
CA ARG D 335 -13.69 -12.23 11.11
C ARG D 335 -14.20 -13.55 10.54
N GLY D 336 -15.37 -13.51 9.92
CA GLY D 336 -15.95 -14.70 9.33
C GLY D 336 -17.37 -14.45 8.88
N VAL D 337 -18.03 -15.53 8.48
CA VAL D 337 -19.40 -15.49 7.99
C VAL D 337 -20.22 -16.53 8.74
N VAL D 338 -21.53 -16.28 8.81
CA VAL D 338 -22.47 -17.19 9.45
C VAL D 338 -23.61 -17.45 8.48
N ASP D 339 -23.93 -18.73 8.27
CA ASP D 339 -25.00 -19.14 7.37
C ASP D 339 -26.02 -19.97 8.15
N SER D 340 -27.29 -19.58 8.08
CA SER D 340 -28.36 -20.29 8.74
C SER D 340 -29.65 -20.04 7.99
N GLU D 341 -30.38 -21.11 7.67
CA GLU D 341 -31.66 -21.00 6.97
C GLU D 341 -32.85 -20.98 7.92
N ASP D 342 -32.63 -21.08 9.23
CA ASP D 342 -33.72 -21.06 10.19
C ASP D 342 -34.12 -19.65 10.62
N ILE D 343 -33.29 -18.65 10.35
CA ILE D 343 -33.62 -17.28 10.76
C ILE D 343 -34.75 -16.75 9.90
N PRO D 344 -35.70 -16.01 10.46
CA PRO D 344 -36.78 -15.42 9.65
C PRO D 344 -36.38 -14.06 9.10
N LEU D 345 -37.00 -13.71 7.98
CA LEU D 345 -36.75 -12.45 7.31
C LEU D 345 -38.07 -11.76 6.99
N ASN D 346 -38.05 -10.43 6.99
CA ASN D 346 -39.24 -9.66 6.70
C ASN D 346 -39.35 -9.41 5.20
N LEU D 347 -40.29 -8.56 4.80
CA LEU D 347 -40.50 -8.29 3.38
C LEU D 347 -39.33 -7.56 2.74
N SER D 348 -38.50 -6.89 3.53
CA SER D 348 -37.36 -6.15 3.02
C SER D 348 -36.09 -6.99 2.96
N ARG D 349 -36.22 -8.31 3.14
CA ARG D 349 -35.08 -9.23 3.15
C ARG D 349 -34.04 -8.82 4.19
N GLU D 350 -34.54 -8.52 5.39
CA GLU D 350 -33.69 -8.19 6.53
C GLU D 350 -34.22 -8.91 7.76
N LEU D 351 -33.44 -8.88 8.83
CA LEU D 351 -33.81 -9.62 10.04
C LEU D 351 -35.07 -9.05 10.66
N LEU D 352 -35.84 -9.93 11.30
CA LEU D 352 -36.90 -9.52 12.21
C LEU D 352 -36.22 -9.14 13.52
N GLN D 353 -36.02 -7.83 13.72
CA GLN D 353 -35.08 -7.37 14.73
C GLN D 353 -35.50 -7.81 16.13
N GLU D 354 -34.50 -8.12 16.96
CA GLU D 354 -34.69 -8.45 18.37
C GLU D 354 -35.58 -9.68 18.54
N SER D 355 -35.55 -10.59 17.57
CA SER D 355 -36.39 -11.79 17.64
C SER D 355 -35.79 -12.80 18.63
N ALA D 356 -36.64 -13.69 19.12
CA ALA D 356 -36.17 -14.69 20.07
C ALA D 356 -35.17 -15.66 19.43
N LEU D 357 -35.41 -16.06 18.18
CA LEU D 357 -34.52 -17.01 17.52
C LEU D 357 -33.13 -16.38 17.31
N ILE D 358 -33.08 -15.09 16.98
CA ILE D 358 -31.78 -14.44 16.76
C ILE D 358 -31.07 -14.10 18.05
N ARG D 359 -31.73 -14.23 19.20
CA ARG D 359 -31.07 -13.99 20.48
C ARG D 359 -30.34 -15.23 20.98
N LYS D 360 -30.98 -16.40 20.89
CA LYS D 360 -30.39 -17.62 21.36
C LYS D 360 -29.23 -18.08 20.49
N LEU D 361 -29.18 -17.63 19.23
CA LEU D 361 -28.05 -17.97 18.37
C LEU D 361 -26.76 -17.35 18.90
N ARG D 362 -26.84 -16.11 19.41
CA ARG D 362 -25.67 -15.46 19.97
C ARG D 362 -25.13 -16.22 21.17
N ASP D 363 -26.02 -16.67 22.06
CA ASP D 363 -25.58 -17.43 23.22
C ASP D 363 -24.94 -18.75 22.82
N VAL D 364 -25.52 -19.43 21.82
CA VAL D 364 -24.94 -20.67 21.32
C VAL D 364 -23.57 -20.41 20.70
N LEU D 365 -23.45 -19.34 19.93
CA LEU D 365 -22.16 -19.02 19.30
C LEU D 365 -21.13 -18.58 20.34
N GLN D 366 -21.56 -17.87 21.39
CA GLN D 366 -20.61 -17.38 22.38
C GLN D 366 -19.99 -18.52 23.19
N GLN D 367 -20.80 -19.49 23.59
CA GLN D 367 -20.27 -20.59 24.39
C GLN D 367 -19.33 -21.48 23.59
N ARG D 368 -19.59 -21.64 22.29
CA ARG D 368 -18.71 -22.46 21.46
C ARG D 368 -17.35 -21.79 21.28
N LEU D 369 -17.34 -20.47 21.10
CA LEU D 369 -16.07 -19.76 20.90
C LEU D 369 -15.21 -19.80 22.15
N ILE D 370 -15.81 -19.64 23.33
CA ILE D 370 -15.05 -19.72 24.58
C ILE D 370 -14.48 -21.11 24.76
N LYS D 371 -15.28 -22.15 24.47
CA LYS D 371 -14.80 -23.52 24.58
C LYS D 371 -13.65 -23.78 23.60
N PHE D 372 -13.74 -23.21 22.40
CA PHE D 372 -12.69 -23.41 21.40
C PHE D 372 -11.35 -22.85 21.89
N PHE D 373 -11.38 -21.65 22.49
CA PHE D 373 -10.15 -21.05 22.99
C PHE D 373 -9.55 -21.85 24.14
N ILE D 374 -10.40 -22.40 25.01
CA ILE D 374 -9.91 -23.22 26.11
C ILE D 374 -9.20 -24.47 25.58
N ASP D 375 -9.79 -25.11 24.57
CA ASP D 375 -9.15 -26.29 23.98
C ASP D 375 -7.83 -25.92 23.32
N GLN D 376 -7.72 -24.71 22.76
CA GLN D 376 -6.46 -24.28 22.17
C GLN D 376 -5.37 -24.14 23.22
N SER D 377 -5.72 -23.67 24.42
CA SER D 377 -4.74 -23.53 25.49
C SER D 377 -4.18 -24.89 25.90
N LYS D 378 -5.04 -25.90 26.02
CA LYS D 378 -4.56 -27.24 26.37
C LYS D 378 -3.68 -27.82 25.26
N LYS D 379 -4.08 -27.62 24.01
CA LYS D 379 -3.29 -28.14 22.90
C LYS D 379 -1.93 -27.48 22.81
N ASP D 380 -1.88 -26.16 22.98
CA ASP D 380 -0.63 -25.41 22.90
C ASP D 380 -0.67 -24.27 23.91
N ALA D 381 0.43 -24.07 24.62
CA ALA D 381 0.55 -23.01 25.61
C ALA D 381 1.41 -21.84 25.14
N GLU D 382 2.49 -22.12 24.42
CA GLU D 382 3.33 -21.02 23.94
C GLU D 382 2.61 -20.18 22.89
N LYS D 383 1.82 -20.83 22.02
CA LYS D 383 1.05 -20.08 21.04
C LYS D 383 -0.06 -19.29 21.71
N TYR D 384 -0.73 -19.86 22.71
CA TYR D 384 -1.79 -19.16 23.41
C TYR D 384 -1.26 -17.98 24.21
N ALA D 385 -0.04 -18.11 24.76
CA ALA D 385 0.54 -17.00 25.51
C ALA D 385 0.74 -15.77 24.63
N LYS D 386 1.20 -15.98 23.39
CA LYS D 386 1.33 -14.87 22.46
C LYS D 386 -0.04 -14.27 22.14
N PHE D 387 -1.05 -15.12 21.95
CA PHE D 387 -2.39 -14.62 21.64
C PHE D 387 -2.99 -13.85 22.81
N PHE D 388 -2.81 -14.36 24.03
CA PHE D 388 -3.35 -13.67 25.20
C PHE D 388 -2.68 -12.32 25.41
N GLU D 389 -1.40 -12.20 25.07
CA GLU D 389 -0.71 -10.92 25.21
C GLU D 389 -1.28 -9.89 24.25
N ASP D 390 -1.69 -10.32 23.05
CA ASP D 390 -2.18 -9.39 22.04
C ASP D 390 -3.64 -9.03 22.26
N TYR D 391 -4.51 -10.04 22.29
CA TYR D 391 -5.95 -9.84 22.37
C TYR D 391 -6.49 -9.98 23.79
N GLY D 392 -5.67 -9.68 24.79
CA GLY D 392 -6.13 -9.76 26.17
C GLY D 392 -7.05 -8.65 26.60
N LEU D 393 -7.06 -7.52 25.87
CA LEU D 393 -7.91 -6.40 26.22
C LEU D 393 -9.38 -6.76 26.09
N PHE D 394 -9.74 -7.49 25.04
CA PHE D 394 -11.15 -7.78 24.77
C PHE D 394 -11.75 -8.67 25.85
N MET D 395 -11.00 -9.65 26.34
CA MET D 395 -11.51 -10.54 27.38
C MET D 395 -11.82 -9.77 28.66
N ARG D 396 -10.95 -8.83 29.03
CA ARG D 396 -11.18 -8.03 30.23
C ARG D 396 -12.42 -7.16 30.06
N GLU D 397 -12.62 -6.59 28.88
CA GLU D 397 -13.80 -5.77 28.63
C GLU D 397 -15.07 -6.61 28.73
N GLY D 398 -15.03 -7.84 28.24
CA GLY D 398 -16.21 -8.69 28.29
C GLY D 398 -16.67 -8.99 29.71
N ILE D 399 -15.70 -9.17 30.62
CA ILE D 399 -16.05 -9.40 32.02
C ILE D 399 -16.72 -8.17 32.62
N VAL D 400 -16.21 -6.99 32.28
CA VAL D 400 -16.77 -5.75 32.83
C VAL D 400 -18.20 -5.55 32.34
N THR D 401 -18.45 -5.80 31.05
CA THR D 401 -19.73 -5.50 30.42
C THR D 401 -20.64 -6.72 30.32
N ALA D 402 -20.59 -7.60 31.31
CA ALA D 402 -21.48 -8.76 31.37
C ALA D 402 -22.40 -8.64 32.57
N THR D 403 -23.43 -9.48 32.59
CA THR D 403 -24.44 -9.45 33.64
C THR D 403 -24.52 -10.74 34.44
N GLU D 404 -24.54 -11.89 33.78
CA GLU D 404 -24.67 -13.17 34.47
C GLU D 404 -23.32 -13.64 34.99
N GLN D 405 -23.32 -14.18 36.21
CA GLN D 405 -22.08 -14.67 36.81
C GLN D 405 -21.52 -15.85 36.02
N GLU D 406 -22.40 -16.70 35.48
CA GLU D 406 -21.94 -17.80 34.64
C GLU D 406 -21.19 -17.29 33.42
N VAL D 407 -21.59 -16.13 32.89
CA VAL D 407 -20.84 -15.52 31.80
C VAL D 407 -19.48 -15.01 32.29
N LYS D 408 -19.46 -14.41 33.48
CA LYS D 408 -18.21 -13.91 34.04
C LYS D 408 -17.22 -15.03 34.26
N GLU D 409 -17.69 -16.15 34.84
CA GLU D 409 -16.79 -17.25 35.16
C GLU D 409 -16.27 -17.95 33.91
N ASP D 410 -17.10 -18.05 32.86
CA ASP D 410 -16.66 -18.69 31.63
C ASP D 410 -15.53 -17.92 30.98
N ILE D 411 -15.63 -16.58 30.93
CA ILE D 411 -14.57 -15.78 30.34
C ILE D 411 -13.33 -15.79 31.22
N ALA D 412 -13.50 -15.88 32.53
CA ALA D 412 -12.37 -15.81 33.46
C ALA D 412 -11.38 -16.94 33.26
N LYS D 413 -11.80 -18.06 32.68
CA LYS D 413 -10.90 -19.17 32.44
C LYS D 413 -9.82 -18.84 31.40
N LEU D 414 -10.05 -17.81 30.59
CA LEU D 414 -9.08 -17.42 29.56
C LEU D 414 -7.99 -16.50 30.09
N LEU D 415 -8.10 -16.02 31.32
CA LEU D 415 -7.11 -15.10 31.87
C LEU D 415 -5.86 -15.86 32.30
N ARG D 416 -4.73 -15.16 32.23
CA ARG D 416 -3.43 -15.75 32.57
C ARG D 416 -2.67 -14.81 33.49
N TYR D 417 -2.08 -15.37 34.54
CA TYR D 417 -1.29 -14.63 35.51
C TYR D 417 -0.08 -15.46 35.90
N GLU D 418 0.84 -14.83 36.63
CA GLU D 418 1.98 -15.53 37.21
C GLU D 418 1.95 -15.33 38.73
N SER D 419 2.44 -16.33 39.45
CA SER D 419 2.37 -16.36 40.90
C SER D 419 3.76 -16.39 41.50
N SER D 420 3.82 -16.15 42.82
CA SER D 420 5.07 -16.14 43.54
C SER D 420 5.60 -17.54 43.84
N ALA D 421 4.75 -18.56 43.75
CA ALA D 421 5.15 -19.93 44.03
C ALA D 421 5.76 -20.64 42.83
N LEU D 422 5.88 -19.95 41.70
CA LEU D 422 6.43 -20.51 40.47
C LEU D 422 7.54 -19.61 39.95
N PRO D 423 8.45 -20.15 39.15
CA PRO D 423 9.55 -19.34 38.62
C PRO D 423 9.03 -18.24 37.70
N SER D 424 9.86 -17.21 37.56
CA SER D 424 9.49 -16.04 36.77
C SER D 424 9.33 -16.40 35.29
N GLY D 425 8.46 -15.66 34.62
CA GLY D 425 8.21 -15.85 33.21
C GLY D 425 7.26 -16.97 32.85
N GLN D 426 6.67 -17.64 33.84
CA GLN D 426 5.75 -18.74 33.60
C GLN D 426 4.34 -18.31 34.00
N LEU D 427 3.40 -18.44 33.08
CA LEU D 427 2.02 -18.02 33.30
C LEU D 427 1.20 -19.16 33.87
N THR D 428 0.27 -18.83 34.76
CA THR D 428 -0.62 -19.80 35.39
C THR D 428 -2.06 -19.36 35.20
N SER D 429 -2.94 -20.33 34.98
CA SER D 429 -4.36 -20.06 34.85
C SER D 429 -5.01 -20.00 36.24
N LEU D 430 -6.23 -19.43 36.27
CA LEU D 430 -6.97 -19.38 37.53
C LEU D 430 -7.34 -20.78 38.01
N SER D 431 -7.74 -21.65 37.09
CA SER D 431 -8.07 -23.03 37.46
C SER D 431 -6.85 -23.77 37.98
N GLU D 432 -5.69 -23.57 37.34
CA GLU D 432 -4.46 -24.21 37.82
C GLU D 432 -4.09 -23.69 39.20
N TYR D 433 -4.29 -22.40 39.45
CA TYR D 433 -4.10 -21.86 40.79
C TYR D 433 -5.14 -22.41 41.76
N ALA D 434 -6.34 -22.68 41.28
CA ALA D 434 -7.46 -23.12 42.12
C ALA D 434 -7.39 -24.60 42.46
N SER D 435 -6.23 -25.24 42.29
CA SER D 435 -6.09 -26.66 42.59
C SER D 435 -5.02 -26.95 43.65
N ARG D 436 -4.41 -25.93 44.24
CA ARG D 436 -3.31 -26.15 45.18
C ARG D 436 -3.43 -25.22 46.39
N MET D 437 -4.63 -25.14 46.95
CA MET D 437 -4.81 -24.42 48.21
C MET D 437 -4.64 -25.39 49.38
N ARG D 438 -4.98 -24.94 50.58
CA ARG D 438 -4.98 -25.79 51.76
C ARG D 438 -6.29 -26.54 51.85
N ALA D 439 -6.55 -27.17 53.00
CA ALA D 439 -7.74 -28.00 53.14
C ALA D 439 -9.01 -27.15 53.10
N GLY D 440 -9.06 -26.08 53.90
CA GLY D 440 -10.29 -25.32 54.03
C GLY D 440 -10.17 -23.82 53.90
N THR D 441 -9.31 -23.35 53.00
CA THR D 441 -9.14 -21.93 52.75
C THR D 441 -9.82 -21.55 51.44
N ARG D 442 -10.93 -20.82 51.55
CA ARG D 442 -11.67 -20.34 50.38
C ARG D 442 -11.31 -18.89 50.06
N ASN D 443 -10.01 -18.65 49.84
CA ASN D 443 -9.49 -17.32 49.57
C ASN D 443 -8.57 -17.35 48.37
N ILE D 444 -8.62 -16.28 47.57
CA ILE D 444 -7.71 -16.08 46.45
C ILE D 444 -7.05 -14.72 46.62
N TYR D 445 -5.72 -14.69 46.55
CA TYR D 445 -4.94 -13.49 46.78
C TYR D 445 -4.29 -13.02 45.49
N TYR D 446 -4.40 -11.73 45.20
CA TYR D 446 -3.80 -11.14 44.01
C TYR D 446 -3.19 -9.79 44.38
N LEU D 447 -2.14 -9.41 43.66
CA LEU D 447 -1.43 -8.16 43.90
C LEU D 447 -1.16 -7.47 42.57
N CYS D 448 -1.31 -6.15 42.57
CA CYS D 448 -1.08 -5.33 41.37
C CYS D 448 0.28 -4.65 41.47
N ALA D 449 1.05 -4.75 40.38
CA ALA D 449 2.37 -4.13 40.32
C ALA D 449 2.76 -4.00 38.86
N PRO D 450 3.57 -3.00 38.50
CA PRO D 450 4.00 -2.89 37.09
C PRO D 450 4.92 -4.01 36.67
N ASN D 451 5.89 -4.37 37.50
CA ASN D 451 6.83 -5.43 37.20
C ASN D 451 7.02 -6.30 38.44
N ARG D 452 7.49 -7.52 38.22
CA ARG D 452 7.76 -8.42 39.34
C ARG D 452 8.88 -7.89 40.22
N HIS D 453 9.78 -7.09 39.65
CA HIS D 453 10.83 -6.46 40.45
C HIS D 453 10.23 -5.56 41.52
N LEU D 454 9.22 -4.78 41.17
CA LEU D 454 8.51 -3.96 42.15
C LEU D 454 7.47 -4.76 42.92
N ALA D 455 7.05 -5.92 42.41
CA ALA D 455 6.05 -6.72 43.10
C ALA D 455 6.63 -7.36 44.35
N GLU D 456 7.81 -7.97 44.25
CA GLU D 456 8.43 -8.59 45.42
C GLU D 456 9.00 -7.54 46.37
N HIS D 457 9.47 -6.41 45.83
CA HIS D 457 10.00 -5.33 46.66
C HIS D 457 8.91 -4.42 47.20
N SER D 458 7.65 -4.65 46.82
CA SER D 458 6.57 -3.82 47.32
C SER D 458 6.42 -4.01 48.83
N PRO D 459 6.21 -2.93 49.59
CA PRO D 459 6.02 -3.08 51.04
C PRO D 459 4.81 -3.93 51.40
N TYR D 460 3.76 -3.91 50.58
CA TYR D 460 2.57 -4.70 50.88
C TYR D 460 2.88 -6.19 50.88
N TYR D 461 3.67 -6.65 49.90
CA TYR D 461 4.05 -8.06 49.85
C TYR D 461 4.94 -8.43 51.03
N GLU D 462 5.86 -7.54 51.41
CA GLU D 462 6.77 -7.86 52.50
C GLU D 462 6.04 -8.07 53.82
N ALA D 463 4.91 -7.39 54.02
CA ALA D 463 4.12 -7.62 55.22
C ALA D 463 3.40 -8.96 55.18
N MET D 464 3.15 -9.49 53.99
CA MET D 464 2.43 -10.75 53.83
C MET D 464 3.35 -11.95 53.71
N LYS D 465 4.66 -11.77 53.89
CA LYS D 465 5.58 -12.91 53.91
C LYS D 465 5.38 -13.78 55.14
N LYS D 466 4.62 -13.31 56.13
CA LYS D 466 4.41 -14.09 57.36
C LYS D 466 3.59 -15.35 57.13
N LYS D 467 2.91 -15.46 55.99
CA LYS D 467 2.06 -16.60 55.70
C LYS D 467 2.60 -17.36 54.49
N ASP D 468 2.36 -18.67 54.49
CA ASP D 468 2.77 -19.56 53.40
C ASP D 468 1.57 -19.76 52.48
N THR D 469 1.42 -18.87 51.50
CA THR D 469 0.32 -18.93 50.56
C THR D 469 0.79 -18.42 49.21
N GLU D 470 0.01 -18.73 48.17
CA GLU D 470 0.33 -18.37 46.79
C GLU D 470 -0.53 -17.19 46.38
N VAL D 471 0.10 -16.17 45.81
CA VAL D 471 -0.57 -14.93 45.42
C VAL D 471 -0.27 -14.65 43.95
N LEU D 472 -1.29 -14.27 43.20
CA LEU D 472 -1.14 -13.95 41.79
C LEU D 472 -0.55 -12.55 41.62
N PHE D 473 0.20 -12.38 40.54
CA PHE D 473 0.83 -11.10 40.21
C PHE D 473 0.28 -10.65 38.85
N CYS D 474 -0.60 -9.66 38.86
CA CYS D 474 -1.16 -9.09 37.64
C CYS D 474 -0.45 -7.79 37.32
N PHE D 475 0.02 -7.66 36.08
CA PHE D 475 0.88 -6.56 35.67
C PHE D 475 0.18 -5.52 34.81
N GLU D 476 -0.51 -5.95 33.74
CA GLU D 476 -1.13 -5.01 32.83
C GLU D 476 -2.26 -4.26 33.52
N GLN D 477 -2.58 -3.08 32.97
CA GLN D 477 -3.60 -2.23 33.57
C GLN D 477 -4.98 -2.87 33.43
N PHE D 478 -5.94 -2.29 34.14
CA PHE D 478 -7.33 -2.75 34.25
C PHE D 478 -7.44 -4.10 34.94
N ASP D 479 -6.34 -4.68 35.44
CA ASP D 479 -6.42 -5.94 36.15
C ASP D 479 -7.14 -5.78 37.47
N GLU D 480 -6.86 -4.71 38.22
CA GLU D 480 -7.58 -4.46 39.46
C GLU D 480 -9.06 -4.26 39.20
N LEU D 481 -9.40 -3.52 38.14
CA LEU D 481 -10.80 -3.29 37.80
C LEU D 481 -11.49 -4.59 37.42
N THR D 482 -10.79 -5.46 36.68
CA THR D 482 -11.38 -6.72 36.25
C THR D 482 -11.63 -7.65 37.43
N LEU D 483 -10.66 -7.77 38.33
CA LEU D 483 -10.81 -8.70 39.46
C LEU D 483 -11.95 -8.29 40.39
N LEU D 484 -12.08 -6.99 40.67
CA LEU D 484 -13.17 -6.55 41.54
C LEU D 484 -14.53 -6.71 40.88
N HIS D 485 -14.58 -6.75 39.54
CA HIS D 485 -15.85 -6.97 38.87
C HIS D 485 -16.22 -8.44 38.81
N LEU D 486 -15.22 -9.33 38.73
CA LEU D 486 -15.51 -10.77 38.75
C LEU D 486 -16.13 -11.17 40.07
N ARG D 487 -15.47 -10.83 41.18
CA ARG D 487 -16.04 -10.88 42.52
C ARG D 487 -16.31 -12.30 43.00
N GLU D 488 -16.12 -13.29 42.13
CA GLU D 488 -16.38 -14.69 42.49
C GLU D 488 -15.83 -15.59 41.40
N PHE D 489 -15.20 -16.69 41.82
CA PHE D 489 -14.72 -17.70 40.89
C PHE D 489 -14.76 -19.04 41.61
N ASP D 490 -15.63 -19.95 41.14
CA ASP D 490 -15.81 -21.26 41.77
C ASP D 490 -16.16 -21.12 43.25
N LYS D 491 -17.06 -20.19 43.56
CA LYS D 491 -17.54 -19.92 44.91
C LYS D 491 -16.42 -19.46 45.85
N LYS D 492 -15.33 -18.95 45.29
CA LYS D 492 -14.20 -18.47 46.07
C LYS D 492 -14.13 -16.95 46.01
N LYS D 493 -13.86 -16.33 47.15
CA LYS D 493 -13.79 -14.88 47.22
C LYS D 493 -12.42 -14.38 46.78
N LEU D 494 -12.42 -13.30 46.00
CA LEU D 494 -11.19 -12.68 45.53
C LEU D 494 -10.83 -11.54 46.47
N ILE D 495 -9.68 -11.65 47.14
CA ILE D 495 -9.22 -10.66 48.10
C ILE D 495 -7.84 -10.17 47.67
N SER D 496 -7.68 -8.85 47.59
CA SER D 496 -6.39 -8.26 47.26
C SER D 496 -5.47 -8.30 48.47
N VAL D 497 -4.17 -8.17 48.19
CA VAL D 497 -3.17 -8.18 49.26
C VAL D 497 -3.37 -6.98 50.19
N GLU D 498 -3.63 -5.81 49.61
CA GLU D 498 -3.83 -4.61 50.43
C GLU D 498 -5.05 -4.75 51.34
N THR D 499 -6.12 -5.37 50.83
CA THR D 499 -7.29 -5.60 51.66
C THR D 499 -6.98 -6.54 52.83
N ASP D 500 -6.17 -7.58 52.57
CA ASP D 500 -5.85 -8.54 53.62
C ASP D 500 -5.08 -7.90 54.76
N ILE D 501 -4.15 -7.00 54.45
CA ILE D 501 -3.32 -6.38 55.48
C ILE D 501 -4.18 -5.56 56.43
N VAL D 502 -5.14 -4.81 55.89
CA VAL D 502 -6.00 -3.99 56.74
C VAL D 502 -6.97 -4.87 57.53
N VAL D 503 -7.51 -5.91 56.89
CA VAL D 503 -8.65 -6.62 57.47
C VAL D 503 -8.25 -7.65 58.53
N ASP D 504 -6.97 -8.03 58.60
CA ASP D 504 -6.57 -9.06 59.55
C ASP D 504 -6.80 -8.61 60.99
N HIS D 505 -7.16 -9.56 61.84
CA HIS D 505 -7.47 -9.26 63.23
C HIS D 505 -7.27 -10.50 64.11
N CYS D 520 17.99 -0.64 66.15
CA CYS D 520 16.58 -0.26 66.23
C CYS D 520 16.41 1.02 67.05
N LEU D 521 15.15 1.38 67.29
CA LEU D 521 14.81 2.54 68.10
C LEU D 521 14.11 2.10 69.38
N SER D 522 14.47 2.72 70.49
CA SER D 522 13.85 2.41 71.77
C SER D 522 12.41 2.90 71.80
N GLU D 523 11.63 2.34 72.73
CA GLU D 523 10.25 2.75 72.89
C GLU D 523 10.15 4.21 73.30
N LYS D 524 11.05 4.65 74.19
CA LYS D 524 11.08 6.07 74.57
C LYS D 524 11.41 6.95 73.38
N GLU D 525 12.39 6.53 72.56
CA GLU D 525 12.80 7.31 71.40
C GLU D 525 11.76 7.30 70.28
N THR D 526 10.76 6.42 70.35
CA THR D 526 9.72 6.36 69.34
C THR D 526 8.49 7.17 69.74
N GLU D 527 8.12 7.13 71.03
CA GLU D 527 6.94 7.88 71.48
C GLU D 527 7.13 9.38 71.37
N GLU D 528 8.36 9.87 71.59
CA GLU D 528 8.63 11.30 71.40
C GLU D 528 8.63 11.69 69.93
N LEU D 529 8.96 10.76 69.04
CA LEU D 529 8.98 11.04 67.61
C LEU D 529 7.58 11.04 67.01
N MET D 530 6.68 10.24 67.58
CA MET D 530 5.40 9.96 66.94
C MET D 530 4.50 11.20 66.89
N ALA D 531 4.57 12.07 67.89
CA ALA D 531 3.66 13.21 67.96
C ALA D 531 3.94 14.25 66.88
N TRP D 532 5.12 14.24 66.27
CA TRP D 532 5.48 15.25 65.29
C TRP D 532 4.56 15.21 64.08
N MET D 533 4.53 14.07 63.37
CA MET D 533 3.76 13.96 62.14
C MET D 533 2.25 13.99 62.40
N ARG D 534 1.82 13.86 63.65
CA ARG D 534 0.40 14.05 63.95
C ARG D 534 -0.01 15.51 63.81
N ASN D 535 0.95 16.43 63.95
CA ASN D 535 0.69 17.86 63.86
C ASN D 535 1.14 18.44 62.53
N VAL D 536 2.40 18.23 62.15
CA VAL D 536 2.92 18.80 60.92
C VAL D 536 2.25 18.18 59.70
N LEU D 537 1.80 16.93 59.81
CA LEU D 537 1.01 16.27 58.76
C LEU D 537 -0.41 16.01 59.24
N GLY D 538 -0.99 16.96 59.96
CA GLY D 538 -2.35 16.80 60.45
C GLY D 538 -3.42 16.96 59.39
N SER D 539 -3.05 17.44 58.20
CA SER D 539 -4.00 17.66 57.11
C SER D 539 -4.04 16.50 56.13
N ARG D 540 -2.87 16.08 55.63
CA ARG D 540 -2.80 15.03 54.63
C ARG D 540 -2.72 13.62 55.23
N VAL D 541 -2.58 13.51 56.54
CA VAL D 541 -2.48 12.21 57.22
C VAL D 541 -3.49 12.17 58.34
N THR D 542 -4.24 11.07 58.42
CA THR D 542 -5.24 10.89 59.46
C THR D 542 -4.91 9.79 60.46
N ASN D 543 -3.81 9.06 60.25
CA ASN D 543 -3.45 7.96 61.13
C ASN D 543 -1.99 7.58 60.90
N VAL D 544 -1.22 7.52 61.99
CA VAL D 544 0.15 7.05 61.96
C VAL D 544 0.31 5.97 63.02
N LYS D 545 0.79 4.79 62.61
CA LYS D 545 1.06 3.72 63.55
C LYS D 545 2.46 3.16 63.33
N VAL D 546 2.85 2.15 64.11
CA VAL D 546 4.17 1.56 64.05
C VAL D 546 4.02 0.09 63.64
N THR D 547 4.89 -0.36 62.75
CA THR D 547 4.83 -1.70 62.20
C THR D 547 6.23 -2.25 61.98
N LEU D 548 6.49 -3.43 62.53
CA LEU D 548 7.79 -4.08 62.40
C LEU D 548 7.89 -4.94 61.14
N ARG D 549 6.79 -5.13 60.42
CA ARG D 549 6.72 -6.00 59.25
C ARG D 549 7.50 -5.45 58.05
N LEU D 550 8.23 -4.35 58.18
CA LEU D 550 8.98 -3.76 57.07
C LEU D 550 10.47 -3.98 57.30
N ASP D 551 11.18 -4.29 56.21
CA ASP D 551 12.61 -4.55 56.31
C ASP D 551 13.41 -3.72 55.31
N THR D 552 12.81 -3.42 54.15
CA THR D 552 13.48 -2.67 53.11
C THR D 552 12.77 -1.39 52.72
N HIS D 553 11.66 -1.04 53.37
CA HIS D 553 10.94 0.17 53.05
C HIS D 553 10.78 1.04 54.29
N PRO D 554 10.94 2.36 54.16
CA PRO D 554 10.87 3.22 55.35
C PRO D 554 9.47 3.42 55.88
N ALA D 555 8.45 3.45 55.03
CA ALA D 555 7.10 3.75 55.47
C ALA D 555 6.08 2.95 54.67
N MET D 556 4.90 2.79 55.27
CA MET D 556 3.78 2.08 54.66
C MET D 556 2.53 2.94 54.76
N VAL D 557 1.72 2.95 53.70
CA VAL D 557 0.44 3.64 53.67
C VAL D 557 -0.65 2.62 53.42
N THR D 558 -1.65 2.59 54.31
CA THR D 558 -2.75 1.65 54.24
C THR D 558 -4.07 2.40 54.11
N VAL D 559 -4.95 1.91 53.25
CA VAL D 559 -6.27 2.47 53.04
C VAL D 559 -7.29 1.34 53.03
N LEU D 560 -8.48 1.63 53.56
CA LEU D 560 -9.51 0.59 53.68
C LEU D 560 -9.90 0.05 52.31
N GLU D 561 -10.44 0.90 51.45
CA GLU D 561 -10.88 0.49 50.10
C GLU D 561 -9.77 0.84 49.11
N MET D 562 -8.75 -0.01 49.07
CA MET D 562 -7.63 0.21 48.15
C MET D 562 -8.08 0.12 46.70
N GLY D 563 -8.91 -0.87 46.38
CA GLY D 563 -9.35 -1.06 45.01
C GLY D 563 -10.19 0.10 44.51
N ALA D 564 -11.13 0.57 45.33
CA ALA D 564 -11.96 1.70 44.93
C ALA D 564 -11.14 2.97 44.81
N ALA D 565 -10.23 3.21 45.75
CA ALA D 565 -9.42 4.44 45.72
C ALA D 565 -8.48 4.47 44.53
N ARG D 566 -7.97 3.32 44.10
CA ARG D 566 -7.04 3.29 42.98
C ARG D 566 -7.72 3.62 41.67
N HIS D 567 -9.02 3.35 41.55
CA HIS D 567 -9.73 3.60 40.31
C HIS D 567 -10.61 4.84 40.34
N PHE D 568 -11.15 5.20 41.51
CA PHE D 568 -11.90 6.45 41.61
C PHE D 568 -11.00 7.66 41.42
N LEU D 569 -9.71 7.53 41.75
CA LEU D 569 -8.77 8.61 41.53
C LEU D 569 -8.60 8.90 40.04
N ARG D 570 -8.60 7.85 39.21
CA ARG D 570 -8.41 8.05 37.78
C ARG D 570 -9.65 8.68 37.14
N MET D 571 -10.84 8.38 37.67
CA MET D 571 -12.05 9.02 37.15
C MET D 571 -12.05 10.52 37.42
N GLN D 572 -11.52 10.94 38.56
CA GLN D 572 -11.54 12.34 38.94
C GLN D 572 -10.30 13.07 38.43
N THR D 577 -6.06 20.84 46.18
CA THR D 577 -6.17 19.61 45.42
C THR D 577 -5.66 18.42 46.21
N GLN D 578 -4.41 18.52 46.68
CA GLN D 578 -3.82 17.43 47.45
C GLN D 578 -4.56 17.22 48.76
N GLU D 579 -4.98 18.31 49.41
CA GLU D 579 -5.77 18.18 50.64
C GLU D 579 -7.09 17.48 50.37
N GLU D 580 -7.74 17.80 49.26
CA GLU D 580 -8.96 17.09 48.87
C GLU D 580 -8.66 15.63 48.56
N ARG D 581 -7.54 15.37 47.89
CA ARG D 581 -7.17 14.00 47.55
C ARG D 581 -6.88 13.16 48.79
N ALA D 582 -6.57 13.79 49.92
CA ALA D 582 -6.29 13.08 51.16
C ALA D 582 -7.42 13.14 52.18
N GLN D 583 -8.37 14.07 52.02
CA GLN D 583 -9.47 14.18 52.97
C GLN D 583 -10.35 12.94 52.94
N LEU D 584 -10.75 12.50 51.75
CA LEU D 584 -11.62 11.34 51.60
C LEU D 584 -10.84 10.04 51.46
N LEU D 585 -9.51 10.10 51.49
CA LEU D 585 -8.69 8.90 51.34
C LEU D 585 -8.36 8.23 52.66
N GLN D 586 -8.34 9.01 53.76
CA GLN D 586 -7.91 8.55 55.08
C GLN D 586 -6.55 7.86 54.98
N PRO D 587 -5.48 8.59 54.67
CA PRO D 587 -4.16 7.96 54.44
C PRO D 587 -3.46 7.55 55.74
N THR D 588 -3.82 6.36 56.23
CA THR D 588 -3.13 5.79 57.38
C THR D 588 -1.67 5.53 57.03
N LEU D 589 -0.77 5.92 57.93
CA LEU D 589 0.66 5.84 57.69
C LEU D 589 1.30 4.88 58.68
N GLU D 590 2.33 4.17 58.22
CA GLU D 590 3.09 3.25 59.05
C GLU D 590 4.57 3.60 58.95
N ILE D 591 5.33 3.24 59.98
CA ILE D 591 6.75 3.55 60.03
C ILE D 591 7.53 2.26 60.29
N ASN D 592 8.81 2.30 59.92
CA ASN D 592 9.73 1.17 60.10
C ASN D 592 10.82 1.57 61.08
N PRO D 593 10.70 1.22 62.36
CA PRO D 593 11.74 1.61 63.33
C PRO D 593 13.11 1.05 63.01
N ARG D 594 13.19 -0.12 62.39
CA ARG D 594 14.48 -0.72 62.08
C ARG D 594 15.21 -0.02 60.95
N HIS D 595 14.49 0.71 60.09
CA HIS D 595 15.11 1.34 58.94
C HIS D 595 16.06 2.46 59.37
N ALA D 596 17.13 2.63 58.61
CA ALA D 596 18.13 3.65 58.94
C ALA D 596 17.60 5.06 58.74
N LEU D 597 16.62 5.24 57.84
CA LEU D 597 16.07 6.57 57.59
C LEU D 597 15.42 7.13 58.84
N ILE D 598 14.65 6.30 59.55
CA ILE D 598 14.09 6.72 60.83
C ILE D 598 15.18 6.88 61.88
N LYS D 599 16.19 6.00 61.84
CA LYS D 599 17.31 6.11 62.77
C LYS D 599 18.07 7.41 62.56
N LYS D 600 18.30 7.79 61.30
CA LYS D 600 19.03 9.02 61.01
C LYS D 600 18.22 10.27 61.32
N LEU D 601 16.89 10.17 61.29
CA LEU D 601 16.05 11.33 61.58
C LEU D 601 16.05 11.69 63.06
N ASN D 602 16.54 10.81 63.94
CA ASN D 602 16.54 11.08 65.37
C ASN D 602 17.43 12.27 65.71
N GLN D 603 18.69 12.23 65.26
CA GLN D 603 19.60 13.35 65.53
C GLN D 603 19.24 14.60 64.73
N LEU D 604 18.36 14.47 63.75
CA LEU D 604 17.91 15.64 62.99
C LEU D 604 17.15 16.64 63.86
N ARG D 605 16.69 16.21 65.04
CA ARG D 605 16.11 17.14 66.00
C ARG D 605 17.14 18.14 66.50
N ALA D 606 18.30 17.64 66.96
CA ALA D 606 19.26 18.50 67.64
C ALA D 606 20.02 19.41 66.68
N SER D 607 20.45 18.88 65.54
CA SER D 607 21.36 19.63 64.68
C SER D 607 20.61 20.65 63.83
N GLU D 608 19.74 20.20 62.95
CA GLU D 608 19.07 21.07 61.97
C GLU D 608 17.58 20.76 61.94
N PRO D 609 16.80 21.33 62.85
CA PRO D 609 15.34 21.13 62.82
C PRO D 609 14.67 21.68 61.59
N GLY D 610 15.30 22.63 60.88
CA GLY D 610 14.69 23.16 59.68
C GLY D 610 14.54 22.13 58.58
N LEU D 611 15.55 21.28 58.42
CA LEU D 611 15.49 20.22 57.40
C LEU D 611 14.51 19.12 57.78
N ALA D 612 14.12 19.05 59.06
CA ALA D 612 13.25 17.97 59.50
C ALA D 612 11.89 18.02 58.81
N GLN D 613 11.33 19.22 58.65
CA GLN D 613 10.02 19.34 58.03
C GLN D 613 10.06 18.91 56.56
N LEU D 614 11.13 19.24 55.86
CA LEU D 614 11.26 18.85 54.47
C LEU D 614 11.38 17.34 54.32
N LEU D 615 12.14 16.68 55.19
CA LEU D 615 12.37 15.25 55.06
C LEU D 615 11.09 14.46 55.31
N VAL D 616 10.34 14.80 56.36
CA VAL D 616 9.12 14.06 56.68
C VAL D 616 8.07 14.24 55.59
N ASP D 617 8.05 15.39 54.93
CA ASP D 617 7.14 15.59 53.80
C ASP D 617 7.52 14.69 52.64
N GLN D 618 8.82 14.52 52.39
CA GLN D 618 9.26 13.68 51.28
C GLN D 618 8.99 12.20 51.57
N ILE D 619 9.13 11.79 52.84
CA ILE D 619 8.84 10.40 53.21
C ILE D 619 7.37 10.09 52.97
N TYR D 620 6.48 11.02 53.33
CA TYR D 620 5.05 10.83 53.05
C TYR D 620 4.79 10.73 51.56
N GLU D 621 5.43 11.59 50.77
CA GLU D 621 5.25 11.53 49.31
C GLU D 621 5.85 10.26 48.74
N ASN D 622 6.99 9.81 49.29
CA ASN D 622 7.58 8.56 48.84
C ASN D 622 6.65 7.38 49.10
N ALA D 623 6.01 7.37 50.27
CA ALA D 623 5.09 6.28 50.59
C ALA D 623 3.84 6.35 49.72
N MET D 624 3.36 7.57 49.41
CA MET D 624 2.19 7.72 48.57
C MET D 624 2.43 7.16 47.18
N ILE D 625 3.59 7.46 46.59
CA ILE D 625 3.92 6.92 45.27
C ILE D 625 4.09 5.41 45.34
N ALA D 626 4.74 4.92 46.40
CA ALA D 626 4.91 3.48 46.57
C ALA D 626 3.57 2.78 46.75
N ALA D 627 2.57 3.49 47.28
CA ALA D 627 1.23 2.94 47.45
C ALA D 627 0.35 3.11 46.22
N GLY D 628 0.83 3.82 45.21
CA GLY D 628 0.05 4.00 43.99
C GLY D 628 -1.13 4.94 44.13
N LEU D 629 -1.12 5.82 45.13
CA LEU D 629 -2.20 6.76 45.35
C LEU D 629 -1.86 8.17 44.87
N VAL D 630 -0.99 8.28 43.86
CA VAL D 630 -0.59 9.55 43.29
C VAL D 630 -0.91 9.53 41.80
N ASP D 631 -1.75 10.46 41.35
CA ASP D 631 -2.09 10.52 39.94
C ASP D 631 -0.93 11.02 39.09
N ASP D 632 -0.22 12.04 39.56
CA ASP D 632 0.89 12.60 38.82
C ASP D 632 1.89 13.21 39.79
N PRO D 633 3.18 12.92 39.64
CA PRO D 633 4.19 13.40 40.59
C PRO D 633 4.81 14.75 40.28
N ARG D 634 4.24 15.53 39.36
CA ARG D 634 4.84 16.81 38.99
C ARG D 634 4.82 17.81 40.14
N ALA D 635 3.81 17.74 41.00
CA ALA D 635 3.68 18.72 42.09
C ALA D 635 4.84 18.62 43.08
N MET D 636 5.28 17.40 43.39
CA MET D 636 6.29 17.18 44.42
C MET D 636 7.72 17.39 43.91
N VAL D 637 7.90 17.70 42.63
CA VAL D 637 9.25 17.88 42.11
C VAL D 637 9.90 19.12 42.72
N GLY D 638 9.12 20.17 42.95
CA GLY D 638 9.68 21.40 43.49
C GLY D 638 10.26 21.22 44.88
N ARG D 639 9.57 20.45 45.73
CA ARG D 639 10.06 20.25 47.09
C ARG D 639 11.28 19.32 47.11
N LEU D 640 11.35 18.36 46.19
CA LEU D 640 12.49 17.45 46.16
C LEU D 640 13.78 18.18 45.83
N ASN D 641 13.72 19.12 44.88
CA ASN D 641 14.90 19.90 44.53
C ASN D 641 15.35 20.78 45.69
N GLU D 642 14.39 21.33 46.43
CA GLU D 642 14.74 22.20 47.57
C GLU D 642 15.51 21.43 48.63
N LEU D 643 15.09 20.19 48.92
CA LEU D 643 15.76 19.40 49.95
C LEU D 643 17.18 19.02 49.53
N LEU D 644 17.35 18.61 48.28
CA LEU D 644 18.63 18.07 47.85
C LEU D 644 19.72 19.15 47.80
N VAL D 645 19.40 20.31 47.23
CA VAL D 645 20.39 21.37 47.06
C VAL D 645 20.85 21.98 48.38
N LYS D 646 20.17 21.65 49.48
CA LYS D 646 20.49 22.25 50.78
C LYS D 646 20.97 21.24 51.81
N ALA D 647 20.67 19.94 51.65
CA ALA D 647 21.05 18.94 52.62
C ALA D 647 22.45 18.38 52.39
N LEU D 648 22.83 18.17 51.13
CA LEU D 648 24.12 17.55 50.79
C LEU D 648 25.22 18.56 50.51
N GLU D 649 25.13 19.76 51.08
CA GLU D 649 26.11 20.81 50.83
C GLU D 649 27.44 20.57 51.53
N ARG D 650 27.54 19.55 52.38
CA ARG D 650 28.77 19.30 53.13
C ARG D 650 29.75 18.40 52.39
N HIS D 651 29.44 17.99 51.16
CA HIS D 651 30.35 17.16 50.39
C HIS D 651 31.60 17.93 49.98
PG ANP E . 15.90 -33.93 -19.79
O1G ANP E . 15.34 -32.66 -20.35
O2G ANP E . 17.47 -33.89 -19.89
O3G ANP E . 15.47 -34.07 -18.28
PB ANP E . 14.80 -36.46 -19.65
O1B ANP E . 14.21 -35.86 -18.41
O2B ANP E . 13.72 -37.32 -20.36
N3B ANP E . 15.31 -35.24 -20.68
PA ANP E . 16.29 -37.76 -17.78
O1A ANP E . 17.71 -37.58 -17.42
O2A ANP E . 15.33 -36.94 -16.91
O3A ANP E . 16.02 -37.36 -19.28
O5' ANP E . 15.95 -39.30 -17.71
C5' ANP E . 15.77 -40.05 -18.93
C4' ANP E . 15.01 -41.31 -18.63
O4' ANP E . 14.83 -41.46 -17.20
C3' ANP E . 13.60 -41.38 -19.25
O3' ANP E . 13.38 -42.63 -19.89
C2' ANP E . 12.68 -41.18 -18.04
O2' ANP E . 11.44 -41.87 -18.21
C1' ANP E . 13.50 -41.81 -16.93
N9 ANP E . 13.16 -41.34 -15.59
C8 ANP E . 13.87 -40.44 -14.83
N7 ANP E . 13.32 -40.19 -13.65
C5 ANP E . 12.18 -40.97 -13.65
C6 ANP E . 11.16 -41.17 -12.70
N6 ANP E . 11.13 -40.55 -11.52
N1 ANP E . 10.15 -42.02 -13.02
C2 ANP E . 10.18 -42.63 -14.20
N3 ANP E . 11.08 -42.53 -15.18
C4 ANP E . 12.06 -41.68 -14.84
MG MG F . 13.72 -34.19 -17.19
K K G . 19.47 -41.03 -19.42
PG ANP H . 37.59 -28.85 -27.73
O1G ANP H . 37.95 -27.56 -27.05
O2G ANP H . 36.11 -29.23 -27.37
O3G ANP H . 37.72 -28.67 -29.30
PB ANP H . 39.67 -30.51 -28.47
O1B ANP H . 39.84 -29.35 -29.40
O2B ANP H . 41.05 -30.91 -27.88
N3B ANP H . 38.63 -30.07 -27.22
PA ANP H . 38.41 -31.52 -30.67
O1A ANP H . 36.97 -31.87 -30.65
O2A ANP H . 38.69 -30.07 -31.09
O3A ANP H . 39.08 -31.72 -29.24
O5' ANP H . 39.17 -32.54 -31.62
C5' ANP H . 39.37 -33.91 -31.22
C4' ANP H . 40.86 -34.17 -31.16
O4' ANP H . 41.35 -34.53 -32.47
C3' ANP H . 41.71 -32.98 -30.73
O3' ANP H . 41.82 -32.91 -29.31
C2' ANP H . 43.05 -33.30 -31.38
O2' ANP H . 43.83 -34.19 -30.61
C1' ANP H . 42.63 -33.97 -32.69
N9 ANP H . 42.53 -33.06 -33.83
C8 ANP H . 41.43 -32.39 -34.26
N7 ANP H . 41.63 -31.63 -35.32
C5 ANP H . 42.98 -31.83 -35.60
C6 ANP H . 43.82 -31.31 -36.60
N6 ANP H . 43.42 -30.45 -37.55
N1 ANP H . 45.11 -31.71 -36.60
C2 ANP H . 45.52 -32.57 -35.66
N3 ANP H . 44.82 -33.12 -34.66
C4 ANP H . 43.55 -32.71 -34.69
MG MG I . 38.96 -27.89 -30.66
K K J . 36.47 -35.66 -31.05
PG ANP K . -52.27 3.04 8.06
O1G ANP K . -51.26 4.06 8.52
O2G ANP K . -51.50 1.79 7.48
O3G ANP K . -53.15 2.59 9.29
PB ANP K . -54.84 3.78 7.38
O1B ANP K . -54.87 3.96 8.87
O2B ANP K . -55.56 4.99 6.71
N3B ANP K . -53.25 3.71 6.86
PA ANP K . -55.99 1.40 8.11
O1A ANP K . -55.41 0.08 7.81
O2A ANP K . -55.54 1.97 9.45
O3A ANP K . -55.59 2.47 6.99
O5' ANP K . -57.56 1.28 8.01
C5' ANP K . -58.22 1.22 6.73
C4' ANP K . -59.17 2.39 6.62
O4' ANP K . -60.41 2.09 7.30
C3' ANP K . -58.69 3.69 7.25
O3' ANP K . -57.88 4.43 6.35
C2' ANP K . -59.99 4.41 7.58
O2' ANP K . -60.50 5.12 6.45
C1' ANP K . -60.93 3.24 7.93
N9 ANP K . -61.03 2.98 9.36
C8 ANP K . -60.31 2.06 10.09
N7 ANP K . -60.60 2.02 11.36
C5 ANP K . -61.58 3.01 11.49
C6 ANP K . -62.31 3.48 12.59
N6 ANP K . -62.17 3.00 13.84
N1 ANP K . -63.22 4.46 12.39
C2 ANP K . -63.37 4.94 11.15
N3 ANP K . -62.74 4.58 10.02
C4 ANP K . -61.85 3.60 10.27
MG MG L . -54.23 3.50 10.80
K K M . -57.79 -1.24 4.48
PG ANP N . -39.24 -13.05 -4.04
O1G ANP N . -38.21 -13.50 -3.04
O2G ANP N . -40.14 -11.94 -3.39
O3G ANP N . -38.51 -12.48 -5.32
PB ANP N . -39.96 -14.77 -6.09
O1B ANP N . -38.60 -14.34 -6.51
O2B ANP N . -40.09 -16.31 -6.27
N3B ANP N . -40.20 -14.38 -4.47
PA ANP N . -40.64 -12.88 -7.93
O1A ANP N . -41.41 -11.65 -7.64
O2A ANP N . -39.13 -12.70 -7.83
O3A ANP N . -41.04 -14.06 -6.96
O5' ANP N . -41.06 -13.38 -9.37
C5' ANP N . -42.36 -13.96 -9.61
C4' ANP N . -42.18 -15.34 -10.18
O4' ANP N . -41.84 -15.25 -11.58
C3' ANP N . -41.05 -16.16 -9.56
O3' ANP N . -41.51 -16.86 -8.41
C2' ANP N . -40.68 -17.12 -10.69
O2' ANP N . -41.54 -18.27 -10.72
C1' ANP N . -40.91 -16.25 -11.94
N9 ANP N . -39.70 -15.61 -12.44
C8 ANP N . -39.18 -14.42 -12.02
N7 ANP N . -38.07 -14.08 -12.65
C5 ANP N . -37.87 -15.12 -13.54
C6 ANP N . -36.88 -15.36 -14.51
N6 ANP N . -35.85 -14.53 -14.74
N1 ANP N . -36.97 -16.49 -15.23
C2 ANP N . -37.99 -17.32 -15.01
N3 ANP N . -38.99 -17.20 -14.13
C4 ANP N . -38.87 -16.06 -13.43
MG MG O . -36.79 -13.33 -6.16
K K P . -45.03 -11.68 -8.83
#